data_5V4E
#
_entry.id   5V4E
#
_cell.length_a   93.615
_cell.length_b   141.020
_cell.length_c   98.866
_cell.angle_alpha   90.00
_cell.angle_beta   117.33
_cell.angle_gamma   90.00
#
_symmetry.space_group_name_H-M   'P 1 21 1'
#
loop_
_entity.id
_entity.type
_entity.pdbx_description
1 polymer 'Ig gamma-1 chain C region'
2 branched 2-acetamido-2-deoxy-beta-D-glucopyranose-(1-2)-alpha-D-mannopyranose-(1-3)-[2-acetamido-2-deoxy-beta-D-glucopyranose-(1-2)-alpha-D-mannopyranose-(1-6)]beta-D-mannopyranose-(1-4)-2-acetamido-2-deoxy-beta-D-glucopyranose-(1-4)-[alpha-L-fucopyranose-(1-6)]2-acetamido-2-deoxy-beta-D-glucopyranose
3 branched 2-acetamido-2-deoxy-beta-D-glucopyranose-(1-2)-alpha-D-mannopyranose-(1-3)-beta-D-mannopyranose
4 branched 2-acetamido-2-deoxy-beta-D-glucopyranose-(1-2)-alpha-D-mannopyranose-(1-6)-beta-D-mannopyranose
5 branched 2-acetamido-2-deoxy-beta-D-glucopyranose-(1-2)-alpha-D-mannopyranose-(1-6)-[alpha-D-mannopyranose-(1-3)]beta-D-mannopyranose-(1-4)-2-acetamido-2-deoxy-beta-D-glucopyranose-(1-4)-[alpha-L-fucopyranose-(1-6)]2-acetamido-2-deoxy-beta-D-glucopyranose
6 branched 2-acetamido-2-deoxy-beta-D-glucopyranose-(1-2)-alpha-D-mannopyranose-(1-2)-[2-acetamido-2-deoxy-beta-D-glucopyranose-(1-2)-alpha-D-mannopyranose-(1-6)]beta-D-mannopyranose-(1-4)-2-acetamido-2-deoxy-beta-D-glucopyranose-(1-4)-[alpha-L-fucopyranose-(1-6)]2-acetamido-2-deoxy-beta-D-glucopyranose
7 non-polymer 'POTASSIUM ION'
8 non-polymer alpha-D-mannopyranose
9 non-polymer 2-acetamido-2-deoxy-beta-D-glucopyranose
10 water water
#
_entity_poly.entity_id   1
_entity_poly.type   'polypeptide(L)'
_entity_poly.pdbx_seq_one_letter_code
;DKTHTCPPCPAPELLGGPSVFLFPPKPKDTLMISRTPEVTCVVVDVSHEDPEVKFNWYVDGVEVHNAKTKPREEQYNSTY
RVVSVLTVLHQDWLNGKEYECKVSNKALPAPIEKTISKAKGQPREPQVYTLPPSRDELTKNQVSLTCLVKGFYPSDIAVE
WESNGRPENNYKTTPPVLDSDGSFFLYSKLTVDKSRWQQGNVFSCSVMHEALHNHYTQKSLSLSPG
;
_entity_poly.pdbx_strand_id   A,B,C,D,E,F,G,H
#
# COMPACT_ATOMS: atom_id res chain seq x y z
N PRO A 7 36.18 -47.23 -14.45
CA PRO A 7 35.15 -46.29 -14.91
C PRO A 7 35.12 -45.00 -14.09
N PRO A 8 36.14 -44.16 -14.24
CA PRO A 8 36.22 -42.94 -13.43
C PRO A 8 35.23 -41.88 -13.89
N CYS A 9 34.50 -41.30 -12.93
CA CYS A 9 33.57 -40.22 -13.24
C CYS A 9 34.32 -39.00 -13.78
N PRO A 10 33.64 -38.14 -14.54
CA PRO A 10 34.33 -37.00 -15.16
C PRO A 10 34.68 -35.90 -14.18
N ALA A 11 35.15 -34.77 -14.71
CA ALA A 11 35.57 -33.65 -13.89
C ALA A 11 34.37 -33.05 -13.15
N PRO A 12 34.62 -32.37 -12.03
CA PRO A 12 33.51 -31.71 -11.32
C PRO A 12 32.85 -30.65 -12.18
N GLU A 13 31.55 -30.44 -11.93
CA GLU A 13 30.77 -29.53 -12.75
C GLU A 13 31.21 -28.08 -12.56
N LEU A 14 31.22 -27.61 -11.31
CA LEU A 14 31.60 -26.24 -10.98
C LEU A 14 30.74 -25.23 -11.74
N LEU A 15 29.45 -25.51 -11.86
CA LEU A 15 28.52 -24.63 -12.55
C LEU A 15 28.11 -23.52 -11.61
N GLY A 16 28.71 -22.34 -11.79
CA GLY A 16 28.40 -21.20 -10.95
C GLY A 16 29.42 -20.09 -11.07
N GLY A 17 29.83 -19.53 -9.94
CA GLY A 17 30.84 -18.49 -9.93
C GLY A 17 31.63 -18.49 -8.65
N PRO A 18 32.82 -17.89 -8.67
CA PRO A 18 33.64 -17.82 -7.45
C PRO A 18 32.99 -16.90 -6.42
N SER A 19 32.88 -17.39 -5.20
CA SER A 19 32.32 -16.61 -4.10
C SER A 19 33.43 -15.92 -3.32
N VAL A 20 33.14 -14.72 -2.82
CA VAL A 20 34.10 -13.90 -2.10
C VAL A 20 33.55 -13.60 -0.72
N PHE A 21 34.42 -13.64 0.29
CA PHE A 21 34.06 -13.35 1.67
C PHE A 21 35.12 -12.47 2.29
N LEU A 22 34.71 -11.30 2.77
CA LEU A 22 35.60 -10.37 3.45
C LEU A 22 35.61 -10.64 4.95
N PHE A 23 36.76 -10.41 5.57
CA PHE A 23 36.95 -10.71 6.98
C PHE A 23 37.63 -9.56 7.70
N PRO A 24 37.17 -9.22 8.90
CA PRO A 24 37.81 -8.15 9.66
C PRO A 24 39.03 -8.66 10.41
N PRO A 25 39.93 -7.79 10.83
CA PRO A 25 41.08 -8.23 11.62
C PRO A 25 40.67 -8.73 12.99
N LYS A 26 41.56 -9.53 13.58
CA LYS A 26 41.29 -10.08 14.90
C LYS A 26 41.22 -8.96 15.93
N PRO A 27 40.27 -8.99 16.86
CA PRO A 27 40.16 -7.91 17.84
C PRO A 27 41.41 -7.73 18.68
N LYS A 28 42.15 -8.81 18.94
CA LYS A 28 43.39 -8.68 19.70
C LYS A 28 44.43 -7.90 18.90
N ASP A 29 44.56 -8.20 17.60
CA ASP A 29 45.57 -7.51 16.80
C ASP A 29 45.28 -6.03 16.68
N THR A 30 44.00 -5.64 16.69
CA THR A 30 43.63 -4.25 16.52
C THR A 30 43.87 -3.42 17.78
N LEU A 31 44.04 -4.07 18.94
CA LEU A 31 44.13 -3.35 20.20
C LEU A 31 45.50 -3.44 20.87
N MET A 32 46.33 -4.41 20.51
CA MET A 32 47.65 -4.59 21.11
C MET A 32 48.73 -4.18 20.11
N ILE A 33 49.70 -3.40 20.59
CA ILE A 33 50.79 -2.93 19.73
C ILE A 33 51.83 -3.99 19.41
N SER A 34 51.65 -5.21 19.91
CA SER A 34 52.59 -6.29 19.64
C SER A 34 52.19 -7.15 18.45
N ARG A 35 51.04 -6.90 17.83
CA ARG A 35 50.54 -7.74 16.74
C ARG A 35 50.12 -6.86 15.57
N THR A 36 50.11 -7.46 14.38
CA THR A 36 49.79 -6.75 13.15
C THR A 36 48.38 -7.11 12.68
N PRO A 37 47.46 -6.15 12.61
CA PRO A 37 46.10 -6.46 12.16
C PRO A 37 45.99 -6.43 10.65
N GLU A 38 45.23 -7.39 10.10
CA GLU A 38 45.07 -7.55 8.66
C GLU A 38 43.59 -7.72 8.31
N VAL A 39 43.18 -7.07 7.22
CA VAL A 39 41.87 -7.30 6.62
C VAL A 39 42.05 -8.31 5.51
N THR A 40 41.33 -9.43 5.59
CA THR A 40 41.53 -10.55 4.69
C THR A 40 40.39 -10.65 3.68
N CYS A 41 40.74 -10.80 2.41
CA CYS A 41 39.78 -10.94 1.32
C CYS A 41 39.98 -12.32 0.70
N VAL A 42 39.03 -13.22 0.94
CA VAL A 42 39.13 -14.61 0.51
C VAL A 42 38.20 -14.81 -0.67
N VAL A 43 38.70 -15.47 -1.71
CA VAL A 43 37.93 -15.82 -2.89
C VAL A 43 37.93 -17.33 -3.01
N VAL A 44 36.76 -17.95 -2.91
CA VAL A 44 36.62 -19.39 -2.97
C VAL A 44 35.97 -19.75 -4.30
N ASP A 45 35.93 -21.06 -4.58
CA ASP A 45 35.35 -21.60 -5.81
C ASP A 45 35.99 -20.99 -7.05
N VAL A 46 37.32 -20.89 -7.05
CA VAL A 46 38.06 -20.39 -8.19
C VAL A 46 38.17 -21.49 -9.25
N SER A 47 37.56 -21.25 -10.41
CA SER A 47 37.57 -22.24 -11.48
C SER A 47 39.00 -22.51 -11.97
N HIS A 48 39.35 -23.79 -12.06
CA HIS A 48 40.69 -24.16 -12.49
C HIS A 48 40.98 -23.78 -13.93
N GLU A 49 39.94 -23.63 -14.77
CA GLU A 49 40.15 -23.21 -16.14
C GLU A 49 40.59 -21.75 -16.22
N ASP A 50 40.09 -20.91 -15.30
CA ASP A 50 40.48 -19.50 -15.23
C ASP A 50 40.88 -19.19 -13.79
N PRO A 51 42.15 -19.39 -13.44
CA PRO A 51 42.58 -19.20 -12.05
C PRO A 51 43.10 -17.80 -11.70
N GLU A 52 43.35 -16.94 -12.68
CA GLU A 52 43.88 -15.62 -12.38
C GLU A 52 42.82 -14.75 -11.70
N VAL A 53 43.21 -14.11 -10.60
CA VAL A 53 42.34 -13.21 -9.84
C VAL A 53 43.02 -11.87 -9.70
N LYS A 54 42.25 -10.79 -9.76
CA LYS A 54 42.76 -9.43 -9.64
C LYS A 54 42.11 -8.75 -8.46
N PHE A 55 42.93 -8.15 -7.60
CA PHE A 55 42.47 -7.49 -6.39
C PHE A 55 42.70 -5.99 -6.48
N ASN A 56 41.63 -5.23 -6.25
CA ASN A 56 41.70 -3.77 -6.14
C ASN A 56 41.23 -3.39 -4.74
N TRP A 57 42.12 -2.77 -3.97
CA TRP A 57 41.83 -2.41 -2.59
C TRP A 57 41.48 -0.93 -2.49
N TYR A 58 40.33 -0.64 -1.87
CA TYR A 58 39.83 0.72 -1.70
C TYR A 58 39.62 0.98 -0.21
N VAL A 59 40.30 1.99 0.32
CA VAL A 59 40.17 2.39 1.71
C VAL A 59 39.28 3.63 1.74
N ASP A 60 37.99 3.41 2.04
CA ASP A 60 37.01 4.49 2.12
C ASP A 60 36.90 5.26 0.81
N GLY A 61 37.21 4.61 -0.31
CA GLY A 61 37.10 5.25 -1.60
C GLY A 61 38.42 5.40 -2.33
N VAL A 62 39.47 5.77 -1.61
CA VAL A 62 40.79 5.91 -2.20
C VAL A 62 41.42 4.54 -2.36
N GLU A 63 41.97 4.27 -3.54
CA GLU A 63 42.57 2.98 -3.80
C GLU A 63 43.88 2.81 -3.03
N VAL A 64 44.12 1.59 -2.55
CA VAL A 64 45.34 1.24 -1.83
C VAL A 64 46.08 0.19 -2.64
N HIS A 65 47.41 0.25 -2.60
CA HIS A 65 48.26 -0.63 -3.37
C HIS A 65 49.38 -1.22 -2.52
N ASN A 66 49.07 -1.56 -1.27
CA ASN A 66 50.04 -2.11 -0.34
C ASN A 66 49.60 -3.48 0.20
N ALA A 67 48.96 -4.28 -0.64
CA ALA A 67 48.47 -5.58 -0.23
C ALA A 67 49.40 -6.70 -0.70
N LYS A 68 49.24 -7.86 -0.06
CA LYS A 68 49.97 -9.07 -0.41
C LYS A 68 48.97 -10.20 -0.64
N THR A 69 49.23 -11.01 -1.66
CA THR A 69 48.34 -12.12 -2.04
C THR A 69 49.01 -13.44 -1.73
N LYS A 70 48.40 -14.22 -0.82
CA LYS A 70 48.91 -15.53 -0.44
C LYS A 70 48.81 -16.51 -1.60
N PRO A 71 49.62 -17.56 -1.61
CA PRO A 71 49.56 -18.50 -2.75
C PRO A 71 48.24 -19.25 -2.82
N ARG A 72 47.93 -19.70 -4.02
CA ARG A 72 46.72 -20.49 -4.26
C ARG A 72 46.74 -21.80 -3.49
N GLU A 73 45.54 -22.25 -3.09
CA GLU A 73 45.40 -23.50 -2.36
C GLU A 73 44.28 -24.29 -3.02
N GLU A 74 44.63 -25.43 -3.59
CA GLU A 74 43.63 -26.31 -4.18
C GLU A 74 42.99 -27.15 -3.09
N GLN A 75 41.66 -27.15 -3.05
CA GLN A 75 40.92 -27.81 -2.00
C GLN A 75 40.59 -29.25 -2.39
N TYR A 76 40.01 -29.99 -1.44
CA TYR A 76 39.68 -31.38 -1.70
C TYR A 76 38.65 -31.52 -2.80
N ASN A 77 37.76 -30.54 -2.96
CA ASN A 77 36.80 -30.54 -4.05
C ASN A 77 37.39 -30.03 -5.35
N SER A 78 38.72 -30.07 -5.49
CA SER A 78 39.40 -29.83 -6.75
C SER A 78 39.15 -28.41 -7.26
N THR A 79 39.07 -27.45 -6.33
CA THR A 79 38.94 -26.05 -6.67
C THR A 79 40.01 -25.25 -5.94
N TYR A 80 40.27 -24.05 -6.44
CA TYR A 80 41.30 -23.20 -5.87
C TYR A 80 40.73 -22.28 -4.79
N ARG A 81 41.63 -21.60 -4.10
CA ARG A 81 41.28 -20.65 -3.05
C ARG A 81 42.38 -19.58 -3.04
N VAL A 82 42.03 -18.37 -3.47
CA VAL A 82 42.98 -17.28 -3.57
C VAL A 82 42.67 -16.27 -2.46
N VAL A 83 43.68 -15.95 -1.66
CA VAL A 83 43.53 -15.06 -0.52
C VAL A 83 44.47 -13.87 -0.71
N SER A 84 43.95 -12.67 -0.50
CA SER A 84 44.74 -11.45 -0.52
C SER A 84 44.57 -10.74 0.81
N VAL A 85 45.69 -10.28 1.39
CA VAL A 85 45.72 -9.70 2.72
C VAL A 85 46.19 -8.26 2.62
N LEU A 86 45.50 -7.37 3.35
CA LEU A 86 45.85 -5.96 3.42
C LEU A 86 46.15 -5.59 4.86
N THR A 87 47.40 -5.17 5.12
CA THR A 87 47.80 -4.71 6.45
C THR A 87 47.24 -3.32 6.72
N VAL A 88 46.66 -3.14 7.91
CA VAL A 88 46.02 -1.88 8.28
C VAL A 88 46.73 -1.30 9.49
N LEU A 89 46.63 0.01 9.63
CA LEU A 89 47.16 0.72 10.79
C LEU A 89 46.15 0.67 11.93
N HIS A 90 46.65 0.56 13.16
CA HIS A 90 45.76 0.47 14.31
C HIS A 90 44.83 1.67 14.40
N GLN A 91 45.36 2.87 14.13
CA GLN A 91 44.55 4.08 14.22
C GLN A 91 43.45 4.09 13.16
N ASP A 92 43.76 3.66 11.94
CA ASP A 92 42.80 3.76 10.85
C ASP A 92 41.59 2.85 11.08
N TRP A 93 41.81 1.62 11.55
CA TRP A 93 40.70 0.70 11.75
C TRP A 93 39.83 1.13 12.91
N LEU A 94 40.44 1.58 14.02
CA LEU A 94 39.68 1.93 15.21
C LEU A 94 38.81 3.16 15.02
N ASN A 95 39.13 4.01 14.04
CA ASN A 95 38.33 5.20 13.76
C ASN A 95 37.14 4.92 12.85
N GLY A 96 37.00 3.70 12.35
CA GLY A 96 35.86 3.35 11.52
C GLY A 96 36.10 3.45 10.04
N LYS A 97 37.34 3.46 9.58
CA LYS A 97 37.63 3.54 8.15
C LYS A 97 37.09 2.30 7.43
N GLU A 98 36.50 2.52 6.26
CA GLU A 98 35.95 1.42 5.48
C GLU A 98 37.02 0.85 4.57
N TYR A 99 36.97 -0.47 4.39
CA TYR A 99 37.91 -1.19 3.53
C TYR A 99 37.12 -1.98 2.51
N GLU A 100 37.40 -1.76 1.22
CA GLU A 100 36.69 -2.40 0.13
C GLU A 100 37.64 -3.27 -0.66
N CYS A 101 37.21 -4.50 -0.93
CA CYS A 101 37.95 -5.43 -1.76
C CYS A 101 37.21 -5.60 -3.08
N LYS A 102 37.92 -5.40 -4.19
CA LYS A 102 37.35 -5.53 -5.53
C LYS A 102 38.08 -6.67 -6.25
N VAL A 103 37.37 -7.77 -6.46
CA VAL A 103 37.93 -8.95 -7.11
C VAL A 103 37.43 -9.02 -8.55
N SER A 104 38.31 -9.36 -9.47
CA SER A 104 37.98 -9.48 -10.89
C SER A 104 38.51 -10.80 -11.41
N ASN A 105 37.64 -11.59 -12.04
CA ASN A 105 38.00 -12.89 -12.57
C ASN A 105 37.23 -13.13 -13.87
N LYS A 106 37.84 -13.92 -14.76
CA LYS A 106 37.21 -14.22 -16.04
C LYS A 106 35.94 -15.04 -15.86
N ALA A 107 35.83 -15.81 -14.78
CA ALA A 107 34.63 -16.59 -14.52
C ALA A 107 33.53 -15.81 -13.83
N LEU A 108 33.72 -14.51 -13.61
CA LEU A 108 32.69 -13.68 -13.01
C LEU A 108 32.14 -12.69 -14.03
N PRO A 109 30.83 -12.61 -14.20
CA PRO A 109 30.28 -11.66 -15.19
C PRO A 109 30.61 -10.21 -14.83
N ALA A 110 30.30 -9.79 -13.61
CA ALA A 110 30.66 -8.48 -13.12
C ALA A 110 31.54 -8.62 -11.88
N PRO A 111 32.48 -7.68 -11.68
CA PRO A 111 33.35 -7.75 -10.50
C PRO A 111 32.57 -7.74 -9.20
N ILE A 112 32.97 -8.61 -8.28
CA ILE A 112 32.36 -8.71 -6.96
C ILE A 112 33.07 -7.75 -6.01
N GLU A 113 32.30 -7.00 -5.23
CA GLU A 113 32.86 -5.99 -4.32
C GLU A 113 32.28 -6.21 -2.92
N LYS A 114 33.17 -6.25 -1.93
CA LYS A 114 32.77 -6.37 -0.53
C LYS A 114 33.41 -5.26 0.28
N THR A 115 32.78 -4.92 1.40
CA THR A 115 33.26 -3.84 2.27
C THR A 115 33.05 -4.23 3.73
N ILE A 116 34.09 -4.03 4.54
CA ILE A 116 34.03 -4.32 5.97
C ILE A 116 34.55 -3.10 6.73
N SER A 117 34.03 -2.90 7.93
CA SER A 117 34.43 -1.77 8.76
C SER A 117 34.10 -2.06 10.21
N LYS A 118 34.65 -1.23 11.10
CA LYS A 118 34.37 -1.32 12.52
C LYS A 118 32.91 -0.97 12.83
N ALA A 119 32.41 -1.51 13.94
CA ALA A 119 31.05 -1.20 14.38
C ALA A 119 30.95 0.29 14.73
N LYS A 120 29.93 0.94 14.20
CA LYS A 120 29.81 2.40 14.22
C LYS A 120 29.15 2.98 15.47
N GLY A 121 28.72 2.18 16.42
CA GLY A 121 28.00 2.72 17.58
C GLY A 121 28.90 3.48 18.53
N GLN A 122 28.25 4.25 19.42
CA GLN A 122 28.95 5.06 20.40
C GLN A 122 29.57 4.12 21.43
N PRO A 123 30.90 4.12 21.60
CA PRO A 123 31.54 3.11 22.46
C PRO A 123 31.07 3.16 23.91
N ARG A 124 31.11 1.99 24.55
CA ARG A 124 30.80 1.79 25.96
C ARG A 124 31.97 1.09 26.63
N GLU A 125 32.31 1.51 27.85
CA GLU A 125 33.45 0.94 28.57
C GLU A 125 33.03 -0.30 29.33
N PRO A 126 33.74 -1.42 29.18
CA PRO A 126 33.37 -2.64 29.89
C PRO A 126 33.67 -2.55 31.38
N GLN A 127 32.80 -3.16 32.18
CA GLN A 127 33.03 -3.35 33.61
C GLN A 127 33.45 -4.80 33.84
N VAL A 128 34.60 -4.99 34.48
CA VAL A 128 35.18 -6.31 34.67
C VAL A 128 35.11 -6.69 36.14
N TYR A 129 34.55 -7.87 36.42
CA TYR A 129 34.45 -8.39 37.77
C TYR A 129 34.86 -9.86 37.77
N THR A 130 35.70 -10.25 38.73
CA THR A 130 36.07 -11.64 38.91
C THR A 130 35.23 -12.25 40.01
N LEU A 131 34.91 -13.53 39.85
CA LEU A 131 34.04 -14.23 40.79
C LEU A 131 34.71 -15.51 41.26
N PRO A 132 34.82 -15.72 42.57
CA PRO A 132 35.46 -16.95 43.08
C PRO A 132 34.54 -18.14 42.92
N PRO A 133 35.05 -19.37 43.05
CA PRO A 133 34.20 -20.55 42.92
C PRO A 133 33.09 -20.55 43.97
N SER A 134 31.97 -21.18 43.62
CA SER A 134 30.85 -21.25 44.54
C SER A 134 31.22 -22.10 45.76
N ARG A 135 30.51 -21.84 46.87
CA ARG A 135 30.76 -22.58 48.09
C ARG A 135 30.56 -24.08 47.90
N ASP A 136 29.66 -24.47 47.01
CA ASP A 136 29.40 -25.88 46.75
C ASP A 136 30.46 -26.53 45.86
N GLU A 137 31.20 -25.76 45.07
CA GLU A 137 32.12 -26.33 44.09
C GLU A 137 33.46 -26.77 44.67
N LEU A 138 33.83 -26.36 45.89
CA LEU A 138 35.12 -26.76 46.43
C LEU A 138 35.22 -28.26 46.71
N THR A 139 34.11 -29.00 46.63
CA THR A 139 34.16 -30.44 46.83
C THR A 139 34.90 -31.12 45.69
N LYS A 140 34.74 -30.64 44.47
CA LYS A 140 35.38 -31.24 43.31
C LYS A 140 36.89 -30.95 43.31
N ASN A 141 37.61 -31.70 42.48
CA ASN A 141 39.05 -31.52 42.38
C ASN A 141 39.42 -30.32 41.52
N GLN A 142 38.51 -29.85 40.67
CA GLN A 142 38.70 -28.66 39.86
C GLN A 142 37.62 -27.65 40.18
N VAL A 143 38.03 -26.39 40.35
CA VAL A 143 37.10 -25.30 40.64
C VAL A 143 37.05 -24.37 39.44
N SER A 144 35.95 -23.62 39.35
CA SER A 144 35.70 -22.73 38.23
C SER A 144 35.92 -21.28 38.64
N LEU A 145 36.83 -20.60 37.95
CA LEU A 145 37.09 -19.18 38.15
C LEU A 145 36.33 -18.39 37.08
N THR A 146 35.43 -17.52 37.52
CA THR A 146 34.50 -16.82 36.63
C THR A 146 34.87 -15.34 36.52
N CYS A 147 34.81 -14.83 35.29
CA CYS A 147 35.08 -13.42 35.01
C CYS A 147 33.89 -12.83 34.27
N LEU A 148 33.25 -11.83 34.87
CA LEU A 148 32.11 -11.16 34.27
C LEU A 148 32.56 -9.87 33.60
N VAL A 149 32.21 -9.70 32.33
CA VAL A 149 32.53 -8.51 31.54
C VAL A 149 31.22 -7.99 30.97
N LYS A 150 30.73 -6.87 31.51
CA LYS A 150 29.41 -6.36 31.15
C LYS A 150 29.46 -4.90 30.73
N GLY A 151 28.41 -4.49 30.02
CA GLY A 151 28.16 -3.10 29.68
C GLY A 151 29.11 -2.46 28.68
N PHE A 152 29.50 -3.19 27.64
CA PHE A 152 30.44 -2.68 26.65
C PHE A 152 29.85 -2.75 25.26
N TYR A 153 30.23 -1.78 24.43
CA TYR A 153 29.87 -1.75 23.02
C TYR A 153 31.02 -1.09 22.27
N PRO A 154 31.42 -1.66 21.13
CA PRO A 154 30.85 -2.81 20.43
C PRO A 154 31.25 -4.17 20.99
N SER A 155 30.81 -5.23 20.31
CA SER A 155 31.02 -6.60 20.79
C SER A 155 32.46 -7.08 20.60
N ASP A 156 33.20 -6.52 19.64
CA ASP A 156 34.57 -6.96 19.39
C ASP A 156 35.41 -6.83 20.65
N ILE A 157 35.93 -7.95 21.14
CA ILE A 157 36.61 -7.99 22.44
C ILE A 157 37.52 -9.20 22.48
N ALA A 158 38.45 -9.20 23.43
CA ALA A 158 39.39 -10.30 23.63
C ALA A 158 39.59 -10.52 25.12
N VAL A 159 39.49 -11.76 25.55
CA VAL A 159 39.58 -12.13 26.97
C VAL A 159 40.62 -13.23 27.12
N GLU A 160 41.47 -13.10 28.14
CA GLU A 160 42.50 -14.08 28.44
C GLU A 160 42.59 -14.26 29.95
N TRP A 161 43.36 -15.27 30.36
CA TRP A 161 43.66 -15.52 31.76
C TRP A 161 45.16 -15.62 31.93
N GLU A 162 45.62 -15.37 33.15
CA GLU A 162 47.04 -15.33 33.44
C GLU A 162 47.27 -15.58 34.92
N SER A 163 48.37 -16.24 35.24
CA SER A 163 48.73 -16.52 36.62
C SER A 163 50.24 -16.48 36.76
N ASN A 164 50.71 -15.73 37.76
CA ASN A 164 52.15 -15.58 38.03
C ASN A 164 52.90 -15.12 36.78
N GLY A 165 52.31 -14.16 36.07
CA GLY A 165 52.94 -13.61 34.89
C GLY A 165 52.92 -14.51 33.68
N ARG A 166 52.42 -15.74 33.80
CA ARG A 166 52.34 -16.67 32.69
C ARG A 166 50.89 -16.92 32.29
N PRO A 167 50.61 -17.08 31.00
CA PRO A 167 49.21 -17.25 30.58
C PRO A 167 48.63 -18.58 31.04
N GLU A 168 47.31 -18.57 31.20
CA GLU A 168 46.55 -19.78 31.51
C GLU A 168 45.71 -20.13 30.28
N ASN A 169 45.89 -21.35 29.77
CA ASN A 169 45.28 -21.74 28.51
C ASN A 169 43.89 -22.37 28.66
N ASN A 170 43.69 -23.15 29.72
CA ASN A 170 42.46 -23.94 29.88
C ASN A 170 41.33 -23.05 30.38
N TYR A 171 40.78 -22.25 29.47
CA TYR A 171 39.63 -21.41 29.76
C TYR A 171 38.70 -21.38 28.56
N LYS A 172 37.44 -21.06 28.83
CA LYS A 172 36.43 -20.93 27.78
C LYS A 172 35.61 -19.68 28.03
N THR A 173 35.29 -18.97 26.95
CA THR A 173 34.56 -17.71 27.02
C THR A 173 33.29 -17.80 26.20
N THR A 174 32.16 -17.39 26.79
CA THR A 174 30.92 -17.36 26.05
C THR A 174 30.97 -16.23 25.01
N PRO A 175 30.23 -16.38 23.91
CA PRO A 175 30.16 -15.30 22.92
C PRO A 175 29.46 -14.08 23.51
N PRO A 176 29.64 -12.91 22.91
CA PRO A 176 28.95 -11.72 23.41
C PRO A 176 27.44 -11.90 23.34
N VAL A 177 26.75 -11.45 24.40
CA VAL A 177 25.31 -11.58 24.52
C VAL A 177 24.71 -10.20 24.64
N LEU A 178 23.77 -9.87 23.76
CA LEU A 178 23.12 -8.56 23.80
C LEU A 178 22.31 -8.41 25.08
N ASP A 179 22.67 -7.43 25.89
CA ASP A 179 21.99 -7.20 27.16
C ASP A 179 20.81 -6.26 26.94
N SER A 180 20.15 -5.84 28.02
CA SER A 180 18.92 -5.08 27.89
C SER A 180 19.17 -3.63 27.45
N ASP A 181 20.35 -3.08 27.77
CA ASP A 181 20.64 -1.68 27.52
C ASP A 181 21.37 -1.46 26.20
N GLY A 182 21.27 -2.41 25.26
CA GLY A 182 21.95 -2.28 23.99
C GLY A 182 23.43 -2.58 24.04
N SER A 183 23.98 -2.80 25.23
CA SER A 183 25.38 -3.17 25.41
C SER A 183 25.52 -4.69 25.30
N PHE A 184 26.72 -5.18 25.56
CA PHE A 184 27.00 -6.61 25.55
C PHE A 184 27.59 -7.04 26.88
N PHE A 185 27.51 -8.34 27.14
CA PHE A 185 28.16 -8.93 28.29
C PHE A 185 28.58 -10.35 27.92
N LEU A 186 29.50 -10.91 28.71
CA LEU A 186 29.94 -12.28 28.50
C LEU A 186 30.57 -12.78 29.78
N TYR A 187 30.95 -14.05 29.77
CA TYR A 187 31.66 -14.69 30.87
C TYR A 187 32.83 -15.50 30.32
N SER A 188 33.86 -15.62 31.13
CA SER A 188 35.01 -16.47 30.81
C SER A 188 35.27 -17.38 32.00
N LYS A 189 35.27 -18.69 31.76
CA LYS A 189 35.43 -19.69 32.80
C LYS A 189 36.83 -20.29 32.71
N LEU A 190 37.62 -20.13 33.77
CA LEU A 190 38.95 -20.73 33.87
C LEU A 190 38.87 -21.89 34.85
N THR A 191 39.24 -23.08 34.40
CA THR A 191 39.20 -24.29 35.22
C THR A 191 40.60 -24.59 35.74
N VAL A 192 40.74 -24.63 37.07
CA VAL A 192 42.02 -24.91 37.72
C VAL A 192 41.80 -25.94 38.82
N ASP A 193 42.88 -26.61 39.19
CA ASP A 193 42.83 -27.60 40.26
C ASP A 193 42.57 -26.92 41.60
N LYS A 194 41.69 -27.51 42.41
CA LYS A 194 41.37 -26.94 43.72
C LYS A 194 42.60 -26.80 44.60
N SER A 195 43.62 -27.64 44.36
CA SER A 195 44.86 -27.50 45.11
C SER A 195 45.56 -26.18 44.79
N ARG A 196 45.56 -25.79 43.51
CA ARG A 196 46.18 -24.52 43.13
C ARG A 196 45.39 -23.34 43.69
N TRP A 197 44.07 -23.46 43.72
CA TRP A 197 43.25 -22.39 44.27
C TRP A 197 43.40 -22.30 45.78
N GLN A 198 43.56 -23.45 46.45
CA GLN A 198 43.74 -23.45 47.89
C GLN A 198 45.13 -23.01 48.30
N GLN A 199 46.13 -23.24 47.45
CA GLN A 199 47.51 -22.85 47.75
C GLN A 199 47.73 -21.34 47.70
N GLY A 200 46.73 -20.56 47.34
CA GLY A 200 46.83 -19.12 47.35
C GLY A 200 47.40 -18.48 46.09
N ASN A 201 47.41 -19.20 44.98
CA ASN A 201 47.90 -18.63 43.73
C ASN A 201 46.95 -17.54 43.23
N VAL A 202 47.50 -16.55 42.53
CA VAL A 202 46.74 -15.41 42.03
C VAL A 202 46.53 -15.58 40.53
N PHE A 203 45.27 -15.62 40.11
CA PHE A 203 44.89 -15.69 38.71
C PHE A 203 44.29 -14.36 38.29
N SER A 204 44.44 -14.01 37.02
CA SER A 204 44.02 -12.71 36.52
C SER A 204 43.22 -12.85 35.23
N CYS A 205 42.12 -12.10 35.16
CA CYS A 205 41.30 -12.01 33.96
C CYS A 205 41.64 -10.71 33.24
N SER A 206 42.20 -10.82 32.04
CA SER A 206 42.64 -9.67 31.25
C SER A 206 41.69 -9.46 30.08
N VAL A 207 41.13 -8.26 29.98
CA VAL A 207 40.12 -7.92 28.98
C VAL A 207 40.68 -6.82 28.09
N MET A 208 40.52 -6.99 26.77
CA MET A 208 41.03 -6.05 25.78
C MET A 208 39.87 -5.50 24.96
N HIS A 209 39.59 -4.21 25.10
CA HIS A 209 38.48 -3.58 24.43
C HIS A 209 38.86 -2.15 24.03
N GLU A 210 38.28 -1.68 22.92
CA GLU A 210 38.65 -0.37 22.40
C GLU A 210 38.24 0.76 23.34
N ALA A 211 37.20 0.56 24.15
CA ALA A 211 36.72 1.61 25.04
C ALA A 211 37.40 1.61 26.40
N LEU A 212 38.39 0.73 26.60
CA LEU A 212 39.15 0.70 27.83
C LEU A 212 40.34 1.63 27.73
N HIS A 213 40.83 2.07 28.89
CA HIS A 213 42.04 2.89 28.92
C HIS A 213 43.23 2.04 28.48
N ASN A 214 43.94 2.52 27.46
CA ASN A 214 45.04 1.79 26.82
C ASN A 214 44.58 0.46 26.24
N HIS A 215 43.27 0.32 26.01
CA HIS A 215 42.68 -0.87 25.39
C HIS A 215 43.02 -2.14 26.16
N TYR A 216 43.11 -2.06 27.48
CA TYR A 216 43.54 -3.20 28.27
C TYR A 216 43.15 -2.97 29.73
N THR A 217 42.77 -4.06 30.39
CA THR A 217 42.47 -4.01 31.82
C THR A 217 42.60 -5.41 32.39
N GLN A 218 42.86 -5.47 33.69
CA GLN A 218 43.03 -6.73 34.41
C GLN A 218 42.32 -6.67 35.74
N LYS A 219 41.86 -7.83 36.19
CA LYS A 219 41.27 -7.99 37.51
C LYS A 219 41.74 -9.32 38.06
N SER A 220 42.26 -9.31 39.27
CA SER A 220 42.87 -10.48 39.86
C SER A 220 41.90 -11.20 40.79
N LEU A 221 42.27 -12.43 41.16
CA LEU A 221 41.41 -13.29 41.95
C LEU A 221 42.28 -14.26 42.72
N SER A 222 42.09 -14.33 44.04
CA SER A 222 42.87 -15.22 44.89
C SER A 222 42.01 -15.64 46.07
N LEU A 223 42.50 -16.64 46.80
CA LEU A 223 41.77 -17.18 47.94
C LEU A 223 41.77 -16.20 49.10
N SER A 224 40.63 -16.08 49.76
CA SER A 224 40.49 -15.18 50.91
C SER A 224 41.07 -15.83 52.17
N LEU B 22 15.00 -27.97 8.79
CA LEU B 22 14.17 -28.12 9.98
C LEU B 22 14.88 -27.57 11.21
N PHE B 23 14.09 -27.12 12.18
CA PHE B 23 14.60 -26.49 13.39
C PHE B 23 13.91 -27.11 14.60
N PRO B 24 14.62 -27.34 15.69
CA PRO B 24 14.02 -28.00 16.86
C PRO B 24 13.17 -27.02 17.65
N PRO B 25 12.30 -27.53 18.52
CA PRO B 25 11.49 -26.65 19.37
C PRO B 25 12.33 -26.05 20.50
N LYS B 26 11.77 -25.00 21.09
CA LYS B 26 12.43 -24.36 22.22
C LYS B 26 12.51 -25.34 23.38
N PRO B 27 13.66 -25.43 24.05
CA PRO B 27 13.81 -26.44 25.11
C PRO B 27 12.78 -26.33 26.22
N LYS B 28 12.33 -25.12 26.56
CA LYS B 28 11.31 -25.02 27.59
C LYS B 28 9.97 -25.54 27.10
N ASP B 29 9.63 -25.36 25.82
CA ASP B 29 8.37 -25.86 25.32
C ASP B 29 8.31 -27.39 25.39
N THR B 30 9.47 -28.04 25.29
CA THR B 30 9.54 -29.50 25.36
C THR B 30 9.76 -30.03 26.76
N LEU B 31 10.17 -29.18 27.71
CA LEU B 31 10.41 -29.61 29.08
C LEU B 31 9.41 -29.03 30.07
N MET B 32 8.47 -28.21 29.61
CA MET B 32 7.47 -27.61 30.49
C MET B 32 6.11 -27.71 29.82
N ILE B 33 5.12 -28.17 30.56
CA ILE B 33 3.78 -28.41 30.01
C ILE B 33 3.03 -27.11 29.84
N SER B 34 3.71 -25.98 30.05
CA SER B 34 3.05 -24.68 29.97
C SER B 34 2.96 -24.15 28.55
N ARG B 35 3.93 -24.48 27.70
CA ARG B 35 3.96 -24.00 26.32
C ARG B 35 3.89 -25.17 25.35
N THR B 36 3.30 -24.92 24.18
CA THR B 36 3.11 -25.97 23.18
C THR B 36 4.32 -26.06 22.26
N PRO B 37 5.06 -27.16 22.27
CA PRO B 37 6.22 -27.28 21.38
C PRO B 37 5.81 -27.60 19.95
N GLU B 38 6.65 -27.15 19.02
CA GLU B 38 6.37 -27.34 17.60
C GLU B 38 7.69 -27.46 16.84
N VAL B 39 7.70 -28.34 15.84
CA VAL B 39 8.85 -28.48 14.95
C VAL B 39 8.61 -27.61 13.74
N THR B 40 9.58 -26.75 13.43
CA THR B 40 9.47 -25.76 12.37
C THR B 40 10.32 -26.17 11.18
N CYS B 41 9.70 -26.21 10.00
CA CYS B 41 10.38 -26.48 8.73
C CYS B 41 10.43 -25.18 7.95
N VAL B 42 11.64 -24.72 7.65
CA VAL B 42 11.86 -23.44 6.98
C VAL B 42 12.53 -23.70 5.63
N VAL B 43 12.01 -23.05 4.59
CA VAL B 43 12.56 -23.11 3.25
C VAL B 43 12.88 -21.69 2.79
N VAL B 44 14.15 -21.40 2.55
CA VAL B 44 14.58 -20.09 2.10
C VAL B 44 14.97 -20.16 0.63
N ASP B 45 15.18 -18.98 0.04
CA ASP B 45 15.57 -18.85 -1.36
C ASP B 45 14.55 -19.50 -2.29
N ASP B 50 7.74 -19.93 -8.89
CA ASP B 50 7.05 -21.15 -8.44
C ASP B 50 6.78 -21.10 -6.95
N PRO B 51 5.58 -20.64 -6.57
CA PRO B 51 5.22 -20.60 -5.15
C PRO B 51 4.58 -21.88 -4.62
N GLU B 52 4.33 -22.87 -5.48
CA GLU B 52 3.73 -24.12 -5.03
C GLU B 52 4.78 -24.97 -4.33
N VAL B 53 4.49 -25.35 -3.09
CA VAL B 53 5.36 -26.22 -2.31
C VAL B 53 4.52 -27.35 -1.75
N LYS B 54 5.19 -28.46 -1.43
CA LYS B 54 4.52 -29.63 -0.89
C LYS B 54 5.23 -30.06 0.37
N PHE B 55 4.48 -30.12 1.48
CA PHE B 55 5.00 -30.54 2.77
C PHE B 55 4.30 -31.83 3.18
N ASN B 56 5.09 -32.86 3.46
CA ASN B 56 4.59 -34.14 3.95
C ASN B 56 5.29 -34.45 5.25
N TRP B 57 4.55 -34.46 6.36
CA TRP B 57 5.10 -34.69 7.69
C TRP B 57 4.92 -36.15 8.08
N TYR B 58 6.03 -36.82 8.37
CA TYR B 58 6.03 -38.23 8.79
C TYR B 58 6.56 -38.29 10.22
N VAL B 59 5.69 -38.69 11.15
CA VAL B 59 6.05 -38.82 12.56
C VAL B 59 6.30 -40.29 12.84
N ASP B 60 7.58 -40.62 13.06
CA ASP B 60 8.01 -41.99 13.36
C ASP B 60 7.66 -42.96 12.22
N GLY B 61 7.56 -42.45 11.00
CA GLY B 61 7.25 -43.30 9.86
C GLY B 61 5.83 -43.13 9.36
N VAL B 62 4.89 -42.96 10.29
CA VAL B 62 3.48 -42.80 9.95
C VAL B 62 3.24 -41.37 9.49
N GLU B 63 2.43 -41.20 8.45
CA GLU B 63 2.15 -39.88 7.92
C GLU B 63 1.09 -39.20 8.76
N VAL B 64 1.39 -37.99 9.22
CA VAL B 64 0.47 -37.20 10.02
C VAL B 64 -0.05 -36.05 9.18
N HIS B 65 -1.28 -35.65 9.46
CA HIS B 65 -1.96 -34.59 8.72
C HIS B 65 -2.54 -33.57 9.69
N ASN B 66 -1.81 -33.29 10.77
CA ASN B 66 -2.20 -32.31 11.76
C ASN B 66 -1.16 -31.19 11.84
N ALA B 67 -0.57 -30.84 10.70
CA ALA B 67 0.41 -29.77 10.60
C ALA B 67 -0.18 -28.64 9.77
N LYS B 68 0.27 -27.42 10.07
CA LYS B 68 -0.17 -26.23 9.35
C LYS B 68 1.04 -25.50 8.78
N THR B 69 0.92 -25.06 7.53
CA THR B 69 1.98 -24.31 6.86
C THR B 69 1.68 -22.82 6.94
N LYS B 70 2.66 -22.06 7.43
CA LYS B 70 2.50 -20.62 7.56
C LYS B 70 2.51 -19.96 6.18
N PRO B 71 1.88 -18.79 6.06
CA PRO B 71 1.88 -18.09 4.77
C PRO B 71 3.27 -17.64 4.37
N ARG B 72 3.52 -17.67 3.05
CA ARG B 72 4.80 -17.25 2.51
C ARG B 72 4.99 -15.74 2.66
N GLU B 73 6.22 -15.30 2.42
CA GLU B 73 6.56 -13.87 2.51
C GLU B 73 7.65 -13.50 1.51
N THR B 79 13.83 -13.01 -2.26
CA THR B 79 13.08 -14.25 -2.44
C THR B 79 12.06 -14.45 -1.32
N TYR B 80 11.09 -15.32 -1.56
CA TYR B 80 10.08 -15.66 -0.57
C TYR B 80 10.53 -16.86 0.27
N ARG B 81 9.96 -16.95 1.47
CA ARG B 81 10.27 -18.03 2.40
C ARG B 81 8.97 -18.64 2.90
N VAL B 82 8.84 -19.95 2.77
CA VAL B 82 7.68 -20.69 3.23
C VAL B 82 8.09 -21.50 4.46
N VAL B 83 7.25 -21.48 5.49
CA VAL B 83 7.52 -22.15 6.76
C VAL B 83 6.35 -23.06 7.09
N SER B 84 6.66 -24.29 7.50
CA SER B 84 5.65 -25.26 7.91
C SER B 84 5.87 -25.62 9.38
N VAL B 85 4.78 -25.76 10.12
CA VAL B 85 4.83 -25.99 11.57
C VAL B 85 4.00 -27.22 11.89
N LEU B 86 4.58 -28.12 12.69
CA LEU B 86 3.91 -29.32 13.18
C LEU B 86 3.99 -29.32 14.70
N THR B 87 2.85 -29.26 15.37
CA THR B 87 2.84 -29.31 16.82
C THR B 87 3.18 -30.72 17.30
N VAL B 88 4.09 -30.80 18.27
CA VAL B 88 4.55 -32.08 18.80
C VAL B 88 4.12 -32.20 20.25
N LEU B 89 3.97 -33.43 20.71
CA LEU B 89 3.65 -33.71 22.11
C LEU B 89 4.90 -33.73 22.96
N HIS B 90 4.76 -33.29 24.21
CA HIS B 90 5.91 -33.23 25.12
C HIS B 90 6.53 -34.61 25.30
N GLN B 91 5.71 -35.65 25.50
CA GLN B 91 6.24 -36.99 25.64
C GLN B 91 6.83 -37.50 24.34
N ASP B 92 6.29 -37.03 23.21
CA ASP B 92 6.77 -37.47 21.90
C ASP B 92 8.19 -36.97 21.66
N TRP B 93 8.43 -35.68 21.84
CA TRP B 93 9.75 -35.12 21.57
C TRP B 93 10.78 -35.59 22.59
N LEU B 94 10.42 -35.58 23.87
CA LEU B 94 11.37 -35.96 24.91
C LEU B 94 11.79 -37.42 24.81
N ASN B 95 10.98 -38.25 24.16
CA ASN B 95 11.35 -39.64 23.92
C ASN B 95 12.14 -39.83 22.63
N GLY B 96 12.46 -38.75 21.93
CA GLY B 96 13.34 -38.84 20.78
C GLY B 96 12.72 -39.44 19.53
N LYS B 97 11.41 -39.35 19.38
CA LYS B 97 10.80 -39.83 18.14
C LYS B 97 11.10 -38.84 17.01
N GLU B 98 11.42 -39.38 15.84
CA GLU B 98 11.90 -38.57 14.73
C GLU B 98 10.76 -37.98 13.92
N TYR B 99 10.98 -36.76 13.43
CA TYR B 99 10.02 -36.01 12.65
C TYR B 99 10.63 -35.70 11.29
N GLU B 100 9.88 -35.98 10.23
CA GLU B 100 10.37 -35.81 8.87
C GLU B 100 9.59 -34.71 8.16
N CYS B 101 10.32 -33.80 7.52
CA CYS B 101 9.75 -32.78 6.64
C CYS B 101 10.13 -33.16 5.21
N LYS B 102 9.12 -33.35 4.36
CA LYS B 102 9.31 -33.78 2.98
C LYS B 102 8.92 -32.63 2.05
N VAL B 103 9.91 -32.00 1.43
CA VAL B 103 9.66 -30.91 0.50
C VAL B 103 9.61 -31.45 -0.93
N ILE B 112 12.92 -32.54 -1.18
CA ILE B 112 13.86 -32.54 -0.08
C ILE B 112 13.27 -33.26 1.13
N GLU B 113 14.10 -34.05 1.81
CA GLU B 113 13.67 -34.82 2.98
C GLU B 113 14.63 -34.53 4.12
N LYS B 114 14.10 -33.98 5.21
CA LYS B 114 14.89 -33.67 6.39
C LYS B 114 14.25 -34.31 7.62
N THR B 115 15.09 -34.84 8.50
CA THR B 115 14.65 -35.52 9.71
C THR B 115 15.36 -34.89 10.91
N ILE B 116 14.61 -34.62 11.97
CA ILE B 116 15.15 -33.99 13.17
C ILE B 116 14.65 -34.74 14.39
N SER B 117 15.45 -34.71 15.45
CA SER B 117 15.13 -35.35 16.72
C SER B 117 16.04 -34.78 17.79
N LYS B 118 15.79 -35.19 19.03
CA LYS B 118 16.66 -34.82 20.14
C LYS B 118 18.03 -35.45 19.99
N ALA B 119 19.03 -34.83 20.59
CA ALA B 119 20.40 -35.31 20.47
C ALA B 119 20.53 -36.69 21.11
N LYS B 120 21.12 -37.63 20.38
CA LYS B 120 21.22 -39.02 20.82
C LYS B 120 22.38 -39.29 21.76
N GLY B 121 23.02 -38.24 22.31
CA GLY B 121 24.13 -38.46 23.22
C GLY B 121 23.68 -38.82 24.62
N GLN B 122 24.59 -39.42 25.38
CA GLN B 122 24.30 -39.83 26.75
C GLN B 122 24.04 -38.59 27.61
N PRO B 123 22.89 -38.49 28.25
CA PRO B 123 22.59 -37.29 29.04
C PRO B 123 23.52 -37.14 30.23
N ARG B 124 23.87 -35.88 30.52
CA ARG B 124 24.68 -35.52 31.67
C ARG B 124 23.91 -34.50 32.51
N GLU B 125 23.96 -34.68 33.83
CA GLU B 125 23.15 -33.85 34.71
C GLU B 125 23.83 -32.50 34.91
N PRO B 126 23.11 -31.39 34.78
CA PRO B 126 23.73 -30.08 34.97
C PRO B 126 24.09 -29.81 36.41
N GLN B 127 25.26 -29.23 36.61
CA GLN B 127 25.70 -28.75 37.92
C GLN B 127 25.34 -27.27 38.04
N VAL B 128 24.58 -26.92 39.07
CA VAL B 128 24.06 -25.57 39.22
C VAL B 128 24.72 -24.93 40.43
N TYR B 129 25.41 -23.82 40.22
CA TYR B 129 26.03 -23.04 41.28
C TYR B 129 25.63 -21.58 41.13
N THR B 130 25.33 -20.93 42.26
CA THR B 130 25.02 -19.51 42.28
C THR B 130 26.24 -18.71 42.71
N LEU B 131 26.41 -17.53 42.11
CA LEU B 131 27.55 -16.67 42.40
C LEU B 131 27.04 -15.30 42.82
N PRO B 132 27.43 -14.79 43.98
CA PRO B 132 26.98 -13.45 44.41
C PRO B 132 27.70 -12.37 43.62
N PRO B 133 27.19 -11.14 43.64
CA PRO B 133 27.89 -10.06 42.93
C PRO B 133 29.26 -9.81 43.53
N SER B 134 30.17 -9.33 42.69
CA SER B 134 31.53 -9.03 43.14
C SER B 134 31.52 -7.87 44.12
N ARG B 135 32.52 -7.85 45.00
CA ARG B 135 32.64 -6.74 45.94
C ARG B 135 32.82 -5.42 45.22
N ASP B 136 33.55 -5.43 44.10
CA ASP B 136 33.78 -4.21 43.35
C ASP B 136 32.50 -3.69 42.68
N GLU B 137 31.51 -4.55 42.46
CA GLU B 137 30.26 -4.14 41.86
C GLU B 137 29.27 -3.59 42.88
N LEU B 138 29.51 -3.79 44.17
CA LEU B 138 28.61 -3.27 45.20
C LEU B 138 28.61 -1.75 45.23
N THR B 139 29.62 -1.10 44.64
CA THR B 139 29.65 0.36 44.58
C THR B 139 28.59 0.93 43.66
N LYS B 140 28.04 0.15 42.74
CA LYS B 140 27.02 0.63 41.83
C LYS B 140 25.63 0.43 42.42
N ASN B 141 24.63 1.03 41.77
CA ASN B 141 23.26 0.99 42.27
C ASN B 141 22.53 -0.31 41.96
N GLN B 142 23.03 -1.10 41.01
CA GLN B 142 22.46 -2.41 40.73
C GLN B 142 23.57 -3.43 40.63
N VAL B 143 23.29 -4.65 41.11
CA VAL B 143 24.27 -5.72 41.16
C VAL B 143 23.85 -6.83 40.21
N SER B 144 24.82 -7.68 39.87
CA SER B 144 24.61 -8.78 38.94
C SER B 144 24.72 -10.10 39.69
N LEU B 145 23.62 -10.84 39.77
CA LEU B 145 23.61 -12.16 40.37
C LEU B 145 23.87 -13.19 39.29
N THR B 146 24.87 -14.04 39.51
CA THR B 146 25.37 -14.96 38.49
C THR B 146 25.00 -16.39 38.83
N CYS B 147 24.59 -17.15 37.82
CA CYS B 147 24.26 -18.56 37.96
C CYS B 147 25.05 -19.35 36.94
N LEU B 148 25.95 -20.21 37.43
CA LEU B 148 26.76 -21.07 36.57
C LEU B 148 26.07 -22.43 36.48
N VAL B 149 25.78 -22.86 35.26
CA VAL B 149 25.14 -24.14 34.99
C VAL B 149 26.11 -24.92 34.12
N LYS B 150 26.84 -25.86 34.72
CA LYS B 150 27.98 -26.49 34.08
C LYS B 150 27.76 -28.00 33.95
N GLY B 151 28.36 -28.57 32.90
CA GLY B 151 28.43 -30.01 32.74
C GLY B 151 27.14 -30.71 32.43
N PHE B 152 26.39 -30.20 31.46
CA PHE B 152 25.12 -30.81 31.08
C PHE B 152 25.16 -31.21 29.60
N TYR B 153 24.32 -32.18 29.27
CA TYR B 153 24.23 -32.69 27.91
C TYR B 153 22.84 -33.28 27.70
N PRO B 154 22.19 -32.94 26.58
CA PRO B 154 22.67 -32.04 25.52
C PRO B 154 22.55 -30.56 25.87
N SER B 155 22.80 -29.70 24.89
CA SER B 155 22.78 -28.26 25.12
C SER B 155 21.36 -27.73 25.33
N ASP B 156 20.34 -28.49 24.96
CA ASP B 156 18.96 -28.05 25.12
C ASP B 156 18.64 -27.80 26.59
N ILE B 157 18.38 -26.54 26.94
CA ILE B 157 18.20 -26.15 28.33
C ILE B 157 17.44 -24.84 28.40
N ALA B 158 16.94 -24.50 29.58
CA ALA B 158 16.24 -23.24 29.79
C ALA B 158 16.50 -22.77 31.22
N VAL B 159 16.85 -21.49 31.36
CA VAL B 159 17.18 -20.90 32.65
C VAL B 159 16.29 -19.68 32.88
N GLU B 160 15.78 -19.55 34.11
CA GLU B 160 14.93 -18.44 34.48
C GLU B 160 15.27 -17.99 35.88
N TRP B 161 14.91 -16.74 36.19
CA TRP B 161 15.16 -16.14 37.49
C TRP B 161 13.83 -15.79 38.16
N GLU B 162 13.75 -16.02 39.46
CA GLU B 162 12.54 -15.79 40.21
C GLU B 162 12.89 -15.31 41.61
N SER B 163 12.02 -14.48 42.18
CA SER B 163 12.21 -13.96 43.53
C SER B 163 10.86 -13.90 44.22
N ASN B 164 10.80 -14.50 45.42
CA ASN B 164 9.59 -14.51 46.24
C ASN B 164 8.37 -15.03 45.47
N GLY B 165 8.60 -15.97 44.57
CA GLY B 165 7.52 -16.58 43.80
C GLY B 165 7.16 -15.85 42.53
N ARG B 166 7.73 -14.68 42.27
CA ARG B 166 7.41 -13.93 41.07
C ARG B 166 8.60 -13.92 40.11
N PRO B 167 8.35 -13.94 38.80
CA PRO B 167 9.45 -13.91 37.85
C PRO B 167 10.20 -12.58 37.87
N GLU B 168 11.39 -12.61 37.30
CA GLU B 168 12.22 -11.42 37.16
C GLU B 168 12.27 -10.98 35.71
N ASN B 169 12.41 -9.67 35.52
CA ASN B 169 12.34 -9.08 34.19
C ASN B 169 13.72 -8.93 33.55
N ASN B 170 14.66 -8.34 34.29
CA ASN B 170 15.96 -7.97 33.72
C ASN B 170 16.96 -9.10 33.97
N TYR B 171 16.92 -10.08 33.07
CA TYR B 171 17.93 -11.13 33.10
C TYR B 171 18.22 -11.58 31.67
N LYS B 172 19.44 -12.04 31.46
CA LYS B 172 19.86 -12.61 30.17
C LYS B 172 20.74 -13.81 30.45
N THR B 173 20.80 -14.72 29.48
CA THR B 173 21.53 -15.97 29.64
C THR B 173 22.31 -16.25 28.37
N THR B 174 23.59 -16.57 28.52
CA THR B 174 24.44 -16.88 27.39
C THR B 174 23.99 -18.18 26.72
N PRO B 175 24.29 -18.35 25.44
CA PRO B 175 24.05 -19.63 24.78
C PRO B 175 24.90 -20.72 25.41
N PRO B 176 24.52 -21.99 25.26
CA PRO B 176 25.36 -23.06 25.76
C PRO B 176 26.70 -23.10 25.02
N VAL B 177 27.76 -23.34 25.78
CA VAL B 177 29.12 -23.37 25.25
C VAL B 177 29.69 -24.77 25.43
N LEU B 178 30.22 -25.34 24.35
CA LEU B 178 30.82 -26.67 24.42
C LEU B 178 32.10 -26.61 25.25
N ASP B 179 32.12 -27.37 26.34
CA ASP B 179 33.28 -27.39 27.22
C ASP B 179 34.32 -28.37 26.69
N SER B 180 35.42 -28.52 27.42
CA SER B 180 36.51 -29.38 26.96
C SER B 180 36.13 -30.87 27.02
N ASP B 181 35.32 -31.27 27.99
CA ASP B 181 34.99 -32.68 28.18
C ASP B 181 33.78 -33.11 27.36
N GLY B 182 33.45 -32.38 26.29
CA GLY B 182 32.33 -32.73 25.45
C GLY B 182 30.97 -32.37 26.00
N SER B 183 30.90 -31.84 27.22
CA SER B 183 29.65 -31.39 27.81
C SER B 183 29.44 -29.92 27.51
N PHE B 184 28.42 -29.31 28.12
CA PHE B 184 28.11 -27.91 27.88
C PHE B 184 28.01 -27.16 29.20
N PHE B 185 28.25 -25.85 29.14
CA PHE B 185 28.05 -24.97 30.29
C PHE B 185 27.50 -23.64 29.78
N LEU B 186 27.00 -22.85 30.72
CA LEU B 186 26.52 -21.51 30.41
C LEU B 186 26.51 -20.68 31.69
N TYR B 187 26.17 -19.40 31.53
CA TYR B 187 26.00 -18.49 32.65
C TYR B 187 24.69 -17.73 32.46
N SER B 188 24.03 -17.42 33.59
CA SER B 188 22.83 -16.61 33.57
C SER B 188 23.03 -15.44 34.51
N LYS B 189 22.79 -14.23 34.02
CA LYS B 189 23.04 -12.99 34.75
C LYS B 189 21.72 -12.30 35.05
N LEU B 190 21.41 -12.15 36.35
CA LEU B 190 20.24 -11.42 36.80
C LEU B 190 20.68 -10.09 37.40
N THR B 191 20.13 -8.99 36.90
CA THR B 191 20.46 -7.65 37.36
C THR B 191 19.30 -7.12 38.20
N VAL B 192 19.55 -6.91 39.49
CA VAL B 192 18.56 -6.37 40.41
C VAL B 192 19.13 -5.12 41.06
N ASP B 193 18.23 -4.31 41.62
CA ASP B 193 18.65 -3.13 42.35
C ASP B 193 19.44 -3.53 43.60
N LYS B 194 20.44 -2.72 43.95
CA LYS B 194 21.26 -3.05 45.11
C LYS B 194 20.44 -3.06 46.39
N SER B 195 19.38 -2.23 46.45
CA SER B 195 18.56 -2.20 47.66
C SER B 195 17.96 -3.57 47.94
N ARG B 196 17.51 -4.27 46.89
CA ARG B 196 16.99 -5.61 47.08
C ARG B 196 18.07 -6.56 47.57
N TRP B 197 19.28 -6.45 47.01
CA TRP B 197 20.37 -7.31 47.43
C TRP B 197 20.88 -6.92 48.81
N GLN B 198 20.88 -5.62 49.12
CA GLN B 198 21.39 -5.17 50.42
C GLN B 198 20.52 -5.66 51.55
N GLN B 199 19.25 -5.95 51.28
CA GLN B 199 18.36 -6.56 52.25
C GLN B 199 18.64 -8.06 52.30
N GLY B 200 17.85 -8.78 53.09
CA GLY B 200 17.99 -10.22 53.17
C GLY B 200 17.20 -10.95 52.12
N ASN B 201 16.84 -10.26 51.03
CA ASN B 201 16.04 -10.87 49.98
C ASN B 201 16.76 -12.06 49.37
N VAL B 202 15.99 -13.09 49.03
CA VAL B 202 16.51 -14.36 48.52
C VAL B 202 16.19 -14.47 47.03
N PHE B 203 17.22 -14.74 46.23
CA PHE B 203 17.06 -14.99 44.80
C PHE B 203 17.41 -16.43 44.50
N SER B 204 16.69 -17.02 43.55
CA SER B 204 16.86 -18.43 43.20
C SER B 204 17.05 -18.57 41.70
N CYS B 205 17.92 -19.49 41.31
CA CYS B 205 18.20 -19.79 39.91
C CYS B 205 17.42 -21.05 39.51
N SER B 206 16.56 -20.92 38.51
CA SER B 206 15.72 -22.03 38.04
C SER B 206 16.30 -22.56 36.74
N VAL B 207 16.67 -23.85 36.74
CA VAL B 207 17.27 -24.51 35.59
C VAL B 207 16.40 -25.69 35.20
N MET B 208 16.20 -25.87 33.90
CA MET B 208 15.34 -26.93 33.35
C MET B 208 16.12 -27.71 32.32
N HIS B 209 16.43 -28.97 32.63
CA HIS B 209 17.21 -29.82 31.74
C HIS B 209 16.63 -31.22 31.72
N GLU B 210 16.86 -31.93 30.60
CA GLU B 210 16.31 -33.26 30.43
C GLU B 210 16.86 -34.24 31.46
N ALA B 211 18.14 -34.09 31.83
CA ALA B 211 18.79 -34.99 32.76
C ALA B 211 18.51 -34.68 34.22
N LEU B 212 17.67 -33.70 34.51
CA LEU B 212 17.36 -33.34 35.89
C LEU B 212 16.16 -34.13 36.41
N HIS B 213 16.14 -34.33 37.72
CA HIS B 213 14.98 -34.94 38.36
C HIS B 213 13.78 -34.02 38.21
N ASN B 214 12.67 -34.57 37.72
CA ASN B 214 11.46 -33.82 37.39
C ASN B 214 11.71 -32.72 36.37
N HIS B 215 12.79 -32.83 35.59
CA HIS B 215 13.13 -31.86 34.55
C HIS B 215 13.27 -30.45 35.11
N TYR B 216 13.65 -30.32 36.39
CA TYR B 216 13.65 -29.01 37.02
C TYR B 216 14.55 -29.05 38.23
N THR B 217 15.26 -27.94 38.48
CA THR B 217 16.07 -27.80 39.68
C THR B 217 16.18 -26.33 40.03
N GLN B 218 16.57 -26.07 41.28
CA GLN B 218 16.70 -24.70 41.77
C GLN B 218 17.91 -24.60 42.68
N LYS B 219 18.55 -23.44 42.64
CA LYS B 219 19.61 -23.08 43.57
C LYS B 219 19.39 -21.63 43.98
N SER B 220 19.44 -21.36 45.27
CA SER B 220 19.12 -20.04 45.79
C SER B 220 20.40 -19.24 46.07
N LEU B 221 20.21 -17.92 46.18
CA LEU B 221 21.31 -16.98 46.37
C LEU B 221 20.79 -15.77 47.13
N SER B 222 21.43 -15.43 48.24
CA SER B 222 20.99 -14.28 49.02
C SER B 222 22.16 -13.77 49.85
N LEU B 223 22.03 -12.51 50.29
CA LEU B 223 23.07 -11.87 51.08
C LEU B 223 23.05 -12.36 52.52
N SER B 224 24.24 -12.59 53.07
CA SER B 224 24.39 -13.00 54.47
C SER B 224 25.82 -12.77 54.94
N LEU C 22 -0.06 6.09 41.06
CA LEU C 22 1.17 6.72 41.54
C LEU C 22 1.81 7.55 40.44
N PHE C 23 2.59 8.56 40.85
CA PHE C 23 3.23 9.50 39.95
C PHE C 23 4.71 9.65 40.33
N PRO C 24 5.62 9.51 39.39
CA PRO C 24 7.02 9.87 39.65
C PRO C 24 7.18 11.38 39.59
N PRO C 25 8.19 11.94 40.24
CA PRO C 25 8.38 13.39 40.19
C PRO C 25 8.79 13.85 38.81
N LYS C 26 8.53 15.12 38.53
CA LYS C 26 8.90 15.71 37.25
C LYS C 26 10.43 15.74 37.13
N PRO C 27 10.97 15.46 35.94
CA PRO C 27 12.44 15.37 35.82
C PRO C 27 13.17 16.65 36.19
N LYS C 28 12.62 17.81 35.83
CA LYS C 28 13.27 19.07 36.20
C LYS C 28 13.34 19.24 37.72
N ASP C 29 12.35 18.74 38.44
CA ASP C 29 12.35 18.88 39.90
C ASP C 29 13.51 18.10 40.52
N THR C 30 13.78 16.89 40.01
CA THR C 30 14.85 16.08 40.58
C THR C 30 16.22 16.60 40.19
N LEU C 31 16.32 17.29 39.06
CA LEU C 31 17.60 17.77 38.56
C LEU C 31 18.00 19.13 39.11
N MET C 32 17.03 19.96 39.49
CA MET C 32 17.30 21.27 40.06
C MET C 32 17.09 21.22 41.57
N ILE C 33 18.11 21.62 42.33
CA ILE C 33 17.98 21.64 43.78
C ILE C 33 17.09 22.78 44.25
N SER C 34 16.68 23.67 43.34
CA SER C 34 15.82 24.79 43.65
C SER C 34 14.34 24.44 43.65
N ARG C 35 13.98 23.25 43.19
CA ARG C 35 12.59 22.83 43.10
C ARG C 35 12.39 21.52 43.83
N THR C 36 11.30 21.44 44.59
CA THR C 36 11.05 20.26 45.43
C THR C 36 10.36 19.17 44.62
N PRO C 37 10.98 18.01 44.43
CA PRO C 37 10.31 16.92 43.69
C PRO C 37 9.39 16.13 44.61
N GLU C 38 8.17 15.89 44.15
CA GLU C 38 7.18 15.12 44.89
C GLU C 38 6.68 13.97 44.04
N VAL C 39 6.49 12.82 44.67
CA VAL C 39 5.93 11.63 44.02
C VAL C 39 4.50 11.47 44.49
N THR C 40 3.55 11.70 43.57
CA THR C 40 2.13 11.66 43.88
C THR C 40 1.61 10.23 43.79
N CYS C 41 0.65 9.90 44.65
CA CYS C 41 0.00 8.59 44.64
C CYS C 41 -1.44 8.72 44.16
N PHE C 55 -3.22 5.51 52.09
CA PHE C 55 -1.91 5.38 51.50
C PHE C 55 -0.84 5.15 52.56
N ASN C 56 0.13 4.30 52.26
CA ASN C 56 1.22 3.98 53.17
C ASN C 56 2.54 4.02 52.41
N TRP C 57 3.41 4.95 52.79
CA TRP C 57 4.66 5.17 52.09
C TRP C 57 5.82 4.51 52.85
N TYR C 58 6.71 3.87 52.10
CA TYR C 58 7.91 3.25 52.66
C TYR C 58 9.10 3.65 51.79
N VAL C 59 10.11 4.28 52.40
CA VAL C 59 11.27 4.79 51.69
C VAL C 59 12.40 3.78 51.90
N ASP C 60 12.67 2.98 50.87
CA ASP C 60 13.76 2.00 50.87
C ASP C 60 13.65 1.01 52.03
N GLY C 61 12.42 0.65 52.40
CA GLY C 61 12.15 -0.27 53.47
C GLY C 61 11.76 0.39 54.79
N VAL C 62 12.23 1.61 55.01
CA VAL C 62 11.92 2.37 56.22
C VAL C 62 10.59 3.08 56.03
N GLU C 63 9.79 3.12 57.09
CA GLU C 63 8.49 3.78 57.03
C GLU C 63 8.68 5.28 56.88
N VAL C 64 7.93 5.89 55.97
CA VAL C 64 8.04 7.31 55.69
C VAL C 64 6.79 8.02 56.19
N HIS C 65 6.99 8.96 57.10
CA HIS C 65 5.95 9.79 57.70
C HIS C 65 6.33 11.26 57.62
N ASN C 66 6.95 11.67 56.51
CA ASN C 66 7.35 13.07 56.39
C ASN C 66 6.14 13.98 56.22
N ALA C 67 5.37 13.77 55.15
CA ALA C 67 4.19 14.58 54.88
C ALA C 67 3.01 13.66 54.62
N LYS C 68 1.81 14.19 54.81
CA LYS C 68 0.61 13.38 54.62
C LYS C 68 0.02 13.70 53.25
N THR C 69 -1.30 13.71 53.13
CA THR C 69 -1.93 13.99 51.84
C THR C 69 -1.96 15.49 51.53
N SER C 84 -2.01 10.96 47.19
CA SER C 84 -1.12 11.35 48.28
C SER C 84 0.28 11.60 47.75
N VAL C 85 0.91 12.70 48.18
CA VAL C 85 2.19 13.13 47.65
C VAL C 85 3.19 13.22 48.79
N LEU C 86 4.36 12.60 48.60
CA LEU C 86 5.47 12.66 49.54
C LEU C 86 6.66 13.31 48.86
N THR C 87 7.17 14.39 49.44
CA THR C 87 8.33 15.06 48.89
C THR C 87 9.59 14.23 49.13
N VAL C 88 10.38 14.03 48.08
CA VAL C 88 11.56 13.18 48.13
C VAL C 88 12.81 14.05 48.04
N LEU C 89 13.93 13.49 48.50
CA LEU C 89 15.20 14.18 48.43
C LEU C 89 15.84 13.98 47.06
N HIS C 90 16.53 15.01 46.60
CA HIS C 90 17.11 14.97 45.26
C HIS C 90 18.18 13.89 45.16
N GLN C 91 19.10 13.84 46.13
CA GLN C 91 20.15 12.82 46.10
C GLN C 91 19.58 11.43 46.28
N ASP C 92 18.51 11.29 47.05
CA ASP C 92 17.89 9.99 47.25
C ASP C 92 17.28 9.46 45.96
N TRP C 93 16.60 10.33 45.21
CA TRP C 93 15.98 9.91 43.96
C TRP C 93 17.02 9.65 42.88
N LEU C 94 18.02 10.52 42.77
CA LEU C 94 19.05 10.34 41.75
C LEU C 94 19.93 9.11 41.99
N ASN C 95 19.89 8.55 43.19
CA ASN C 95 20.63 7.33 43.49
C ASN C 95 19.77 6.08 43.44
N GLY C 96 18.49 6.23 43.12
CA GLY C 96 17.64 5.07 42.87
C GLY C 96 16.98 4.44 44.08
N LYS C 97 16.69 5.20 45.12
CA LYS C 97 15.95 4.64 46.24
C LYS C 97 14.50 4.43 45.83
N GLU C 98 14.00 3.21 46.02
CA GLU C 98 12.65 2.87 45.58
C GLU C 98 11.61 3.26 46.62
N TYR C 99 10.45 3.67 46.12
CA TYR C 99 9.31 4.07 46.96
C TYR C 99 8.06 3.40 46.43
N GLU C 100 7.21 2.92 47.34
CA GLU C 100 5.93 2.33 46.97
C GLU C 100 4.83 2.89 47.85
N CYS C 101 3.64 3.01 47.25
CA CYS C 101 2.48 3.57 47.91
C CYS C 101 1.67 2.50 48.62
N ILE C 116 7.68 3.46 42.71
CA ILE C 116 8.28 4.25 41.65
C ILE C 116 9.75 4.53 41.97
N SER C 117 10.58 4.58 40.94
CA SER C 117 12.00 4.84 41.13
C SER C 117 12.62 5.24 39.80
N LYS C 118 13.73 5.97 39.89
CA LYS C 118 14.52 6.32 38.72
C LYS C 118 15.15 5.07 38.10
N ALA C 119 15.40 5.14 36.79
CA ALA C 119 16.06 4.03 36.11
C ALA C 119 17.44 3.82 36.72
N LYS C 120 17.82 2.55 36.85
CA LYS C 120 19.04 2.18 37.56
C LYS C 120 20.25 1.98 36.65
N GLY C 121 20.10 2.14 35.34
CA GLY C 121 21.22 1.98 34.44
C GLY C 121 22.25 3.09 34.58
N GLN C 122 23.42 2.84 34.01
CA GLN C 122 24.51 3.82 34.06
C GLN C 122 24.13 5.06 33.26
N PRO C 123 24.13 6.25 33.87
CA PRO C 123 23.78 7.46 33.13
C PRO C 123 24.75 7.73 31.99
N ARG C 124 24.21 8.31 30.91
CA ARG C 124 24.99 8.69 29.74
C ARG C 124 24.71 10.14 29.41
N GLU C 125 25.77 10.90 29.10
CA GLU C 125 25.65 12.33 28.86
C GLU C 125 25.04 12.61 27.49
N PRO C 126 24.02 13.45 27.40
CA PRO C 126 23.39 13.74 26.10
C PRO C 126 24.21 14.69 25.24
N GLN C 127 24.31 14.35 23.95
CA GLN C 127 24.84 15.25 22.94
C GLN C 127 23.69 16.09 22.38
N VAL C 128 23.85 17.40 22.37
CA VAL C 128 22.77 18.32 22.00
C VAL C 128 23.20 19.10 20.75
N TYR C 129 22.35 19.06 19.72
CA TYR C 129 22.60 19.77 18.47
C TYR C 129 21.38 20.60 18.09
N THR C 130 21.64 21.80 17.55
CA THR C 130 20.60 22.69 17.03
C THR C 130 20.56 22.64 15.50
N LEU C 131 19.35 22.80 14.96
CA LEU C 131 19.13 22.72 13.51
C LEU C 131 18.32 23.92 13.04
N PRO C 132 18.82 24.69 12.08
CA PRO C 132 18.04 25.82 11.54
C PRO C 132 16.96 25.34 10.60
N PRO C 133 16.00 26.21 10.25
CA PRO C 133 14.94 25.81 9.33
C PRO C 133 15.46 25.49 7.94
N SER C 134 14.77 24.58 7.26
CA SER C 134 15.10 24.23 5.89
C SER C 134 14.75 25.37 4.94
N ARG C 135 15.47 25.41 3.80
CA ARG C 135 15.21 26.45 2.81
C ARG C 135 13.79 26.41 2.29
N ASP C 136 13.19 25.21 2.22
CA ASP C 136 11.84 25.08 1.69
C ASP C 136 10.79 25.57 2.66
N GLU C 137 11.14 25.77 3.93
CA GLU C 137 10.20 26.23 4.93
C GLU C 137 10.07 27.75 4.95
N LEU C 138 11.06 28.45 4.39
CA LEU C 138 11.02 29.91 4.32
C LEU C 138 9.84 30.43 3.50
N THR C 139 9.17 29.55 2.75
CA THR C 139 7.94 29.95 2.05
C THR C 139 6.85 30.36 3.04
N LYS C 140 6.81 29.73 4.22
CA LYS C 140 5.78 30.04 5.18
C LYS C 140 6.15 31.27 6.01
N ASN C 141 5.17 31.76 6.77
CA ASN C 141 5.37 32.91 7.64
C ASN C 141 6.01 32.51 8.97
N GLN C 142 5.93 31.23 9.33
CA GLN C 142 6.54 30.69 10.53
C GLN C 142 7.55 29.62 10.14
N VAL C 143 8.70 29.62 10.81
CA VAL C 143 9.73 28.62 10.57
C VAL C 143 9.87 27.76 11.81
N SER C 144 10.57 26.63 11.66
CA SER C 144 10.70 25.64 12.71
C SER C 144 12.15 25.53 13.14
N LEU C 145 12.41 25.75 14.42
CA LEU C 145 13.73 25.59 15.01
C LEU C 145 13.81 24.24 15.71
N THR C 146 14.82 23.44 15.35
CA THR C 146 14.91 22.06 15.79
C THR C 146 16.10 21.87 16.73
N CYS C 147 15.86 21.15 17.82
CA CYS C 147 16.89 20.82 18.80
C CYS C 147 16.98 19.30 18.92
N LEU C 148 18.09 18.72 18.48
CA LEU C 148 18.31 17.28 18.53
C LEU C 148 19.13 16.94 19.77
N VAL C 149 18.51 16.21 20.69
CA VAL C 149 19.17 15.74 21.92
C VAL C 149 19.33 14.24 21.80
N LYS C 150 20.57 13.78 21.61
CA LYS C 150 20.84 12.39 21.27
C LYS C 150 21.83 11.77 22.26
N GLY C 151 21.63 10.49 22.53
CA GLY C 151 22.60 9.71 23.29
C GLY C 151 22.57 9.86 24.80
N PHE C 152 21.40 9.88 25.41
CA PHE C 152 21.29 10.04 26.86
C PHE C 152 20.57 8.87 27.51
N TYR C 153 20.87 8.68 28.79
CA TYR C 153 20.22 7.70 29.65
C TYR C 153 20.28 8.20 31.09
N PRO C 154 19.17 8.06 31.84
CA PRO C 154 17.89 7.48 31.42
C PRO C 154 17.02 8.44 30.61
N SER C 155 15.77 8.04 30.38
CA SER C 155 14.86 8.83 29.57
C SER C 155 14.42 10.12 30.23
N ASP C 156 14.66 10.27 31.53
CA ASP C 156 14.25 11.47 32.26
C ASP C 156 15.09 12.66 31.81
N ILE C 157 14.43 13.67 31.25
CA ILE C 157 15.12 14.81 30.66
C ILE C 157 14.17 15.98 30.60
N ALA C 158 14.70 17.18 30.36
CA ALA C 158 13.87 18.38 30.29
C ALA C 158 14.49 19.35 29.28
N VAL C 159 13.67 19.83 28.34
CA VAL C 159 14.13 20.70 27.28
C VAL C 159 13.25 21.95 27.26
N GLU C 160 13.88 23.11 27.07
CA GLU C 160 13.19 24.37 26.97
C GLU C 160 13.84 25.22 25.89
N TRP C 161 13.18 26.31 25.51
CA TRP C 161 13.68 27.22 24.52
C TRP C 161 13.69 28.64 25.09
N GLU C 162 14.65 29.43 24.64
CA GLU C 162 14.75 30.83 25.04
C GLU C 162 15.10 31.67 23.83
N SER C 163 14.65 32.93 23.85
CA SER C 163 15.01 33.92 22.84
C SER C 163 15.57 35.12 23.56
N ASN C 164 16.83 35.46 23.27
CA ASN C 164 17.53 36.57 23.91
C ASN C 164 17.57 36.41 25.44
N GLY C 165 17.56 35.17 25.92
CA GLY C 165 17.60 34.90 27.34
C GLY C 165 16.26 34.86 28.04
N ARG C 166 15.16 34.94 27.31
CA ARG C 166 13.82 34.95 27.88
C ARG C 166 13.02 33.75 27.36
N PRO C 167 12.09 33.23 28.17
CA PRO C 167 11.40 31.98 27.80
C PRO C 167 10.54 32.12 26.55
N GLU C 168 10.64 31.12 25.68
CA GLU C 168 9.75 30.95 24.54
C GLU C 168 8.68 29.92 24.91
N ASN C 169 7.45 30.15 24.45
CA ASN C 169 6.32 29.33 24.86
C ASN C 169 5.85 28.35 23.80
N ASN C 170 6.05 28.67 22.53
CA ASN C 170 5.42 27.93 21.43
C ASN C 170 6.39 26.91 20.84
N TYR C 171 6.61 25.85 21.61
CA TYR C 171 7.48 24.75 21.18
C TYR C 171 6.90 23.43 21.66
N LYS C 172 7.29 22.35 20.97
CA LYS C 172 6.83 21.01 21.28
C LYS C 172 8.02 20.05 21.24
N THR C 173 8.02 19.06 22.14
CA THR C 173 9.13 18.13 22.28
C THR C 173 8.62 16.70 22.16
N THR C 174 9.29 15.91 21.32
CA THR C 174 8.94 14.50 21.18
C THR C 174 9.35 13.72 22.43
N PRO C 175 8.67 12.61 22.71
CA PRO C 175 9.08 11.75 23.84
C PRO C 175 10.45 11.13 23.59
N PRO C 176 11.08 10.59 24.63
CA PRO C 176 12.34 9.86 24.41
C PRO C 176 12.09 8.62 23.55
N VAL C 177 12.99 8.40 22.60
CA VAL C 177 12.89 7.28 21.67
C VAL C 177 14.12 6.42 21.85
N LEU C 178 13.92 5.12 22.03
CA LEU C 178 15.03 4.19 22.17
C LEU C 178 15.76 4.07 20.84
N ASP C 179 17.04 4.42 20.83
CA ASP C 179 17.84 4.42 19.62
C ASP C 179 18.39 3.02 19.36
N SER C 180 19.25 2.89 18.35
CA SER C 180 19.81 1.59 18.00
C SER C 180 20.87 1.13 18.99
N ASP C 181 21.64 2.06 19.56
CA ASP C 181 22.73 1.73 20.46
C ASP C 181 22.33 1.74 21.93
N GLY C 182 21.04 1.55 22.23
CA GLY C 182 20.59 1.50 23.60
C GLY C 182 20.47 2.83 24.31
N SER C 183 20.77 3.94 23.62
CA SER C 183 20.65 5.27 24.21
C SER C 183 19.25 5.82 23.93
N PHE C 184 19.07 7.11 24.16
CA PHE C 184 17.81 7.78 23.89
C PHE C 184 18.06 9.05 23.08
N PHE C 185 17.04 9.47 22.34
CA PHE C 185 17.09 10.72 21.61
C PHE C 185 15.69 11.31 21.54
N LEU C 186 15.63 12.59 21.24
CA LEU C 186 14.36 13.28 21.03
C LEU C 186 14.61 14.51 20.18
N TYR C 187 13.50 15.15 19.80
CA TYR C 187 13.53 16.38 19.02
C TYR C 187 12.57 17.37 19.64
N SER C 188 12.96 18.64 19.66
CA SER C 188 12.10 19.72 20.14
C SER C 188 11.95 20.74 19.03
N LYS C 189 10.70 21.04 18.67
CA LYS C 189 10.38 21.92 17.55
C LYS C 189 9.81 23.23 18.08
N LEU C 190 10.50 24.32 17.81
CA LEU C 190 10.03 25.66 18.15
C LEU C 190 9.65 26.37 16.86
N THR C 191 8.39 26.76 16.73
CA THR C 191 7.95 27.53 15.58
C THR C 191 7.99 29.01 15.94
N VAL C 192 8.75 29.78 15.16
CA VAL C 192 8.89 31.21 15.35
C VAL C 192 8.60 31.91 14.03
N ASP C 193 8.26 33.18 14.12
CA ASP C 193 7.96 33.95 12.91
C ASP C 193 9.19 34.05 12.03
N LYS C 194 8.99 33.93 10.73
CA LYS C 194 10.10 34.03 9.79
C LYS C 194 10.81 35.38 9.92
N SER C 195 10.07 36.42 10.29
CA SER C 195 10.67 37.74 10.49
C SER C 195 11.68 37.70 11.64
N ARG C 196 11.28 37.12 12.78
CA ARG C 196 12.18 37.05 13.93
C ARG C 196 13.44 36.28 13.61
N TRP C 197 13.31 35.16 12.87
CA TRP C 197 14.49 34.39 12.50
C TRP C 197 15.43 35.20 11.62
N GLN C 198 14.89 36.05 10.76
CA GLN C 198 15.69 36.88 9.89
C GLN C 198 16.15 38.17 10.54
N GLN C 199 15.46 38.63 11.59
CA GLN C 199 15.81 39.87 12.27
C GLN C 199 17.00 39.72 13.21
N GLY C 200 17.60 38.54 13.28
CA GLY C 200 18.84 38.35 14.02
C GLY C 200 18.69 37.99 15.48
N ASN C 201 17.51 37.54 15.90
CA ASN C 201 17.35 37.08 17.26
C ASN C 201 18.19 35.83 17.51
N VAL C 202 18.55 35.62 18.77
CA VAL C 202 19.33 34.47 19.18
C VAL C 202 18.43 33.54 19.99
N PHE C 203 18.19 32.35 19.47
CA PHE C 203 17.37 31.35 20.15
C PHE C 203 18.27 30.29 20.76
N SER C 204 17.90 29.82 21.94
CA SER C 204 18.71 28.88 22.69
C SER C 204 17.87 27.70 23.12
N CYS C 205 18.45 26.50 23.00
CA CYS C 205 17.84 25.27 23.45
C CYS C 205 18.57 24.82 24.70
N SER C 206 17.85 24.77 25.83
CA SER C 206 18.43 24.46 27.13
C SER C 206 17.96 23.07 27.55
N VAL C 207 18.89 22.14 27.62
CA VAL C 207 18.60 20.76 28.00
C VAL C 207 19.09 20.53 29.42
N MET C 208 18.36 19.71 30.17
CA MET C 208 18.65 19.44 31.57
C MET C 208 18.57 17.95 31.83
N HIS C 209 19.71 17.30 31.99
CA HIS C 209 19.80 15.87 32.22
C HIS C 209 20.72 15.60 33.40
N GLU C 210 20.48 14.47 34.07
CA GLU C 210 21.26 14.14 35.26
C GLU C 210 22.73 13.96 34.91
N ALA C 211 23.02 13.33 33.77
CA ALA C 211 24.39 13.01 33.42
C ALA C 211 25.16 14.21 32.87
N LEU C 212 24.55 15.39 32.90
CA LEU C 212 25.20 16.62 32.49
C LEU C 212 25.83 17.29 33.70
N HIS C 213 26.96 17.95 33.48
CA HIS C 213 27.58 18.69 34.59
C HIS C 213 26.64 19.81 35.01
N ASN C 214 26.45 19.94 36.32
CA ASN C 214 25.47 20.84 36.93
C ASN C 214 24.07 20.62 36.39
N HIS C 215 23.81 19.45 35.81
CA HIS C 215 22.49 19.05 35.34
C HIS C 215 21.91 19.98 34.26
N TYR C 216 22.77 20.60 33.46
CA TYR C 216 22.26 21.62 32.54
C TYR C 216 23.27 21.86 31.42
N THR C 217 22.74 22.13 30.23
CA THR C 217 23.52 22.57 29.08
C THR C 217 22.60 23.35 28.16
N GLN C 218 23.22 24.15 27.28
CA GLN C 218 22.46 25.01 26.39
C GLN C 218 23.22 25.15 25.09
N LYS C 219 22.48 25.10 23.98
CA LYS C 219 23.04 25.36 22.65
C LYS C 219 22.17 26.40 21.96
N SER C 220 22.84 27.35 21.31
CA SER C 220 22.15 28.47 20.66
C SER C 220 22.07 28.26 19.15
N LEU C 221 21.32 29.14 18.51
CA LEU C 221 21.06 29.05 17.08
C LEU C 221 20.56 30.39 16.59
N SER C 222 21.14 30.89 15.50
CA SER C 222 20.71 32.17 14.94
C SER C 222 21.06 32.21 13.47
N LEU C 223 20.53 33.24 12.79
CA LEU C 223 20.77 33.41 11.36
C LEU C 223 22.24 33.69 11.08
N SER C 224 22.67 33.30 9.88
CA SER C 224 24.05 33.53 9.44
C SER C 224 24.14 33.54 7.92
N PRO D 18 -11.17 -10.36 32.65
CA PRO D 18 -11.21 -10.68 31.21
C PRO D 18 -11.41 -9.46 30.33
N SER D 19 -10.37 -8.63 30.20
CA SER D 19 -10.43 -7.41 29.42
C SER D 19 -9.96 -7.66 27.99
N VAL D 20 -10.72 -7.16 27.02
CA VAL D 20 -10.41 -7.34 25.60
C VAL D 20 -10.04 -5.98 25.03
N PHE D 21 -8.83 -5.87 24.49
CA PHE D 21 -8.29 -4.61 23.98
C PHE D 21 -8.06 -4.74 22.48
N LEU D 22 -8.89 -4.06 21.69
CA LEU D 22 -8.79 -4.08 20.23
C LEU D 22 -7.62 -3.23 19.76
N PHE D 23 -7.06 -3.59 18.60
CA PHE D 23 -5.88 -2.92 18.10
C PHE D 23 -6.04 -2.55 16.62
N PRO D 24 -5.58 -1.36 16.23
CA PRO D 24 -5.71 -0.92 14.85
C PRO D 24 -4.64 -1.55 13.97
N PRO D 25 -4.77 -1.47 12.65
CA PRO D 25 -3.72 -1.98 11.78
C PRO D 25 -2.52 -1.05 11.75
N LYS D 26 -1.39 -1.59 11.31
CA LYS D 26 -0.18 -0.79 11.19
C LYS D 26 -0.35 0.26 10.11
N PRO D 27 0.04 1.52 10.36
CA PRO D 27 -0.14 2.56 9.34
C PRO D 27 0.61 2.27 8.05
N LYS D 28 1.76 1.59 8.12
CA LYS D 28 2.50 1.27 6.90
C LYS D 28 1.75 0.24 6.07
N ASP D 29 1.10 -0.72 6.72
CA ASP D 29 0.34 -1.74 6.02
C ASP D 29 -0.91 -1.16 5.34
N THR D 30 -1.43 -0.05 5.87
CA THR D 30 -2.63 0.58 5.34
C THR D 30 -2.38 1.59 4.23
N LEU D 31 -1.13 1.98 4.01
CA LEU D 31 -0.81 2.96 2.98
C LEU D 31 -0.08 2.37 1.78
N MET D 32 0.23 1.07 1.81
CA MET D 32 0.92 0.42 0.71
C MET D 32 0.24 -0.92 0.45
N ILE D 33 -0.10 -1.16 -0.81
CA ILE D 33 -0.86 -2.34 -1.19
C ILE D 33 0.01 -3.59 -1.18
N SER D 34 1.24 -3.45 -0.68
CA SER D 34 2.16 -4.59 -0.61
C SER D 34 2.00 -5.41 0.66
N ARG D 35 1.66 -4.77 1.78
CA ARG D 35 1.47 -5.45 3.05
C ARG D 35 -0.02 -5.51 3.39
N THR D 36 -0.44 -6.63 3.96
CA THR D 36 -1.85 -6.84 4.27
C THR D 36 -2.16 -6.31 5.67
N PRO D 37 -3.02 -5.30 5.81
CA PRO D 37 -3.33 -4.77 7.14
C PRO D 37 -4.28 -5.70 7.88
N GLU D 38 -4.17 -5.68 9.20
CA GLU D 38 -4.96 -6.58 10.03
C GLU D 38 -5.33 -5.88 11.34
N VAL D 39 -6.57 -6.08 11.77
CA VAL D 39 -7.06 -5.61 13.06
C VAL D 39 -6.94 -6.74 14.04
N THR D 40 -6.29 -6.49 15.18
CA THR D 40 -6.01 -7.52 16.17
C THR D 40 -6.90 -7.34 17.38
N CYS D 41 -7.60 -8.40 17.77
CA CYS D 41 -8.40 -8.44 18.97
C CYS D 41 -7.73 -9.38 19.97
N VAL D 42 -7.37 -8.84 21.13
CA VAL D 42 -6.65 -9.59 22.16
C VAL D 42 -7.55 -9.68 23.39
N VAL D 43 -7.67 -10.88 23.94
CA VAL D 43 -8.46 -11.13 25.15
C VAL D 43 -7.53 -11.70 26.20
N VAL D 44 -7.38 -10.98 27.31
CA VAL D 44 -6.52 -11.39 28.40
C VAL D 44 -7.38 -11.85 29.58
N ASP D 45 -6.73 -12.45 30.58
CA ASP D 45 -7.38 -12.96 31.78
C ASP D 45 -8.45 -14.00 31.41
N VAL D 46 -8.03 -15.20 31.02
CA VAL D 46 -8.93 -16.26 30.60
C VAL D 46 -8.57 -17.53 31.35
N SER D 47 -9.59 -18.27 31.80
CA SER D 47 -9.37 -19.53 32.50
C SER D 47 -10.55 -20.47 32.32
N ASP D 50 -14.03 -22.50 32.74
CA ASP D 50 -14.55 -22.18 31.43
C ASP D 50 -13.51 -21.45 30.58
N PRO D 51 -12.76 -22.21 29.78
CA PRO D 51 -11.75 -21.61 28.88
C PRO D 51 -12.27 -21.22 27.51
N GLU D 52 -13.55 -21.41 27.24
CA GLU D 52 -14.12 -21.13 25.93
C GLU D 52 -14.25 -19.64 25.67
N VAL D 53 -13.79 -19.20 24.49
CA VAL D 53 -13.91 -17.81 24.06
C VAL D 53 -14.62 -17.78 22.71
N LYS D 54 -15.34 -16.70 22.45
CA LYS D 54 -16.10 -16.52 21.22
C LYS D 54 -15.82 -15.15 20.65
N PHE D 55 -15.46 -15.09 19.36
CA PHE D 55 -15.17 -13.83 18.68
C PHE D 55 -16.27 -13.57 17.66
N ASN D 56 -16.90 -12.40 17.76
CA ASN D 56 -17.93 -11.96 16.83
C ASN D 56 -17.52 -10.63 16.25
N TRP D 57 -17.23 -10.60 14.94
CA TRP D 57 -16.81 -9.39 14.26
C TRP D 57 -18.00 -8.77 13.54
N TYR D 58 -18.02 -7.44 13.47
CA TYR D 58 -19.12 -6.70 12.84
C TYR D 58 -18.55 -5.47 12.15
N VAL D 59 -18.48 -5.49 10.82
CA VAL D 59 -17.97 -4.37 10.04
C VAL D 59 -19.13 -3.46 9.68
N ASP D 60 -19.19 -2.30 10.32
CA ASP D 60 -20.25 -1.31 10.10
C ASP D 60 -21.63 -1.89 10.37
N GLY D 61 -21.69 -2.89 11.26
CA GLY D 61 -22.94 -3.53 11.58
C GLY D 61 -23.08 -4.94 11.04
N VAL D 62 -22.57 -5.19 9.84
CA VAL D 62 -22.68 -6.50 9.21
C VAL D 62 -21.62 -7.43 9.79
N GLU D 63 -22.02 -8.67 10.08
CA GLU D 63 -21.11 -9.65 10.65
C GLU D 63 -20.27 -10.30 9.55
N VAL D 64 -18.95 -10.30 9.74
CA VAL D 64 -18.02 -10.94 8.82
C VAL D 64 -17.45 -12.18 9.49
N HIS D 65 -17.14 -13.18 8.67
CA HIS D 65 -16.67 -14.47 9.17
C HIS D 65 -15.41 -14.93 8.45
N ASN D 66 -14.49 -14.02 8.18
CA ASN D 66 -13.23 -14.36 7.52
C ASN D 66 -12.04 -14.05 8.43
N ALA D 67 -12.20 -14.34 9.72
CA ALA D 67 -11.17 -14.12 10.71
C ALA D 67 -10.63 -15.44 11.21
N LYS D 68 -9.37 -15.43 11.65
CA LYS D 68 -8.70 -16.61 12.18
C LYS D 68 -8.26 -16.31 13.61
N THR D 69 -8.49 -17.27 14.50
CA THR D 69 -8.16 -17.12 15.91
C THR D 69 -6.80 -17.78 16.16
N LYS D 70 -5.87 -16.98 16.70
CA LYS D 70 -4.54 -17.49 17.00
C LYS D 70 -4.60 -18.41 18.22
N PRO D 71 -3.63 -19.32 18.34
CA PRO D 71 -3.61 -20.20 19.51
C PRO D 71 -3.37 -19.41 20.80
N ARG D 72 -4.00 -19.87 21.88
CA ARG D 72 -3.87 -19.22 23.16
C ARG D 72 -2.46 -19.38 23.71
N GLU D 73 -2.17 -18.64 24.78
CA GLU D 73 -0.87 -18.70 25.43
C GLU D 73 -0.98 -18.40 26.92
N ASN D 77 2.71 -17.00 32.18
CA ASN D 77 2.68 -16.15 33.36
C ASN D 77 1.62 -16.64 34.36
N SER D 78 0.47 -15.97 34.37
CA SER D 78 -0.62 -16.29 35.28
C SER D 78 -1.83 -16.91 34.59
N THR D 79 -2.16 -16.44 33.39
CA THR D 79 -3.36 -16.86 32.67
C THR D 79 -3.05 -16.90 31.19
N TYR D 80 -3.93 -17.56 30.44
CA TYR D 80 -3.78 -17.63 29.00
C TYR D 80 -4.45 -16.43 28.33
N ARG D 81 -3.97 -16.12 27.13
CA ARG D 81 -4.46 -14.99 26.34
C ARG D 81 -4.77 -15.47 24.94
N VAL D 82 -5.99 -15.21 24.48
CA VAL D 82 -6.44 -15.60 23.15
C VAL D 82 -6.51 -14.36 22.28
N VAL D 83 -6.03 -14.48 21.05
CA VAL D 83 -5.95 -13.37 20.11
C VAL D 83 -6.65 -13.77 18.82
N SER D 84 -7.52 -12.89 18.33
CA SER D 84 -8.19 -13.09 17.05
C SER D 84 -7.84 -11.92 16.14
N VAL D 85 -7.63 -12.22 14.86
CA VAL D 85 -7.16 -11.23 13.89
C VAL D 85 -8.13 -11.22 12.72
N LEU D 86 -8.51 -10.02 12.28
CA LEU D 86 -9.41 -9.84 11.16
C LEU D 86 -8.72 -9.02 10.08
N THR D 87 -8.53 -9.62 8.91
CA THR D 87 -7.93 -8.91 7.78
C THR D 87 -8.95 -7.92 7.22
N VAL D 88 -8.50 -6.70 6.95
CA VAL D 88 -9.37 -5.64 6.46
C VAL D 88 -8.97 -5.26 5.05
N LEU D 89 -9.93 -4.72 4.31
CA LEU D 89 -9.65 -4.25 2.96
C LEU D 89 -9.08 -2.84 3.01
N HIS D 90 -8.18 -2.55 2.08
CA HIS D 90 -7.50 -1.25 2.08
C HIS D 90 -8.50 -0.11 1.94
N GLN D 91 -9.47 -0.24 1.03
CA GLN D 91 -10.44 0.82 0.83
C GLN D 91 -11.37 0.98 2.03
N ASP D 92 -11.67 -0.12 2.72
CA ASP D 92 -12.58 -0.04 3.87
C ASP D 92 -11.98 0.79 4.99
N TRP D 93 -10.73 0.52 5.35
CA TRP D 93 -10.10 1.23 6.47
C TRP D 93 -9.90 2.70 6.12
N LEU D 94 -9.43 3.00 4.91
CA LEU D 94 -9.21 4.38 4.51
C LEU D 94 -10.51 5.16 4.38
N ASN D 95 -11.64 4.48 4.19
CA ASN D 95 -12.94 5.14 4.13
C ASN D 95 -13.58 5.29 5.50
N GLY D 96 -12.88 4.94 6.56
CA GLY D 96 -13.38 5.18 7.90
C GLY D 96 -14.43 4.21 8.39
N LYS D 97 -14.43 2.98 7.89
CA LYS D 97 -15.34 1.97 8.40
C LYS D 97 -14.88 1.51 9.79
N GLU D 98 -15.83 1.38 10.70
CA GLU D 98 -15.53 1.05 12.09
C GLU D 98 -15.45 -0.46 12.28
N TYR D 99 -14.57 -0.90 13.17
CA TYR D 99 -14.39 -2.33 13.42
C TYR D 99 -14.70 -2.65 14.88
N GLU D 100 -15.58 -3.63 15.07
CA GLU D 100 -16.08 -4.05 16.37
C GLU D 100 -15.67 -5.49 16.65
N CYS D 101 -15.11 -5.71 17.84
CA CYS D 101 -14.81 -7.04 18.36
C CYS D 101 -15.75 -7.34 19.53
N LYS D 102 -16.48 -8.45 19.43
CA LYS D 102 -17.40 -8.88 20.48
C LYS D 102 -16.85 -10.17 21.09
N VAL D 103 -16.29 -10.05 22.29
CA VAL D 103 -15.73 -11.18 23.02
C VAL D 103 -16.78 -11.69 24.00
N SER D 104 -17.16 -12.96 23.86
CA SER D 104 -18.16 -13.58 24.73
C SER D 104 -17.51 -14.75 25.46
N ASN D 105 -17.66 -14.77 26.78
CA ASN D 105 -17.11 -15.83 27.61
C ASN D 105 -18.06 -16.04 28.79
N LYS D 106 -17.68 -16.94 29.70
CA LYS D 106 -18.47 -17.21 30.89
C LYS D 106 -18.21 -16.22 32.02
N ALA D 107 -16.98 -15.75 32.18
CA ALA D 107 -16.66 -14.79 33.23
C ALA D 107 -17.29 -13.43 33.00
N LEU D 108 -17.74 -13.14 31.77
CA LEU D 108 -18.39 -11.89 31.42
C LEU D 108 -19.86 -12.10 31.14
N PRO D 109 -20.74 -11.22 31.66
CA PRO D 109 -22.20 -11.24 31.47
C PRO D 109 -22.63 -11.57 30.05
N PRO D 111 -21.04 -10.20 27.53
CA PRO D 111 -19.87 -10.03 26.66
C PRO D 111 -19.37 -8.58 26.64
N ILE D 112 -18.16 -8.38 26.12
CA ILE D 112 -17.57 -7.06 25.98
C ILE D 112 -17.51 -6.71 24.50
N GLU D 113 -17.83 -5.45 24.18
CA GLU D 113 -17.83 -4.98 22.79
C GLU D 113 -17.01 -3.70 22.70
N LYS D 114 -15.97 -3.73 21.88
CA LYS D 114 -15.12 -2.57 21.61
C LYS D 114 -15.07 -2.33 20.11
N THR D 115 -15.13 -1.06 19.72
CA THR D 115 -15.18 -0.67 18.32
C THR D 115 -14.05 0.29 18.00
N ILE D 116 -13.37 0.06 16.88
CA ILE D 116 -12.23 0.85 16.45
C ILE D 116 -12.36 1.19 14.97
N SER D 117 -11.75 2.31 14.57
CA SER D 117 -11.76 2.76 13.18
C SER D 117 -10.64 3.76 13.00
N LYS D 118 -10.45 4.20 11.76
CA LYS D 118 -9.50 5.25 11.48
C LYS D 118 -9.97 6.56 12.12
N ALA D 119 -9.01 7.41 12.45
CA ALA D 119 -9.35 8.67 13.12
C ALA D 119 -10.15 9.57 12.19
N LYS D 120 -11.27 10.08 12.69
CA LYS D 120 -12.13 10.93 11.89
C LYS D 120 -11.61 12.35 11.89
N GLY D 121 -12.21 13.19 11.06
CA GLY D 121 -11.80 14.57 10.93
C GLY D 121 -11.19 14.85 9.57
N GLN D 122 -11.18 16.13 9.21
CA GLN D 122 -10.68 16.53 7.90
C GLN D 122 -9.19 16.21 7.78
N PRO D 123 -8.79 15.41 6.80
CA PRO D 123 -7.36 15.09 6.65
C PRO D 123 -6.54 16.31 6.26
N ARG D 124 -5.31 16.35 6.75
CA ARG D 124 -4.35 17.39 6.41
C ARG D 124 -3.09 16.78 5.84
N GLU D 125 -2.57 17.38 4.78
CA GLU D 125 -1.41 16.81 4.11
C GLU D 125 -0.12 17.18 4.84
N PRO D 126 0.78 16.22 5.06
CA PRO D 126 2.02 16.52 5.80
C PRO D 126 2.98 17.40 5.01
N GLN D 127 3.64 18.31 5.73
CA GLN D 127 4.74 19.10 5.20
C GLN D 127 6.05 18.40 5.56
N VAL D 128 6.86 18.09 4.55
CA VAL D 128 8.08 17.32 4.73
C VAL D 128 9.28 18.21 4.42
N TYR D 129 10.18 18.35 5.39
CA TYR D 129 11.43 19.08 5.22
C TYR D 129 12.57 18.22 5.72
N THR D 130 13.69 18.22 4.99
CA THR D 130 14.89 17.52 5.41
C THR D 130 15.88 18.51 6.00
N LEU D 131 16.62 18.08 7.02
CA LEU D 131 17.59 18.91 7.72
C LEU D 131 18.95 18.23 7.73
N PRO D 132 20.00 18.90 7.27
CA PRO D 132 21.33 18.31 7.29
C PRO D 132 21.87 18.23 8.71
N PRO D 133 22.92 17.45 8.95
CA PRO D 133 23.49 17.38 10.30
C PRO D 133 24.07 18.72 10.73
N SER D 134 24.08 18.94 12.04
CA SER D 134 24.65 20.17 12.59
C SER D 134 26.17 20.20 12.40
N ARG D 135 26.71 21.42 12.36
CA ARG D 135 28.16 21.57 12.23
C ARG D 135 28.89 20.95 13.40
N ASP D 136 28.29 21.02 14.60
CA ASP D 136 28.92 20.46 15.79
C ASP D 136 28.99 18.94 15.77
N GLU D 137 28.15 18.28 14.97
CA GLU D 137 28.19 16.82 14.90
C GLU D 137 29.24 16.32 13.93
N LEU D 138 29.78 17.18 13.07
CA LEU D 138 30.81 16.76 12.12
C LEU D 138 32.08 16.32 12.82
N THR D 139 32.28 16.71 14.08
CA THR D 139 33.43 16.26 14.84
C THR D 139 33.36 14.77 15.17
N LYS D 140 32.17 14.18 15.13
CA LYS D 140 32.00 12.77 15.39
C LYS D 140 32.17 11.96 14.11
N ASN D 141 32.24 10.64 14.27
CA ASN D 141 32.45 9.75 13.14
C ASN D 141 31.18 9.49 12.34
N GLN D 142 30.00 9.77 12.91
CA GLN D 142 28.74 9.59 12.24
C GLN D 142 27.88 10.83 12.39
N VAL D 143 27.10 11.11 11.35
CA VAL D 143 26.24 12.29 11.31
C VAL D 143 24.79 11.84 11.33
N SER D 144 23.91 12.75 11.73
CA SER D 144 22.48 12.48 11.87
C SER D 144 21.71 13.30 10.85
N LEU D 145 21.07 12.62 9.89
CA LEU D 145 20.23 13.27 8.89
C LEU D 145 18.78 13.26 9.37
N THR D 146 18.17 14.44 9.40
CA THR D 146 16.86 14.65 10.02
C THR D 146 15.80 14.93 8.97
N CYS D 147 14.61 14.36 9.16
CA CYS D 147 13.46 14.59 8.30
C CYS D 147 12.28 15.03 9.16
N LEU D 148 11.84 16.26 8.97
CA LEU D 148 10.71 16.83 9.70
C LEU D 148 9.44 16.67 8.88
N VAL D 149 8.44 16.02 9.45
CA VAL D 149 7.15 15.79 8.81
C VAL D 149 6.09 16.40 9.73
N LYS D 150 5.60 17.58 9.39
CA LYS D 150 4.75 18.36 10.28
C LYS D 150 3.40 18.64 9.65
N GLY D 151 2.40 18.82 10.52
CA GLY D 151 1.10 19.29 10.12
C GLY D 151 0.28 18.30 9.33
N PHE D 152 0.20 17.06 9.82
CA PHE D 152 -0.56 16.02 9.15
C PHE D 152 -1.66 15.49 10.05
N TYR D 153 -2.69 14.96 9.41
CA TYR D 153 -3.85 14.39 10.08
C TYR D 153 -4.52 13.39 9.15
N PRO D 154 -4.87 12.20 9.68
CA PRO D 154 -4.66 11.77 11.06
C PRO D 154 -3.22 11.34 11.35
N SER D 155 -3.00 10.76 12.53
CA SER D 155 -1.65 10.39 12.92
C SER D 155 -1.11 9.19 12.15
N ASP D 156 -1.99 8.42 11.51
CA ASP D 156 -1.56 7.26 10.74
C ASP D 156 -0.63 7.68 9.61
N ILE D 157 0.62 7.25 9.68
CA ILE D 157 1.65 7.72 8.75
C ILE D 157 2.78 6.70 8.72
N ALA D 158 3.68 6.83 7.74
CA ALA D 158 4.83 5.95 7.63
C ALA D 158 5.99 6.72 7.01
N VAL D 159 7.17 6.60 7.62
CA VAL D 159 8.36 7.29 7.15
C VAL D 159 9.44 6.24 6.88
N GLU D 160 10.13 6.39 5.74
CA GLU D 160 11.19 5.47 5.37
C GLU D 160 12.33 6.27 4.72
N TRP D 161 13.52 5.67 4.75
CA TRP D 161 14.73 6.29 4.20
C TRP D 161 15.31 5.42 3.10
N GLU D 162 15.83 6.08 2.05
CA GLU D 162 16.45 5.39 0.93
C GLU D 162 17.57 6.25 0.37
N SER D 163 18.61 5.60 -0.14
CA SER D 163 19.76 6.29 -0.72
C SER D 163 20.28 5.52 -1.93
N ASN D 164 20.52 6.25 -3.03
CA ASN D 164 21.06 5.67 -4.26
C ASN D 164 20.22 4.48 -4.75
N GLY D 165 18.91 4.56 -4.54
CA GLY D 165 18.00 3.54 -5.00
C GLY D 165 17.81 2.38 -4.05
N ARG D 166 18.59 2.30 -2.99
CA ARG D 166 18.48 1.25 -2.00
C ARG D 166 18.00 1.80 -0.67
N PRO D 167 17.22 1.05 0.09
CA PRO D 167 16.76 1.53 1.40
C PRO D 167 17.93 1.68 2.36
N GLU D 168 17.68 2.42 3.44
CA GLU D 168 18.67 2.63 4.49
C GLU D 168 18.28 1.86 5.74
N ASN D 169 19.30 1.43 6.49
CA ASN D 169 19.09 0.53 7.61
C ASN D 169 18.93 1.27 8.94
N ASN D 170 19.82 2.21 9.23
CA ASN D 170 19.93 2.81 10.57
C ASN D 170 19.08 4.08 10.63
N TYR D 171 17.80 3.92 10.95
CA TYR D 171 16.96 5.09 11.20
C TYR D 171 15.93 4.77 12.27
N LYS D 172 15.50 5.83 12.97
CA LYS D 172 14.46 5.74 13.99
C LYS D 172 13.53 6.93 13.82
N THR D 173 12.30 6.79 14.27
CA THR D 173 11.30 7.82 14.07
C THR D 173 10.48 8.03 15.33
N THR D 174 10.33 9.29 15.74
CA THR D 174 9.53 9.61 16.90
C THR D 174 8.06 9.30 16.64
N PRO D 175 7.28 9.03 17.68
CA PRO D 175 5.83 8.91 17.50
C PRO D 175 5.24 10.24 17.08
N PRO D 176 4.03 10.23 16.49
CA PRO D 176 3.39 11.50 16.15
C PRO D 176 3.07 12.29 17.42
N VAL D 177 3.32 13.59 17.36
CA VAL D 177 3.13 14.48 18.50
C VAL D 177 2.07 15.51 18.13
N LEU D 178 1.08 15.67 19.00
CA LEU D 178 0.02 16.65 18.77
C LEU D 178 0.61 18.05 18.84
N ASP D 179 0.52 18.79 17.74
CA ASP D 179 1.06 20.14 17.67
C ASP D 179 0.06 21.13 18.25
N SER D 180 0.40 22.43 18.17
CA SER D 180 -0.45 23.45 18.77
C SER D 180 -1.75 23.63 17.99
N ASP D 181 -1.72 23.48 16.66
CA ASP D 181 -2.89 23.72 15.83
C ASP D 181 -3.75 22.47 15.64
N GLY D 182 -3.64 21.48 16.53
CA GLY D 182 -4.43 20.28 16.43
C GLY D 182 -3.98 19.26 15.41
N SER D 183 -2.92 19.55 14.65
CA SER D 183 -2.37 18.59 13.70
C SER D 183 -1.28 17.78 14.37
N PHE D 184 -0.51 17.01 13.60
CA PHE D 184 0.53 16.18 14.15
C PHE D 184 1.85 16.49 13.46
N PHE D 185 2.95 16.21 14.16
CA PHE D 185 4.28 16.30 13.58
C PHE D 185 5.14 15.18 14.17
N LEU D 186 6.27 14.93 13.51
CA LEU D 186 7.23 13.96 14.01
C LEU D 186 8.58 14.25 13.37
N TYR D 187 9.58 13.52 13.82
CA TYR D 187 10.93 13.59 13.28
C TYR D 187 11.46 12.19 13.01
N SER D 188 12.28 12.08 11.97
CA SER D 188 12.96 10.85 11.62
C SER D 188 14.45 11.11 11.55
N LYS D 189 15.23 10.28 12.24
CA LYS D 189 16.66 10.46 12.38
C LYS D 189 17.38 9.34 11.64
N LEU D 190 18.15 9.70 10.62
CA LEU D 190 18.97 8.75 9.88
C LEU D 190 20.44 8.93 10.24
N THR D 191 21.07 7.83 10.66
CA THR D 191 22.48 7.84 11.05
C THR D 191 23.28 7.11 9.96
N VAL D 192 24.13 7.86 9.26
CA VAL D 192 25.00 7.31 8.23
C VAL D 192 26.44 7.66 8.56
N ASP D 193 27.36 6.94 7.92
CA ASP D 193 28.78 7.21 8.11
C ASP D 193 29.12 8.60 7.60
N LYS D 194 30.05 9.27 8.30
CA LYS D 194 30.45 10.62 7.93
C LYS D 194 31.08 10.66 6.54
N SER D 195 31.79 9.60 6.16
CA SER D 195 32.41 9.55 4.83
C SER D 195 31.35 9.62 3.74
N ARG D 196 30.22 8.93 3.93
CA ARG D 196 29.16 8.95 2.92
C ARG D 196 28.58 10.36 2.75
N TRP D 197 28.41 11.09 3.86
CA TRP D 197 27.82 12.41 3.76
C TRP D 197 28.76 13.43 3.12
N GLN D 198 30.05 13.37 3.47
CA GLN D 198 31.01 14.34 2.94
C GLN D 198 31.30 14.13 1.46
N GLN D 199 31.12 12.92 0.94
CA GLN D 199 31.38 12.66 -0.47
C GLN D 199 30.26 13.13 -1.39
N GLY D 200 29.09 13.44 -0.86
CA GLY D 200 28.01 14.00 -1.65
C GLY D 200 26.89 13.04 -2.02
N ASN D 201 26.78 11.90 -1.35
CA ASN D 201 25.69 10.97 -1.62
C ASN D 201 24.35 11.62 -1.32
N VAL D 202 23.33 11.23 -2.08
CA VAL D 202 21.99 11.80 -1.96
C VAL D 202 21.10 10.82 -1.21
N PHE D 203 20.47 11.31 -0.14
CA PHE D 203 19.52 10.54 0.65
C PHE D 203 18.14 11.15 0.50
N SER D 204 17.12 10.29 0.53
CA SER D 204 15.75 10.72 0.33
C SER D 204 14.88 10.25 1.47
N CYS D 205 13.98 11.13 1.90
CA CYS D 205 13.01 10.83 2.95
C CYS D 205 11.69 10.48 2.30
N SER D 206 11.19 9.27 2.57
CA SER D 206 9.95 8.80 1.99
C SER D 206 8.85 8.89 3.05
N VAL D 207 7.81 9.66 2.75
CA VAL D 207 6.69 9.85 3.66
C VAL D 207 5.43 9.39 2.94
N MET D 208 4.59 8.65 3.65
CA MET D 208 3.37 8.06 3.08
C MET D 208 2.19 8.42 3.98
N HIS D 209 1.30 9.27 3.49
CA HIS D 209 0.15 9.70 4.25
C HIS D 209 -1.05 9.72 3.32
N GLU D 210 -2.24 9.48 3.88
CA GLU D 210 -3.45 9.37 3.07
C GLU D 210 -3.77 10.68 2.35
N ALA D 211 -3.47 11.81 2.97
CA ALA D 211 -3.79 13.11 2.38
C ALA D 211 -2.77 13.56 1.35
N LEU D 212 -1.79 12.72 1.03
CA LEU D 212 -0.77 13.05 0.03
C LEU D 212 -1.22 12.60 -1.35
N HIS D 213 -0.71 13.28 -2.38
CA HIS D 213 -0.98 12.87 -3.74
C HIS D 213 -0.36 11.50 -3.99
N ASN D 214 -1.18 10.57 -4.48
CA ASN D 214 -0.79 9.16 -4.64
C ASN D 214 -0.32 8.54 -3.32
N HIS D 215 -0.76 9.11 -2.19
CA HIS D 215 -0.41 8.62 -0.86
C HIS D 215 1.10 8.60 -0.62
N TYR D 216 1.81 9.53 -1.26
CA TYR D 216 3.27 9.51 -1.22
C TYR D 216 3.83 10.90 -1.51
N THR D 217 4.95 11.19 -0.86
CA THR D 217 5.74 12.38 -1.15
C THR D 217 7.19 12.06 -0.79
N GLN D 218 8.10 12.85 -1.36
CA GLN D 218 9.52 12.59 -1.16
C GLN D 218 10.27 13.92 -1.02
N LYS D 219 11.31 13.90 -0.20
CA LYS D 219 12.23 15.02 -0.06
C LYS D 219 13.65 14.50 0.02
N SER D 220 14.55 15.09 -0.76
CA SER D 220 15.93 14.65 -0.85
C SER D 220 16.82 15.51 0.03
N LEU D 221 18.03 14.99 0.30
CA LEU D 221 18.96 15.65 1.21
C LEU D 221 20.38 15.28 0.80
N SER D 222 21.21 16.30 0.54
CA SER D 222 22.59 16.08 0.12
C SER D 222 23.41 17.32 0.46
N LEU D 223 24.73 17.15 0.45
CA LEU D 223 25.64 18.24 0.77
C LEU D 223 25.74 19.25 -0.38
N GLY E 17 -40.13 -13.25 15.27
CA GLY E 17 -39.42 -12.36 16.19
C GLY E 17 -39.56 -10.90 15.83
N PRO E 18 -39.32 -10.02 16.80
CA PRO E 18 -39.41 -8.58 16.52
C PRO E 18 -38.29 -8.12 15.60
N SER E 19 -38.66 -7.40 14.54
CA SER E 19 -37.72 -6.84 13.60
C SER E 19 -37.41 -5.39 13.95
N VAL E 20 -36.17 -4.98 13.69
CA VAL E 20 -35.69 -3.63 13.98
C VAL E 20 -35.17 -3.01 12.69
N PHE E 21 -35.48 -1.73 12.49
CA PHE E 21 -35.01 -1.00 11.32
C PHE E 21 -34.55 0.38 11.76
N LEU E 22 -33.27 0.68 11.52
CA LEU E 22 -32.71 1.98 11.83
C LEU E 22 -32.83 2.90 10.62
N PHE E 23 -33.00 4.19 10.88
CA PHE E 23 -33.23 5.14 9.81
C PHE E 23 -32.36 6.37 9.97
N PRO E 24 -31.75 6.85 8.89
CA PRO E 24 -30.87 8.01 8.97
C PRO E 24 -31.69 9.29 8.97
N PRO E 25 -31.09 10.41 9.39
CA PRO E 25 -31.80 11.69 9.31
C PRO E 25 -32.01 12.12 7.87
N LYS E 26 -32.96 13.03 7.68
CA LYS E 26 -33.21 13.54 6.36
C LYS E 26 -31.97 14.31 5.88
N PRO E 27 -31.57 14.15 4.61
CA PRO E 27 -30.35 14.80 4.15
C PRO E 27 -30.36 16.31 4.28
N LYS E 28 -31.53 16.95 4.19
CA LYS E 28 -31.60 18.39 4.37
C LYS E 28 -31.23 18.79 5.80
N ASP E 29 -31.69 18.02 6.79
CA ASP E 29 -31.43 18.37 8.18
C ASP E 29 -29.95 18.28 8.53
N THR E 30 -29.20 17.39 7.87
CA THR E 30 -27.80 17.19 8.20
C THR E 30 -26.90 18.31 7.67
N LEU E 31 -27.38 19.12 6.72
CA LEU E 31 -26.57 20.15 6.10
C LEU E 31 -27.02 21.57 6.42
N MET E 32 -28.26 21.75 6.88
CA MET E 32 -28.77 23.06 7.21
C MET E 32 -28.85 23.20 8.72
N ILE E 33 -28.32 24.32 9.24
CA ILE E 33 -28.33 24.57 10.68
C ILE E 33 -29.70 25.01 11.18
N SER E 34 -30.69 25.10 10.30
CA SER E 34 -32.03 25.51 10.66
C SER E 34 -32.93 24.35 11.02
N ARG E 35 -32.41 23.12 10.94
CA ARG E 35 -33.19 21.93 11.21
C ARG E 35 -32.43 21.02 12.16
N THR E 36 -33.18 20.20 12.89
CA THR E 36 -32.60 19.30 13.88
C THR E 36 -32.57 17.88 13.33
N PRO E 37 -31.41 17.26 13.18
CA PRO E 37 -31.35 15.92 12.62
C PRO E 37 -31.60 14.84 13.67
N GLU E 38 -32.38 13.83 13.27
CA GLU E 38 -32.77 12.75 14.16
C GLU E 38 -32.57 11.41 13.48
N VAL E 39 -32.00 10.47 14.22
CA VAL E 39 -31.91 9.08 13.80
C VAL E 39 -33.06 8.33 14.47
N THR E 40 -33.88 7.65 13.66
CA THR E 40 -35.09 7.00 14.15
C THR E 40 -34.89 5.49 14.18
N CYS E 41 -35.24 4.87 15.29
CA CYS E 41 -35.12 3.42 15.48
C CYS E 41 -36.50 2.83 15.71
N VAL E 42 -37.01 2.12 14.71
CA VAL E 42 -38.35 1.55 14.74
C VAL E 42 -38.25 0.04 14.96
N VAL E 43 -39.07 -0.48 15.87
CA VAL E 43 -39.13 -1.90 16.17
C VAL E 43 -40.53 -2.41 15.83
N VAL E 44 -40.62 -3.30 14.86
CA VAL E 44 -41.88 -3.87 14.41
C VAL E 44 -41.97 -5.33 14.83
N ASP E 45 -43.14 -5.92 14.59
CA ASP E 45 -43.41 -7.33 14.91
C ASP E 45 -43.16 -7.62 16.39
N VAL E 46 -43.61 -6.72 17.26
CA VAL E 46 -43.47 -6.92 18.69
C VAL E 46 -44.55 -7.91 19.12
N SER E 47 -44.13 -9.10 19.55
CA SER E 47 -45.07 -10.12 19.97
C SER E 47 -45.82 -9.65 21.21
N HIS E 48 -47.15 -9.79 21.18
CA HIS E 48 -47.95 -9.32 22.31
C HIS E 48 -47.67 -10.10 23.59
N GLU E 49 -47.15 -11.32 23.49
CA GLU E 49 -46.83 -12.07 24.69
C GLU E 49 -45.71 -11.39 25.47
N ASP E 50 -44.79 -10.74 24.77
CA ASP E 50 -43.70 -9.98 25.38
C ASP E 50 -43.68 -8.60 24.72
N PRO E 51 -44.43 -7.64 25.27
CA PRO E 51 -44.52 -6.32 24.64
C PRO E 51 -43.47 -5.31 25.11
N GLU E 52 -42.75 -5.60 26.18
CA GLU E 52 -41.74 -4.67 26.67
C GLU E 52 -40.54 -4.64 25.74
N VAL E 53 -40.07 -3.44 25.40
CA VAL E 53 -38.92 -3.26 24.53
C VAL E 53 -37.90 -2.38 25.23
N LYS E 54 -36.62 -2.69 25.03
CA LYS E 54 -35.51 -1.96 25.64
C LYS E 54 -34.61 -1.41 24.55
N PHE E 55 -34.30 -0.11 24.64
CA PHE E 55 -33.49 0.58 23.66
C PHE E 55 -32.14 0.98 24.27
N ASN E 56 -31.06 0.57 23.61
CA ASN E 56 -29.70 0.96 23.98
C ASN E 56 -29.06 1.70 22.81
N TRP E 57 -28.70 2.96 23.02
CA TRP E 57 -28.13 3.80 21.96
C TRP E 57 -26.62 3.92 22.14
N TYR E 58 -25.88 3.64 21.08
CA TYR E 58 -24.42 3.70 21.08
C TYR E 58 -23.98 4.67 19.99
N VAL E 59 -23.25 5.72 20.38
CA VAL E 59 -22.73 6.71 19.44
C VAL E 59 -21.25 6.40 19.22
N ASP E 60 -20.95 5.73 18.11
CA ASP E 60 -19.58 5.37 17.72
C ASP E 60 -18.91 4.49 18.78
N GLY E 61 -19.70 3.74 19.54
CA GLY E 61 -19.15 2.85 20.54
C GLY E 61 -19.53 3.23 21.96
N VAL E 62 -19.49 4.52 22.26
CA VAL E 62 -19.87 5.02 23.59
C VAL E 62 -21.39 5.08 23.68
N GLU E 63 -21.94 4.56 24.77
CA GLU E 63 -23.38 4.58 24.94
C GLU E 63 -23.87 5.99 25.23
N VAL E 64 -25.04 6.32 24.71
CA VAL E 64 -25.66 7.63 24.89
C VAL E 64 -26.95 7.46 25.66
N HIS E 65 -27.28 8.47 26.48
CA HIS E 65 -28.46 8.44 27.32
C HIS E 65 -29.24 9.73 27.20
N ASN E 66 -29.31 10.28 25.98
CA ASN E 66 -30.05 11.51 25.71
C ASN E 66 -31.11 11.30 24.63
N ALA E 67 -31.71 10.12 24.57
CA ALA E 67 -32.70 9.79 23.57
C ALA E 67 -34.11 9.89 24.14
N LYS E 68 -35.08 9.97 23.24
CA LYS E 68 -36.49 9.99 23.60
C LYS E 68 -37.21 8.88 22.83
N THR E 69 -38.08 8.16 23.52
CA THR E 69 -38.81 7.04 22.95
C THR E 69 -40.30 7.38 22.86
N LYS E 70 -40.83 7.37 21.64
CA LYS E 70 -42.24 7.60 21.44
C LYS E 70 -43.05 6.45 22.03
N PRO E 71 -44.30 6.70 22.39
CA PRO E 71 -45.12 5.64 23.01
C PRO E 71 -45.40 4.51 22.03
N ARG E 72 -45.76 3.35 22.58
CA ARG E 72 -46.08 2.19 21.76
C ARG E 72 -47.30 2.49 20.89
N GLU E 73 -47.32 1.88 19.71
CA GLU E 73 -48.41 2.05 18.75
C GLU E 73 -48.89 0.68 18.29
N GLU E 74 -50.15 0.38 18.59
CA GLU E 74 -50.73 -0.89 18.19
C GLU E 74 -51.17 -0.86 16.74
N GLN E 75 -50.73 -1.87 15.97
CA GLN E 75 -51.02 -1.91 14.55
C GLN E 75 -52.26 -2.76 14.26
N TYR E 76 -52.75 -2.66 13.02
CA TYR E 76 -53.93 -3.43 12.64
C TYR E 76 -53.64 -4.92 12.51
N ASN E 77 -52.41 -5.32 12.14
CA ASN E 77 -52.11 -6.74 12.06
C ASN E 77 -51.79 -7.33 13.43
N SER E 78 -52.32 -6.72 14.49
CA SER E 78 -52.26 -7.26 15.84
C SER E 78 -50.82 -7.32 16.39
N THR E 79 -50.00 -6.33 16.04
CA THR E 79 -48.65 -6.22 16.57
C THR E 79 -48.42 -4.79 17.06
N TYR E 80 -47.42 -4.65 17.93
CA TYR E 80 -47.02 -3.34 18.43
C TYR E 80 -45.92 -2.74 17.56
N ARG E 81 -45.63 -1.46 17.80
CA ARG E 81 -44.57 -0.76 17.06
C ARG E 81 -44.03 0.34 17.96
N VAL E 82 -42.80 0.17 18.44
CA VAL E 82 -42.16 1.10 19.35
C VAL E 82 -41.04 1.81 18.59
N VAL E 83 -41.05 3.14 18.63
CA VAL E 83 -40.08 3.96 17.92
C VAL E 83 -39.33 4.82 18.92
N SER E 84 -38.01 4.86 18.80
CA SER E 84 -37.16 5.72 19.61
C SER E 84 -36.33 6.61 18.69
N VAL E 85 -36.25 7.89 19.03
CA VAL E 85 -35.59 8.89 18.20
C VAL E 85 -34.44 9.49 18.98
N LEU E 86 -33.28 9.63 18.32
CA LEU E 86 -32.09 10.21 18.94
C LEU E 86 -31.65 11.44 18.16
N THR E 87 -31.63 12.58 18.84
CA THR E 87 -31.12 13.81 18.23
C THR E 87 -29.60 13.75 18.19
N VAL E 88 -29.03 14.09 17.02
CA VAL E 88 -27.60 13.99 16.79
C VAL E 88 -27.05 15.38 16.49
N LEU E 89 -25.75 15.54 16.72
CA LEU E 89 -25.08 16.80 16.42
C LEU E 89 -24.66 16.84 14.95
N HIS E 90 -24.78 18.04 14.36
CA HIS E 90 -24.45 18.20 12.94
C HIS E 90 -22.99 17.85 12.66
N GLN E 91 -22.08 18.26 13.54
CA GLN E 91 -20.66 17.99 13.31
C GLN E 91 -20.37 16.49 13.32
N ASP E 92 -21.02 15.75 14.21
CA ASP E 92 -20.75 14.33 14.34
C ASP E 92 -21.12 13.56 13.08
N TRP E 93 -22.26 13.91 12.47
CA TRP E 93 -22.70 13.17 11.30
C TRP E 93 -21.79 13.43 10.10
N LEU E 94 -21.35 14.68 9.91
CA LEU E 94 -20.53 15.01 8.76
C LEU E 94 -19.15 14.39 8.85
N ASN E 95 -18.68 14.05 10.05
CA ASN E 95 -17.38 13.43 10.22
C ASN E 95 -17.41 11.91 10.07
N GLY E 96 -18.59 11.32 9.93
CA GLY E 96 -18.70 9.89 9.75
C GLY E 96 -18.92 9.09 11.01
N LYS E 97 -19.32 9.72 12.10
CA LYS E 97 -19.57 8.99 13.34
C LYS E 97 -20.75 8.05 13.16
N GLU E 98 -20.61 6.84 13.68
CA GLU E 98 -21.63 5.80 13.57
C GLU E 98 -22.58 5.84 14.75
N TYR E 99 -23.85 5.54 14.48
CA TYR E 99 -24.90 5.49 15.50
C TYR E 99 -25.52 4.10 15.47
N GLU E 100 -25.53 3.43 16.62
CA GLU E 100 -26.02 2.06 16.72
C GLU E 100 -27.23 2.02 17.65
N CYS E 101 -28.28 1.36 17.20
CA CYS E 101 -29.48 1.12 18.01
C CYS E 101 -29.55 -0.35 18.36
N LYS E 102 -29.68 -0.64 19.66
CA LYS E 102 -29.77 -2.00 20.17
C LYS E 102 -31.12 -2.18 20.85
N VAL E 103 -31.99 -2.98 20.25
CA VAL E 103 -33.32 -3.25 20.78
C VAL E 103 -33.29 -4.62 21.46
N SER E 104 -33.92 -4.71 22.63
CA SER E 104 -33.93 -5.95 23.41
C SER E 104 -35.36 -6.29 23.77
N ASN E 105 -35.78 -7.53 23.49
CA ASN E 105 -37.15 -7.96 23.70
C ASN E 105 -37.17 -9.39 24.22
N LYS E 106 -38.16 -9.68 25.07
CA LYS E 106 -38.26 -11.03 25.62
C LYS E 106 -38.65 -12.03 24.54
N ALA E 107 -39.35 -11.57 23.51
CA ALA E 107 -39.71 -12.44 22.40
C ALA E 107 -38.59 -12.60 21.39
N LEU E 108 -37.42 -12.00 21.67
CA LEU E 108 -36.24 -12.10 20.84
C LEU E 108 -35.18 -12.90 21.59
N PRO E 109 -34.57 -13.92 20.96
CA PRO E 109 -33.58 -14.72 21.69
C PRO E 109 -32.39 -13.89 22.16
N ALA E 110 -31.75 -13.16 21.25
CA ALA E 110 -30.69 -12.23 21.57
C ALA E 110 -31.09 -10.83 21.10
N PRO E 111 -30.64 -9.79 21.81
CA PRO E 111 -30.97 -8.42 21.38
C PRO E 111 -30.48 -8.15 19.97
N ILE E 112 -31.35 -7.52 19.18
CA ILE E 112 -31.05 -7.15 17.80
C ILE E 112 -30.42 -5.77 17.78
N GLU E 113 -29.35 -5.62 17.01
CA GLU E 113 -28.59 -4.39 16.96
C GLU E 113 -28.43 -3.92 15.52
N LYS E 114 -28.73 -2.65 15.27
CA LYS E 114 -28.57 -2.03 13.97
C LYS E 114 -27.71 -0.80 14.11
N THR E 115 -27.05 -0.41 13.01
CA THR E 115 -26.13 0.71 13.02
C THR E 115 -26.28 1.52 11.74
N ILE E 116 -26.35 2.85 11.88
CA ILE E 116 -26.47 3.76 10.75
C ILE E 116 -25.40 4.83 10.87
N SER E 117 -24.95 5.32 9.73
CA SER E 117 -23.91 6.33 9.65
C SER E 117 -24.00 7.03 8.30
N LYS E 118 -23.25 8.12 8.17
CA LYS E 118 -23.20 8.80 6.87
C LYS E 118 -22.56 7.86 5.85
N ALA E 119 -22.97 8.03 4.58
CA ALA E 119 -22.42 7.20 3.52
C ALA E 119 -20.94 7.46 3.35
N LYS E 120 -20.15 6.39 3.37
CA LYS E 120 -18.70 6.52 3.33
C LYS E 120 -18.22 6.59 1.88
N GLY E 121 -16.96 6.98 1.71
CA GLY E 121 -16.41 7.15 0.38
C GLY E 121 -15.76 8.50 0.18
N GLN E 122 -14.96 8.62 -0.88
CA GLN E 122 -14.22 9.85 -1.15
C GLN E 122 -15.15 10.97 -1.58
N PRO E 123 -15.20 12.09 -0.87
CA PRO E 123 -16.11 13.17 -1.25
C PRO E 123 -15.77 13.73 -2.63
N ARG E 124 -16.80 14.14 -3.35
CA ARG E 124 -16.65 14.74 -4.67
C ARG E 124 -17.59 15.93 -4.78
N GLU E 125 -17.08 17.01 -5.37
CA GLU E 125 -17.76 18.31 -5.37
C GLU E 125 -18.80 18.37 -6.50
N PRO E 126 -20.03 18.78 -6.21
CA PRO E 126 -21.04 18.86 -7.26
C PRO E 126 -20.79 20.01 -8.22
N GLN E 127 -21.14 19.79 -9.48
CA GLN E 127 -21.16 20.83 -10.50
C GLN E 127 -22.59 21.27 -10.71
N VAL E 128 -22.85 22.56 -10.58
CA VAL E 128 -24.19 23.12 -10.63
C VAL E 128 -24.34 23.91 -11.92
N TYR E 129 -25.41 23.61 -12.67
CA TYR E 129 -25.72 24.30 -13.92
C TYR E 129 -27.20 24.62 -13.95
N THR E 130 -27.54 25.86 -14.30
CA THR E 130 -28.92 26.27 -14.49
C THR E 130 -29.29 26.22 -15.97
N LEU E 131 -30.54 25.89 -16.25
CA LEU E 131 -31.01 25.73 -17.61
C LEU E 131 -32.25 26.59 -17.83
N PRO E 132 -32.25 27.46 -18.84
CA PRO E 132 -33.42 28.29 -19.11
C PRO E 132 -34.54 27.47 -19.74
N PRO E 133 -35.77 27.98 -19.74
CA PRO E 133 -36.87 27.21 -20.34
C PRO E 133 -36.64 26.94 -21.81
N SER E 134 -37.20 25.83 -22.28
CA SER E 134 -37.10 25.48 -23.70
C SER E 134 -37.92 26.46 -24.54
N ARG E 135 -37.52 26.60 -25.80
CA ARG E 135 -38.25 27.47 -26.71
C ARG E 135 -39.70 27.03 -26.86
N ASP E 136 -39.96 25.73 -26.76
CA ASP E 136 -41.31 25.21 -26.90
C ASP E 136 -42.17 25.45 -25.65
N GLU E 137 -41.56 25.63 -24.48
CA GLU E 137 -42.34 25.80 -23.27
C GLU E 137 -42.85 27.22 -23.10
N LEU E 138 -42.29 28.17 -23.85
CA LEU E 138 -42.70 29.57 -23.75
C LEU E 138 -44.13 29.79 -24.23
N THR E 139 -44.75 28.79 -24.86
CA THR E 139 -46.15 28.92 -25.25
C THR E 139 -47.05 28.92 -24.03
N LYS E 140 -46.71 28.12 -23.02
CA LYS E 140 -47.53 28.04 -21.82
C LYS E 140 -47.36 29.30 -20.98
N ASN E 141 -48.27 29.47 -20.02
CA ASN E 141 -48.21 30.63 -19.14
C ASN E 141 -47.18 30.50 -18.04
N GLN E 142 -46.75 29.29 -17.72
CA GLN E 142 -45.70 29.04 -16.73
C GLN E 142 -44.54 28.32 -17.39
N VAL E 143 -43.33 28.78 -17.09
CA VAL E 143 -42.12 28.18 -17.64
C VAL E 143 -41.37 27.48 -16.52
N SER E 144 -40.53 26.52 -16.90
CA SER E 144 -39.81 25.68 -15.95
C SER E 144 -38.35 26.09 -15.91
N LEU E 145 -37.86 26.42 -14.72
CA LEU E 145 -36.45 26.75 -14.50
C LEU E 145 -35.74 25.51 -13.95
N THR E 146 -34.74 25.04 -14.68
CA THR E 146 -34.04 23.79 -14.36
C THR E 146 -32.62 24.08 -13.87
N CYS E 147 -32.22 23.35 -12.82
CA CYS E 147 -30.89 23.44 -12.24
C CYS E 147 -30.29 22.03 -12.21
N LEU E 148 -29.20 21.81 -12.92
CA LEU E 148 -28.56 20.51 -12.95
C LEU E 148 -27.41 20.49 -11.96
N VAL E 149 -27.44 19.50 -11.06
CA VAL E 149 -26.40 19.32 -10.05
C VAL E 149 -25.88 17.90 -10.22
N LYS E 150 -24.68 17.76 -10.77
CA LYS E 150 -24.12 16.46 -11.13
C LYS E 150 -22.73 16.28 -10.52
N GLY E 151 -22.32 15.03 -10.44
CA GLY E 151 -20.97 14.68 -10.02
C GLY E 151 -20.66 14.90 -8.56
N PHE E 152 -21.58 14.56 -7.67
CA PHE E 152 -21.38 14.76 -6.24
C PHE E 152 -21.49 13.45 -5.48
N TYR E 153 -20.72 13.35 -4.41
CA TYR E 153 -20.78 12.22 -3.50
C TYR E 153 -20.45 12.70 -2.08
N PRO E 154 -21.26 12.29 -1.10
CA PRO E 154 -22.39 11.36 -1.16
C PRO E 154 -23.68 12.01 -1.66
N SER E 155 -24.77 11.24 -1.61
CA SER E 155 -26.06 11.70 -2.13
C SER E 155 -26.68 12.78 -1.25
N ASP E 156 -26.33 12.83 0.03
CA ASP E 156 -26.88 13.83 0.94
C ASP E 156 -26.63 15.23 0.42
N ILE E 157 -27.71 15.95 0.12
CA ILE E 157 -27.61 17.25 -0.53
C ILE E 157 -28.91 18.00 -0.28
N ALA E 158 -28.89 19.32 -0.45
CA ALA E 158 -30.06 20.16 -0.27
C ALA E 158 -30.07 21.24 -1.33
N VAL E 159 -31.22 21.43 -1.99
CA VAL E 159 -31.37 22.38 -3.09
C VAL E 159 -32.54 23.30 -2.78
N GLU E 160 -32.34 24.60 -2.99
CA GLU E 160 -33.38 25.60 -2.80
C GLU E 160 -33.29 26.62 -3.92
N TRP E 161 -34.31 27.47 -4.00
CA TRP E 161 -34.39 28.54 -4.98
C TRP E 161 -34.69 29.85 -4.28
N GLU E 162 -34.34 30.96 -4.95
CA GLU E 162 -34.53 32.28 -4.38
C GLU E 162 -34.57 33.30 -5.50
N SER E 163 -35.39 34.34 -5.31
CA SER E 163 -35.55 35.41 -6.28
C SER E 163 -35.79 36.72 -5.56
N ASN E 164 -35.06 37.76 -5.95
CA ASN E 164 -35.17 39.09 -5.34
C ASN E 164 -34.97 39.03 -3.83
N GLY E 165 -33.99 38.25 -3.40
CA GLY E 165 -33.67 38.13 -1.99
C GLY E 165 -34.66 37.34 -1.17
N ARG E 166 -35.78 36.91 -1.75
CA ARG E 166 -36.76 36.11 -1.03
C ARG E 166 -36.82 34.72 -1.61
N PRO E 167 -37.00 33.69 -0.78
CA PRO E 167 -37.01 32.32 -1.31
C PRO E 167 -38.27 32.05 -2.13
N GLU E 168 -38.13 31.11 -3.07
CA GLU E 168 -39.25 30.65 -3.87
C GLU E 168 -39.57 29.20 -3.51
N ASN E 169 -40.83 28.94 -3.16
CA ASN E 169 -41.23 27.65 -2.62
C ASN E 169 -41.65 26.66 -3.69
N ASN E 170 -42.26 27.12 -4.79
CA ASN E 170 -42.87 26.23 -5.78
C ASN E 170 -41.77 25.62 -6.66
N TYR E 171 -41.06 24.65 -6.09
CA TYR E 171 -40.05 23.90 -6.81
C TYR E 171 -40.08 22.45 -6.35
N LYS E 172 -39.59 21.56 -7.22
CA LYS E 172 -39.45 20.15 -6.89
C LYS E 172 -38.13 19.63 -7.42
N THR E 173 -37.51 18.74 -6.64
CA THR E 173 -36.19 18.21 -6.93
C THR E 173 -36.26 16.70 -7.07
N THR E 174 -35.65 16.16 -8.12
CA THR E 174 -35.55 14.72 -8.25
C THR E 174 -34.59 14.17 -7.20
N PRO E 175 -34.78 12.92 -6.77
CA PRO E 175 -33.84 12.31 -5.84
C PRO E 175 -32.49 12.08 -6.51
N PRO E 176 -31.43 11.89 -5.72
CA PRO E 176 -30.12 11.62 -6.32
C PRO E 176 -30.15 10.34 -7.14
N VAL E 177 -29.51 10.40 -8.31
CA VAL E 177 -29.47 9.27 -9.24
C VAL E 177 -28.02 8.88 -9.45
N LEU E 178 -27.70 7.62 -9.21
CA LEU E 178 -26.34 7.13 -9.41
C LEU E 178 -25.99 7.17 -10.89
N ASP E 179 -24.95 7.93 -11.23
CA ASP E 179 -24.51 8.10 -12.60
C ASP E 179 -23.51 7.00 -12.95
N SER E 180 -22.89 7.11 -14.13
CA SER E 180 -22.03 6.03 -14.63
C SER E 180 -20.72 5.95 -13.86
N ASP E 181 -20.22 7.07 -13.33
CA ASP E 181 -18.93 7.11 -12.67
C ASP E 181 -19.03 6.97 -11.15
N GLY E 182 -20.14 6.43 -10.65
CA GLY E 182 -20.30 6.25 -9.22
C GLY E 182 -20.70 7.48 -8.45
N SER E 183 -20.77 8.64 -9.08
CA SER E 183 -21.23 9.85 -8.41
C SER E 183 -22.75 9.92 -8.50
N PHE E 184 -23.32 11.04 -8.06
CA PHE E 184 -24.76 11.25 -8.12
C PHE E 184 -25.07 12.52 -8.92
N PHE E 185 -26.30 12.57 -9.43
CA PHE E 185 -26.81 13.78 -10.07
C PHE E 185 -28.31 13.87 -9.78
N LEU E 186 -28.85 15.06 -9.98
CA LEU E 186 -30.28 15.28 -9.79
C LEU E 186 -30.70 16.55 -10.52
N TYR E 187 -32.00 16.82 -10.52
CA TYR E 187 -32.56 18.03 -11.07
C TYR E 187 -33.60 18.58 -10.11
N SER E 188 -33.74 19.91 -10.10
CA SER E 188 -34.77 20.60 -9.35
C SER E 188 -35.49 21.54 -10.30
N LYS E 189 -36.81 21.41 -10.41
CA LYS E 189 -37.60 22.17 -11.36
C LYS E 189 -38.35 23.27 -10.63
N LEU E 190 -38.08 24.52 -11.02
CA LEU E 190 -38.78 25.68 -10.46
C LEU E 190 -39.77 26.20 -11.48
N THR E 191 -41.04 26.26 -11.10
CA THR E 191 -42.11 26.73 -11.97
C THR E 191 -42.44 28.18 -11.61
N VAL E 192 -42.29 29.07 -12.59
CA VAL E 192 -42.57 30.49 -12.40
C VAL E 192 -43.41 30.97 -13.57
N ASP E 193 -44.11 32.08 -13.35
CA ASP E 193 -44.94 32.66 -14.39
C ASP E 193 -44.07 33.19 -15.52
N LYS E 194 -44.49 32.93 -16.76
CA LYS E 194 -43.73 33.40 -17.92
C LYS E 194 -43.59 34.92 -17.91
N SER E 195 -44.54 35.63 -17.30
CA SER E 195 -44.43 37.07 -17.19
C SER E 195 -43.25 37.46 -16.31
N ARG E 196 -43.02 36.73 -15.23
CA ARG E 196 -41.91 37.03 -14.33
C ARG E 196 -40.57 36.76 -15.03
N TRP E 197 -40.51 35.70 -15.84
CA TRP E 197 -39.27 35.39 -16.56
C TRP E 197 -39.00 36.39 -17.66
N GLN E 198 -40.05 36.90 -18.32
CA GLN E 198 -39.87 37.84 -19.42
C GLN E 198 -39.48 39.23 -18.93
N GLN E 199 -39.90 39.60 -17.71
CA GLN E 199 -39.56 40.90 -17.15
C GLN E 199 -38.09 41.03 -16.76
N GLY E 200 -37.31 39.96 -16.92
CA GLY E 200 -35.89 40.03 -16.61
C GLY E 200 -35.53 39.74 -15.18
N ASN E 201 -36.40 39.09 -14.42
CA ASN E 201 -36.10 38.77 -13.03
C ASN E 201 -34.98 37.74 -12.96
N VAL E 202 -34.18 37.84 -11.88
CA VAL E 202 -33.02 36.98 -11.67
C VAL E 202 -33.37 35.93 -10.64
N PHE E 203 -33.26 34.67 -11.02
CA PHE E 203 -33.49 33.53 -10.13
C PHE E 203 -32.16 32.85 -9.83
N SER E 204 -32.08 32.23 -8.65
CA SER E 204 -30.84 31.61 -8.20
C SER E 204 -31.10 30.22 -7.65
N CYS E 205 -30.26 29.26 -8.06
CA CYS E 205 -30.28 27.90 -7.56
C CYS E 205 -29.17 27.76 -6.54
N SER E 206 -29.52 27.53 -5.27
CA SER E 206 -28.56 27.43 -4.19
C SER E 206 -28.45 25.97 -3.75
N VAL E 207 -27.24 25.43 -3.77
CA VAL E 207 -26.98 24.03 -3.49
C VAL E 207 -26.07 23.93 -2.28
N MET E 208 -26.41 23.04 -1.35
CA MET E 208 -25.65 22.84 -0.13
C MET E 208 -25.18 21.40 -0.07
N HIS E 209 -23.86 21.19 -0.13
CA HIS E 209 -23.26 19.87 -0.14
C HIS E 209 -21.98 19.89 0.69
N GLU E 210 -21.68 18.75 1.32
CA GLU E 210 -20.56 18.68 2.24
C GLU E 210 -19.22 18.88 1.54
N ALA E 211 -19.14 18.58 0.25
CA ALA E 211 -17.90 18.69 -0.49
C ALA E 211 -17.69 20.06 -1.11
N LEU E 212 -18.60 21.00 -0.87
CA LEU E 212 -18.47 22.36 -1.37
C LEU E 212 -17.70 23.23 -0.38
N HIS E 213 -17.13 24.31 -0.90
CA HIS E 213 -16.49 25.30 -0.05
C HIS E 213 -17.58 26.02 0.75
N ASN E 214 -17.46 25.98 2.07
CA ASN E 214 -18.48 26.50 2.98
C ASN E 214 -19.82 25.80 2.81
N HIS E 215 -19.83 24.59 2.22
CA HIS E 215 -21.04 23.79 2.06
C HIS E 215 -22.11 24.52 1.27
N TYR E 216 -21.71 25.30 0.27
CA TYR E 216 -22.63 26.17 -0.43
C TYR E 216 -22.08 26.58 -1.78
N THR E 217 -22.98 26.70 -2.76
CA THR E 217 -22.65 27.19 -4.09
C THR E 217 -23.94 27.73 -4.71
N GLN E 218 -23.78 28.61 -5.67
CA GLN E 218 -24.91 29.27 -6.31
C GLN E 218 -24.73 29.31 -7.82
N LYS E 219 -25.86 29.29 -8.53
CA LYS E 219 -25.88 29.50 -9.96
C LYS E 219 -27.14 30.30 -10.29
N SER E 220 -26.97 31.40 -11.02
CA SER E 220 -28.08 32.30 -11.31
C SER E 220 -28.65 32.02 -12.70
N LEU E 221 -29.82 32.57 -12.95
CA LEU E 221 -30.53 32.30 -14.20
C LEU E 221 -31.45 33.47 -14.50
N SER E 222 -31.29 34.06 -15.69
CA SER E 222 -32.09 35.20 -16.11
C SER E 222 -32.23 35.18 -17.62
N LEU E 223 -33.14 36.00 -18.12
CA LEU E 223 -33.40 36.07 -19.55
C LEU E 223 -32.26 36.76 -20.28
N SER E 224 -32.05 36.38 -21.54
CA SER E 224 -31.05 37.01 -22.38
C SER E 224 -31.65 38.19 -23.14
N SER F 19 -39.47 -14.81 0.75
CA SER F 19 -40.19 -13.60 0.39
C SER F 19 -40.61 -13.63 -1.09
N VAL F 20 -41.88 -13.33 -1.34
CA VAL F 20 -42.43 -13.29 -2.69
C VAL F 20 -42.50 -11.85 -3.16
N PHE F 21 -42.44 -11.66 -4.47
CA PHE F 21 -42.46 -10.31 -5.05
C PHE F 21 -42.94 -10.40 -6.49
N LEU F 22 -43.99 -9.65 -6.80
CA LEU F 22 -44.50 -9.52 -8.17
C LEU F 22 -43.94 -8.26 -8.81
N PHE F 23 -43.86 -8.27 -10.14
CA PHE F 23 -43.24 -7.18 -10.87
C PHE F 23 -44.11 -6.79 -12.06
N PRO F 24 -44.37 -5.50 -12.28
CA PRO F 24 -45.15 -5.07 -13.46
C PRO F 24 -44.30 -5.11 -14.72
N PRO F 25 -44.94 -5.22 -15.90
CA PRO F 25 -44.20 -5.26 -17.17
C PRO F 25 -43.52 -3.92 -17.46
N LYS F 26 -42.49 -3.97 -18.30
CA LYS F 26 -41.75 -2.78 -18.67
C LYS F 26 -42.65 -1.80 -19.42
N PRO F 27 -42.54 -0.49 -19.18
CA PRO F 27 -43.52 0.43 -19.76
C PRO F 27 -43.49 0.43 -21.27
N LYS F 28 -42.28 0.32 -21.83
CA LYS F 28 -42.13 0.24 -23.27
C LYS F 28 -42.81 -1.00 -23.84
N ASP F 29 -42.83 -2.10 -23.07
CA ASP F 29 -43.49 -3.31 -23.55
C ASP F 29 -45.00 -3.12 -23.63
N THR F 30 -45.59 -2.43 -22.65
CA THR F 30 -47.03 -2.25 -22.65
C THR F 30 -47.48 -1.20 -23.67
N LEU F 31 -46.61 -0.25 -24.01
CA LEU F 31 -47.02 0.81 -24.92
C LEU F 31 -46.85 0.44 -26.39
N MET F 32 -45.91 -0.44 -26.70
CA MET F 32 -45.73 -0.95 -28.05
C MET F 32 -46.23 -2.39 -28.09
N ILE F 33 -47.16 -2.67 -29.01
CA ILE F 33 -47.72 -4.01 -29.15
C ILE F 33 -46.71 -4.96 -29.79
N SER F 34 -45.55 -4.43 -30.18
CA SER F 34 -44.55 -5.23 -30.86
C SER F 34 -43.68 -6.07 -29.92
N ARG F 35 -43.76 -5.83 -28.62
CA ARG F 35 -42.95 -6.57 -27.65
C ARG F 35 -43.86 -7.18 -26.59
N THR F 36 -43.55 -8.40 -26.19
CA THR F 36 -44.42 -9.14 -25.28
C THR F 36 -44.21 -8.71 -23.85
N PRO F 37 -45.20 -8.11 -23.18
CA PRO F 37 -45.04 -7.70 -21.79
C PRO F 37 -45.34 -8.88 -20.85
N GLU F 38 -44.47 -9.05 -19.86
CA GLU F 38 -44.62 -10.10 -18.87
C GLU F 38 -44.59 -9.50 -17.48
N VAL F 39 -45.43 -10.04 -16.60
CA VAL F 39 -45.44 -9.66 -15.19
C VAL F 39 -44.74 -10.79 -14.43
N THR F 40 -43.55 -10.52 -13.92
CA THR F 40 -42.76 -11.57 -13.29
C THR F 40 -43.18 -11.75 -11.84
N CYS F 41 -43.31 -13.02 -11.44
CA CYS F 41 -43.67 -13.36 -10.06
C CYS F 41 -42.52 -14.18 -9.47
N VAL F 42 -41.80 -13.58 -8.53
CA VAL F 42 -40.58 -14.17 -7.99
C VAL F 42 -40.82 -14.65 -6.57
N VAL F 43 -40.16 -15.73 -6.20
CA VAL F 43 -40.22 -16.30 -4.86
C VAL F 43 -38.81 -16.66 -4.42
N VAL F 44 -38.39 -16.14 -3.27
CA VAL F 44 -37.05 -16.37 -2.75
C VAL F 44 -37.08 -17.35 -1.59
N TYR F 58 -54.26 -15.74 -11.63
CA TYR F 58 -55.62 -15.25 -11.71
C TYR F 58 -55.68 -13.83 -12.24
N VAL F 59 -56.42 -13.63 -13.33
CA VAL F 59 -56.53 -12.33 -13.98
C VAL F 59 -57.84 -11.71 -13.52
N ASP F 60 -57.74 -10.73 -12.62
CA ASP F 60 -58.90 -9.99 -12.09
C ASP F 60 -59.92 -10.92 -11.44
N GLY F 61 -59.43 -11.99 -10.80
CA GLY F 61 -60.26 -12.95 -10.11
C GLY F 61 -60.50 -14.24 -10.88
N VAL F 62 -60.48 -14.19 -12.21
CA VAL F 62 -60.71 -15.39 -13.01
C VAL F 62 -59.40 -16.16 -13.15
N GLU F 63 -59.49 -17.48 -13.05
CA GLU F 63 -58.28 -18.32 -13.12
C GLU F 63 -57.72 -18.35 -14.53
N VAL F 64 -56.43 -18.07 -14.65
CA VAL F 64 -55.70 -18.09 -15.91
C VAL F 64 -54.60 -19.13 -15.79
N HIS F 65 -54.53 -20.06 -16.75
CA HIS F 65 -53.47 -21.07 -16.73
C HIS F 65 -52.66 -21.05 -18.02
N ASN F 66 -52.62 -19.89 -18.68
CA ASN F 66 -51.78 -19.64 -19.85
C ASN F 66 -50.40 -19.14 -19.47
N ALA F 67 -49.74 -19.70 -18.46
CA ALA F 67 -48.46 -19.18 -18.01
C ALA F 67 -47.42 -20.29 -17.92
N LYS F 68 -46.16 -19.90 -18.10
CA LYS F 68 -45.01 -20.79 -18.10
C LYS F 68 -44.20 -20.61 -16.82
N THR F 69 -43.99 -21.70 -16.09
CA THR F 69 -43.12 -21.68 -14.92
C THR F 69 -41.67 -21.85 -15.37
N LYS F 70 -40.80 -20.90 -15.01
CA LYS F 70 -39.41 -21.04 -15.39
C LYS F 70 -38.67 -21.90 -14.36
N PRO F 71 -37.64 -22.64 -14.79
CA PRO F 71 -36.90 -23.48 -13.85
C PRO F 71 -36.17 -22.66 -12.80
N ARG F 72 -36.21 -23.14 -11.56
CA ARG F 72 -35.53 -22.46 -10.46
C ARG F 72 -34.02 -22.59 -10.63
N GLU F 73 -33.30 -21.73 -9.91
CA GLU F 73 -31.84 -21.74 -9.97
C GLU F 73 -31.24 -21.63 -8.57
N ARG F 81 -33.50 -17.43 -6.19
CA ARG F 81 -34.84 -16.96 -6.50
C ARG F 81 -35.46 -17.78 -7.63
N VAL F 82 -36.70 -18.22 -7.42
CA VAL F 82 -37.45 -18.98 -8.42
C VAL F 82 -38.50 -18.06 -9.03
N VAL F 83 -38.52 -18.00 -10.35
CA VAL F 83 -39.36 -17.05 -11.09
C VAL F 83 -40.36 -17.83 -11.95
N SER F 84 -41.63 -17.47 -11.84
CA SER F 84 -42.68 -17.93 -12.73
C SER F 84 -43.25 -16.71 -13.46
N VAL F 85 -43.45 -16.85 -14.77
CA VAL F 85 -43.81 -15.73 -15.62
C VAL F 85 -45.14 -16.02 -16.30
N LEU F 86 -46.05 -15.04 -16.25
CA LEU F 86 -47.33 -15.12 -16.95
C LEU F 86 -47.37 -14.00 -17.98
N THR F 87 -47.55 -14.38 -19.24
CA THR F 87 -47.64 -13.39 -20.31
C THR F 87 -48.98 -12.66 -20.24
N VAL F 88 -48.93 -11.32 -20.31
CA VAL F 88 -50.12 -10.51 -20.20
C VAL F 88 -50.42 -9.87 -21.55
N LEU F 89 -51.70 -9.56 -21.76
CA LEU F 89 -52.14 -8.89 -22.97
C LEU F 89 -52.00 -7.38 -22.80
N HIS F 90 -51.70 -6.70 -23.92
CA HIS F 90 -51.51 -5.26 -23.87
C HIS F 90 -52.80 -4.55 -23.44
N GLN F 91 -53.94 -4.95 -24.01
CA GLN F 91 -55.20 -4.34 -23.65
C GLN F 91 -55.56 -4.60 -22.18
N ASP F 92 -55.17 -5.74 -21.63
CA ASP F 92 -55.49 -6.05 -20.24
C ASP F 92 -54.78 -5.12 -19.27
N TRP F 93 -53.47 -4.88 -19.49
CA TRP F 93 -52.72 -4.05 -18.56
C TRP F 93 -53.10 -2.58 -18.70
N LEU F 94 -53.24 -2.09 -19.93
CA LEU F 94 -53.59 -0.69 -20.16
C LEU F 94 -55.00 -0.36 -19.69
N ASN F 95 -55.85 -1.37 -19.45
CA ASN F 95 -57.19 -1.16 -18.95
C ASN F 95 -57.33 -1.37 -17.45
N GLY F 96 -56.24 -1.68 -16.75
CA GLY F 96 -56.27 -1.75 -15.30
C GLY F 96 -56.70 -3.07 -14.73
N LYS F 97 -56.47 -4.17 -15.45
CA LYS F 97 -56.77 -5.49 -14.92
C LYS F 97 -55.76 -5.89 -13.86
N GLU F 98 -56.24 -6.37 -12.72
CA GLU F 98 -55.38 -6.76 -11.62
C GLU F 98 -54.86 -8.17 -11.86
N TYR F 99 -53.66 -8.44 -11.34
CA TYR F 99 -53.00 -9.73 -11.54
C TYR F 99 -52.61 -10.31 -10.19
N GLU F 100 -52.98 -11.57 -9.97
CA GLU F 100 -52.86 -12.23 -8.68
C GLU F 100 -51.91 -13.41 -8.78
N CYS F 101 -50.98 -13.51 -7.82
CA CYS F 101 -50.11 -14.67 -7.70
C CYS F 101 -50.63 -15.59 -6.60
N LYS F 102 -50.83 -16.86 -6.95
CA LYS F 102 -51.35 -17.86 -6.03
C LYS F 102 -50.24 -18.85 -5.72
N VAL F 103 -49.67 -18.73 -4.53
CA VAL F 103 -48.61 -19.64 -4.10
C VAL F 103 -49.20 -20.83 -3.35
N ILE F 112 -49.19 -17.50 -0.59
CA ILE F 112 -48.99 -16.06 -0.70
C ILE F 112 -49.82 -15.49 -1.84
N GLU F 113 -50.31 -14.27 -1.66
CA GLU F 113 -51.13 -13.60 -2.67
C GLU F 113 -50.70 -12.16 -2.78
N LYS F 114 -50.28 -11.75 -3.98
CA LYS F 114 -49.89 -10.39 -4.27
C LYS F 114 -50.58 -9.94 -5.55
N THR F 115 -51.00 -8.67 -5.58
CA THR F 115 -51.77 -8.12 -6.69
C THR F 115 -51.11 -6.86 -7.22
N ILE F 116 -50.97 -6.77 -8.54
CA ILE F 116 -50.37 -5.62 -9.20
C ILE F 116 -51.28 -5.19 -10.35
N SER F 117 -51.32 -3.90 -10.62
CA SER F 117 -52.16 -3.36 -11.68
C SER F 117 -51.71 -1.94 -12.02
N LYS F 118 -52.09 -1.51 -13.22
CA LYS F 118 -51.81 -0.14 -13.66
C LYS F 118 -52.56 0.86 -12.79
N ALA F 119 -51.97 2.04 -12.61
CA ALA F 119 -52.59 3.08 -11.82
C ALA F 119 -53.91 3.52 -12.45
N LYS F 120 -54.91 3.75 -11.60
CA LYS F 120 -56.26 4.12 -12.05
C LYS F 120 -56.38 5.63 -11.94
N GLY F 121 -56.18 6.31 -13.07
CA GLY F 121 -56.28 7.76 -13.07
C GLY F 121 -56.45 8.30 -14.46
N GLN F 122 -56.85 9.57 -14.52
CA GLN F 122 -57.04 10.25 -15.79
C GLN F 122 -55.72 10.38 -16.53
N PRO F 123 -55.59 9.84 -17.74
CA PRO F 123 -54.32 9.98 -18.46
C PRO F 123 -54.02 11.44 -18.77
N ARG F 124 -52.74 11.79 -18.71
CA ARG F 124 -52.26 13.13 -19.04
C ARG F 124 -51.12 13.01 -20.04
N GLU F 125 -51.17 13.84 -21.07
CA GLU F 125 -50.15 13.77 -22.11
C GLU F 125 -48.86 14.40 -21.61
N PRO F 126 -47.72 13.72 -21.74
CA PRO F 126 -46.46 14.30 -21.27
C PRO F 126 -46.00 15.42 -22.19
N GLN F 127 -45.59 16.53 -21.59
CA GLN F 127 -44.94 17.60 -22.32
C GLN F 127 -43.45 17.32 -22.35
N VAL F 128 -42.87 17.35 -23.54
CA VAL F 128 -41.48 16.97 -23.75
C VAL F 128 -40.73 18.18 -24.25
N TYR F 129 -39.68 18.57 -23.52
CA TYR F 129 -38.84 19.68 -23.92
C TYR F 129 -37.38 19.25 -23.85
N THR F 130 -36.60 19.69 -24.83
CA THR F 130 -35.18 19.43 -24.87
C THR F 130 -34.42 20.68 -24.42
N LEU F 131 -33.29 20.46 -23.75
CA LEU F 131 -32.51 21.54 -23.16
C LEU F 131 -31.06 21.41 -23.61
N PRO F 132 -30.48 22.44 -24.20
CA PRO F 132 -29.07 22.38 -24.59
C PRO F 132 -28.17 22.51 -23.38
N PRO F 133 -26.88 22.21 -23.51
CA PRO F 133 -25.99 22.32 -22.35
C PRO F 133 -25.86 23.77 -21.90
N SER F 134 -25.61 23.94 -20.60
CA SER F 134 -25.42 25.28 -20.06
C SER F 134 -24.13 25.90 -20.57
N ARG F 135 -24.10 27.22 -20.59
CA ARG F 135 -22.92 27.94 -21.07
C ARG F 135 -21.67 27.61 -20.25
N ASP F 136 -21.84 27.27 -18.97
CA ASP F 136 -20.70 26.94 -18.12
C ASP F 136 -20.15 25.52 -18.30
N GLU F 137 -20.90 24.61 -18.94
CA GLU F 137 -20.45 23.23 -19.09
C GLU F 137 -19.57 22.96 -20.31
N LEU F 138 -19.64 23.81 -21.35
CA LEU F 138 -18.83 23.66 -22.56
C LEU F 138 -17.35 23.81 -22.28
N THR F 139 -16.97 24.33 -21.11
CA THR F 139 -15.56 24.34 -20.74
C THR F 139 -15.02 22.93 -20.60
N LYS F 140 -15.88 21.98 -20.21
CA LYS F 140 -15.49 20.60 -20.02
C LYS F 140 -15.45 19.86 -21.35
N ASN F 141 -14.94 18.62 -21.30
CA ASN F 141 -14.83 17.81 -22.51
C ASN F 141 -16.13 17.12 -22.89
N GLN F 142 -17.04 16.89 -21.95
CA GLN F 142 -18.34 16.33 -22.24
C GLN F 142 -19.44 17.27 -21.75
N VAL F 143 -20.51 17.38 -22.53
CA VAL F 143 -21.64 18.21 -22.18
C VAL F 143 -22.85 17.30 -21.92
N SER F 144 -23.87 17.87 -21.29
CA SER F 144 -25.05 17.13 -20.88
C SER F 144 -26.28 17.70 -21.57
N LEU F 145 -26.99 16.85 -22.30
CA LEU F 145 -28.23 17.22 -22.96
C LEU F 145 -29.40 16.72 -22.13
N THR F 146 -30.33 17.62 -21.83
CA THR F 146 -31.41 17.37 -20.88
C THR F 146 -32.75 17.31 -21.60
N CYS F 147 -33.57 16.33 -21.21
CA CYS F 147 -34.92 16.16 -21.74
C CYS F 147 -35.89 16.26 -20.56
N LEU F 148 -36.70 17.32 -20.55
CA LEU F 148 -37.69 17.53 -19.50
C LEU F 148 -39.02 16.97 -19.98
N VAL F 149 -39.49 15.93 -19.30
CA VAL F 149 -40.77 15.31 -19.57
C VAL F 149 -41.66 15.61 -18.38
N LYS F 150 -42.62 16.52 -18.56
CA LYS F 150 -43.41 17.05 -17.46
C LYS F 150 -44.89 16.87 -17.76
N GLY F 151 -45.66 16.67 -16.69
CA GLY F 151 -47.10 16.69 -16.81
C GLY F 151 -47.73 15.43 -17.38
N PHE F 152 -47.28 14.26 -16.96
CA PHE F 152 -47.84 13.01 -17.45
C PHE F 152 -48.38 12.18 -16.30
N TYR F 153 -49.36 11.34 -16.61
CA TYR F 153 -49.93 10.40 -15.66
C TYR F 153 -50.50 9.22 -16.43
N PRO F 154 -50.27 7.99 -15.93
CA PRO F 154 -49.55 7.66 -14.71
C PRO F 154 -48.03 7.68 -14.86
N SER F 155 -47.33 7.21 -13.82
CA SER F 155 -45.87 7.23 -13.82
C SER F 155 -45.25 6.23 -14.77
N ASP F 156 -46.03 5.28 -15.30
CA ASP F 156 -45.47 4.28 -16.21
C ASP F 156 -45.07 4.96 -17.51
N ILE F 157 -43.76 4.95 -17.80
CA ILE F 157 -43.22 5.69 -18.94
C ILE F 157 -41.87 5.09 -19.33
N ALA F 158 -41.39 5.44 -20.52
CA ALA F 158 -40.11 4.93 -21.01
C ALA F 158 -39.47 6.01 -21.87
N VAL F 159 -38.22 6.33 -21.58
CA VAL F 159 -37.49 7.39 -22.26
C VAL F 159 -36.20 6.82 -22.82
N GLU F 160 -35.85 7.23 -24.04
CA GLU F 160 -34.63 6.83 -24.70
C GLU F 160 -34.04 8.02 -25.44
N TRP F 161 -32.80 7.86 -25.88
CA TRP F 161 -32.10 8.88 -26.65
C TRP F 161 -31.57 8.27 -27.93
N GLU F 162 -31.54 9.08 -28.98
CA GLU F 162 -30.98 8.67 -30.27
C GLU F 162 -30.17 9.82 -30.85
N SER F 163 -29.13 9.48 -31.61
CA SER F 163 -28.28 10.45 -32.28
C SER F 163 -28.20 10.12 -33.76
N ASN F 164 -28.62 11.06 -34.61
CA ASN F 164 -28.59 10.90 -36.06
C ASN F 164 -29.38 9.66 -36.49
N GLY F 165 -30.41 9.31 -35.73
CA GLY F 165 -31.23 8.17 -36.04
C GLY F 165 -30.76 6.85 -35.48
N ARG F 166 -29.72 6.85 -34.67
CA ARG F 166 -29.17 5.63 -34.08
C ARG F 166 -29.23 5.71 -32.56
N PRO F 167 -29.39 4.58 -31.88
CA PRO F 167 -29.56 4.60 -30.42
C PRO F 167 -28.31 5.07 -29.71
N GLU F 168 -28.51 5.91 -28.69
CA GLU F 168 -27.43 6.32 -27.79
C GLU F 168 -27.49 5.49 -26.52
N ASN F 169 -26.31 5.16 -25.98
CA ASN F 169 -26.21 4.23 -24.87
C ASN F 169 -25.91 4.90 -23.54
N ASN F 170 -25.24 6.04 -23.54
CA ASN F 170 -24.71 6.64 -22.31
C ASN F 170 -25.64 7.75 -21.81
N TYR F 171 -26.76 7.33 -21.24
CA TYR F 171 -27.70 8.28 -20.65
C TYR F 171 -28.29 7.69 -19.37
N LYS F 172 -28.74 8.59 -18.50
CA LYS F 172 -29.38 8.22 -17.24
C LYS F 172 -30.62 9.08 -17.05
N THR F 173 -31.67 8.48 -16.50
CA THR F 173 -32.95 9.14 -16.34
C THR F 173 -33.40 9.06 -14.89
N THR F 174 -33.82 10.19 -14.33
CA THR F 174 -34.35 10.21 -12.98
C THR F 174 -35.71 9.51 -12.96
N PRO F 175 -36.10 8.95 -11.82
CA PRO F 175 -37.44 8.35 -11.71
C PRO F 175 -38.51 9.41 -11.82
N PRO F 176 -39.77 9.02 -12.09
CA PRO F 176 -40.86 9.99 -12.09
C PRO F 176 -41.07 10.59 -10.70
N VAL F 177 -41.29 11.90 -10.68
CA VAL F 177 -41.48 12.66 -9.45
C VAL F 177 -42.88 13.27 -9.47
N LEU F 178 -43.62 13.07 -8.37
CA LEU F 178 -44.95 13.63 -8.25
C LEU F 178 -44.86 15.15 -8.15
N ASP F 179 -45.50 15.85 -9.09
CA ASP F 179 -45.44 17.30 -9.15
C ASP F 179 -46.48 17.88 -8.20
N SER F 180 -46.65 19.22 -8.25
CA SER F 180 -47.60 19.88 -7.35
C SER F 180 -49.04 19.66 -7.78
N ASP F 181 -49.28 19.51 -9.09
CA ASP F 181 -50.64 19.38 -9.61
C ASP F 181 -51.08 17.93 -9.72
N GLY F 182 -50.47 17.02 -8.95
CA GLY F 182 -50.85 15.62 -8.97
C GLY F 182 -50.34 14.86 -10.17
N SER F 183 -49.63 15.50 -11.08
CA SER F 183 -49.06 14.84 -12.24
C SER F 183 -47.64 14.36 -11.92
N PHE F 184 -46.90 13.98 -12.95
CA PHE F 184 -45.52 13.51 -12.78
C PHE F 184 -44.61 14.23 -13.75
N PHE F 185 -43.33 14.29 -13.38
CA PHE F 185 -42.30 14.85 -14.25
C PHE F 185 -41.00 14.10 -13.97
N LEU F 186 -40.06 14.22 -14.91
CA LEU F 186 -38.74 13.63 -14.74
C LEU F 186 -37.76 14.34 -15.66
N TYR F 187 -36.49 13.97 -15.53
CA TYR F 187 -35.41 14.49 -16.36
C TYR F 187 -34.54 13.34 -16.83
N SER F 188 -34.07 13.42 -18.07
CA SER F 188 -33.16 12.44 -18.65
C SER F 188 -31.91 13.15 -19.13
N LYS F 189 -30.75 12.70 -18.66
CA LYS F 189 -29.47 13.34 -18.95
C LYS F 189 -28.67 12.45 -19.89
N LEU F 190 -28.35 12.99 -21.06
CA LEU F 190 -27.53 12.30 -22.05
C LEU F 190 -26.15 12.92 -22.06
N THR F 191 -25.13 12.12 -21.80
CA THR F 191 -23.74 12.57 -21.83
C THR F 191 -23.14 12.28 -23.20
N VAL F 192 -22.71 13.33 -23.89
CA VAL F 192 -22.05 13.19 -25.19
C VAL F 192 -20.78 14.05 -25.19
N ASP F 193 -19.84 13.67 -26.05
CA ASP F 193 -18.61 14.44 -26.19
C ASP F 193 -18.92 15.81 -26.77
N LYS F 194 -18.20 16.83 -26.27
CA LYS F 194 -18.39 18.19 -26.78
C LYS F 194 -18.11 18.28 -28.28
N SER F 195 -17.20 17.44 -28.78
CA SER F 195 -16.90 17.44 -30.22
C SER F 195 -18.14 17.07 -31.02
N ARG F 196 -18.82 15.99 -30.64
CA ARG F 196 -20.04 15.59 -31.35
C ARG F 196 -21.08 16.69 -31.28
N TRP F 197 -21.25 17.31 -30.11
CA TRP F 197 -22.22 18.38 -29.98
C TRP F 197 -21.83 19.59 -30.82
N GLN F 198 -20.53 19.86 -30.96
CA GLN F 198 -20.09 21.03 -31.71
C GLN F 198 -20.05 20.81 -33.22
N GLN F 199 -19.92 19.56 -33.66
CA GLN F 199 -19.93 19.29 -35.10
C GLN F 199 -21.34 19.21 -35.67
N GLY F 200 -22.37 19.46 -34.87
CA GLY F 200 -23.72 19.60 -35.40
C GLY F 200 -24.56 18.35 -35.46
N ASN F 201 -24.22 17.30 -34.70
CA ASN F 201 -25.08 16.12 -34.69
C ASN F 201 -26.44 16.46 -34.10
N VAL F 202 -27.45 15.68 -34.48
CA VAL F 202 -28.83 15.87 -34.05
C VAL F 202 -29.17 14.76 -33.07
N PHE F 203 -29.44 15.14 -31.82
CA PHE F 203 -29.81 14.20 -30.77
C PHE F 203 -31.31 14.32 -30.50
N SER F 204 -31.96 13.19 -30.24
CA SER F 204 -33.41 13.15 -30.12
C SER F 204 -33.80 12.43 -28.83
N CYS F 205 -34.82 12.96 -28.16
CA CYS F 205 -35.37 12.37 -26.94
C CYS F 205 -36.70 11.70 -27.27
N SER F 206 -36.76 10.39 -27.05
CA SER F 206 -37.92 9.58 -27.43
C SER F 206 -38.66 9.16 -26.17
N VAL F 207 -39.88 9.68 -26.00
CA VAL F 207 -40.75 9.36 -24.87
C VAL F 207 -41.90 8.50 -25.38
N MET F 208 -42.33 7.55 -24.54
CA MET F 208 -43.40 6.61 -24.93
C MET F 208 -44.37 6.50 -23.76
N HIS F 209 -45.54 7.15 -23.88
CA HIS F 209 -46.54 7.19 -22.84
C HIS F 209 -47.91 6.88 -23.44
N GLU F 210 -48.85 6.44 -22.59
CA GLU F 210 -50.17 6.07 -23.08
C GLU F 210 -50.89 7.25 -23.72
N ALA F 211 -50.82 8.41 -23.08
CA ALA F 211 -51.58 9.59 -23.49
C ALA F 211 -50.96 10.35 -24.67
N LEU F 212 -50.01 9.76 -25.37
CA LEU F 212 -49.36 10.46 -26.47
C LEU F 212 -50.10 10.25 -27.80
N HIS F 213 -49.53 10.85 -28.85
CA HIS F 213 -50.15 10.85 -30.17
C HIS F 213 -50.37 9.42 -30.68
N ASN F 214 -49.36 8.57 -30.53
CA ASN F 214 -49.38 7.19 -31.01
C ASN F 214 -48.67 6.28 -30.01
N HIS F 215 -48.76 6.62 -28.73
CA HIS F 215 -48.00 5.99 -27.65
C HIS F 215 -46.51 6.26 -27.83
N TYR F 216 -46.19 7.37 -28.50
CA TYR F 216 -44.82 7.71 -28.83
C TYR F 216 -44.78 9.18 -29.23
N THR F 217 -43.69 9.85 -28.86
CA THR F 217 -43.37 11.17 -29.38
C THR F 217 -41.88 11.37 -29.24
N GLN F 218 -41.33 12.29 -30.04
CA GLN F 218 -39.90 12.52 -30.03
C GLN F 218 -39.64 13.98 -30.37
N LYS F 219 -38.67 14.57 -29.69
CA LYS F 219 -38.18 15.90 -29.98
C LYS F 219 -36.67 15.84 -30.08
N SER F 220 -36.12 16.55 -31.07
CA SER F 220 -34.69 16.53 -31.33
C SER F 220 -34.02 17.76 -30.75
N LEU F 221 -32.69 17.77 -30.81
CA LEU F 221 -31.90 18.83 -30.23
C LEU F 221 -30.53 18.84 -30.91
N SER F 222 -30.15 20.01 -31.44
CA SER F 222 -28.89 20.17 -32.13
C SER F 222 -28.57 21.65 -32.21
N LEU F 223 -27.36 21.96 -32.69
CA LEU F 223 -26.96 23.34 -32.89
C LEU F 223 -27.80 23.97 -34.01
N CYS G 6 -37.82 4.89 -51.62
CA CYS G 6 -36.97 4.75 -50.44
C CYS G 6 -37.76 4.18 -49.25
N PRO G 7 -38.00 2.88 -49.25
CA PRO G 7 -38.65 2.24 -48.12
C PRO G 7 -37.65 2.00 -47.00
N PRO G 8 -38.14 1.81 -45.76
CA PRO G 8 -37.20 1.51 -44.67
C PRO G 8 -36.56 0.15 -44.85
N CYS G 9 -35.25 0.10 -44.60
CA CYS G 9 -34.53 -1.15 -44.69
C CYS G 9 -35.06 -2.14 -43.65
N PRO G 10 -35.01 -3.43 -43.94
CA PRO G 10 -35.50 -4.43 -42.97
C PRO G 10 -34.68 -4.41 -41.70
N ALA G 11 -35.20 -5.09 -40.69
CA ALA G 11 -34.53 -5.15 -39.40
C ALA G 11 -33.14 -5.75 -39.58
N PRO G 12 -32.10 -5.15 -38.99
CA PRO G 12 -30.76 -5.73 -39.11
C PRO G 12 -30.70 -7.11 -38.50
N GLU G 13 -30.24 -8.08 -39.29
CA GLU G 13 -30.20 -9.49 -38.90
C GLU G 13 -28.75 -9.88 -38.67
N LEU G 14 -28.37 -10.06 -37.40
CA LEU G 14 -27.02 -10.45 -37.03
C LEU G 14 -26.92 -11.96 -37.06
N LEU G 15 -26.23 -12.49 -38.08
CA LEU G 15 -26.07 -13.93 -38.26
C LEU G 15 -24.74 -14.35 -37.66
N GLY G 16 -24.78 -14.90 -36.46
CA GLY G 16 -23.57 -15.32 -35.77
C GLY G 16 -23.82 -15.42 -34.28
N GLY G 17 -22.74 -15.23 -33.51
CA GLY G 17 -22.82 -15.33 -32.08
C GLY G 17 -22.10 -14.19 -31.38
N PRO G 18 -22.47 -13.95 -30.11
CA PRO G 18 -21.81 -12.89 -29.33
C PRO G 18 -20.37 -13.26 -29.01
N SER G 19 -19.47 -12.30 -29.23
CA SER G 19 -18.06 -12.47 -28.90
C SER G 19 -17.79 -11.92 -27.50
N VAL G 20 -16.83 -12.53 -26.82
CA VAL G 20 -16.51 -12.19 -25.43
C VAL G 20 -15.06 -11.74 -25.36
N PHE G 21 -14.81 -10.70 -24.56
CA PHE G 21 -13.47 -10.15 -24.37
C PHE G 21 -13.24 -9.88 -22.90
N LEU G 22 -12.21 -10.51 -22.33
CA LEU G 22 -11.83 -10.27 -20.94
C LEU G 22 -10.78 -9.16 -20.88
N PHE G 23 -10.82 -8.38 -19.80
CA PHE G 23 -9.93 -7.25 -19.66
C PHE G 23 -9.31 -7.26 -18.27
N PRO G 24 -8.01 -7.00 -18.18
CA PRO G 24 -7.34 -7.00 -16.88
C PRO G 24 -7.58 -5.67 -16.17
N PRO G 25 -7.39 -5.63 -14.86
CA PRO G 25 -7.53 -4.36 -14.14
C PRO G 25 -6.43 -3.38 -14.53
N LYS G 26 -6.71 -2.10 -14.28
CA LYS G 26 -5.76 -1.06 -14.61
C LYS G 26 -4.48 -1.21 -13.76
N PRO G 27 -3.31 -1.01 -14.35
CA PRO G 27 -2.07 -1.18 -13.57
C PRO G 27 -1.98 -0.25 -12.37
N LYS G 28 -2.55 0.95 -12.46
CA LYS G 28 -2.55 1.84 -11.31
C LYS G 28 -3.40 1.30 -10.17
N ASP G 29 -4.59 0.77 -10.49
CA ASP G 29 -5.48 0.30 -9.43
C ASP G 29 -4.92 -0.92 -8.71
N THR G 30 -4.16 -1.76 -9.41
CA THR G 30 -3.62 -2.97 -8.81
C THR G 30 -2.44 -2.72 -7.89
N LEU G 31 -1.82 -1.54 -7.99
CA LEU G 31 -0.64 -1.25 -7.20
C LEU G 31 -0.85 -0.14 -6.18
N MET G 32 -1.88 0.68 -6.33
CA MET G 32 -2.19 1.76 -5.40
C MET G 32 -3.41 1.42 -4.58
N ILE G 33 -3.32 1.64 -3.26
CA ILE G 33 -4.44 1.37 -2.34
C ILE G 33 -5.53 2.42 -2.44
N SER G 34 -5.41 3.39 -3.34
CA SER G 34 -6.42 4.42 -3.49
C SER G 34 -7.49 4.07 -4.52
N ARG G 35 -7.34 2.93 -5.21
CA ARG G 35 -8.27 2.52 -6.25
C ARG G 35 -8.66 1.07 -6.09
N THR G 36 -9.83 0.71 -6.61
CA THR G 36 -10.34 -0.65 -6.52
C THR G 36 -10.19 -1.35 -7.86
N PRO G 37 -9.43 -2.44 -7.94
CA PRO G 37 -9.21 -3.10 -9.23
C PRO G 37 -10.32 -4.07 -9.59
N GLU G 38 -10.69 -4.07 -10.87
CA GLU G 38 -11.77 -4.90 -11.39
C GLU G 38 -11.31 -5.64 -12.64
N VAL G 39 -11.71 -6.90 -12.74
CA VAL G 39 -11.57 -7.67 -13.98
C VAL G 39 -12.89 -7.57 -14.72
N THR G 40 -12.86 -7.08 -15.95
CA THR G 40 -14.07 -6.77 -16.71
C THR G 40 -14.27 -7.78 -17.83
N CYS G 41 -15.50 -8.28 -17.94
CA CYS G 41 -15.89 -9.25 -18.96
C CYS G 41 -16.95 -8.60 -19.85
N VAL G 42 -16.58 -8.26 -21.08
CA VAL G 42 -17.44 -7.54 -21.99
C VAL G 42 -17.99 -8.51 -23.03
N VAL G 43 -19.29 -8.43 -23.28
CA VAL G 43 -19.96 -9.27 -24.27
C VAL G 43 -20.55 -8.36 -25.33
N VAL G 44 -20.08 -8.49 -26.56
CA VAL G 44 -20.54 -7.69 -27.68
C VAL G 44 -21.35 -8.59 -28.61
N ASP G 45 -21.99 -7.95 -29.61
CA ASP G 45 -22.81 -8.65 -30.61
C ASP G 45 -23.90 -9.49 -29.94
N VAL G 46 -24.53 -8.91 -28.92
CA VAL G 46 -25.64 -9.57 -28.23
C VAL G 46 -26.90 -9.43 -29.08
N SER G 47 -27.45 -10.56 -29.50
CA SER G 47 -28.61 -10.55 -30.38
C SER G 47 -29.79 -9.85 -29.70
N HIS G 48 -30.42 -8.92 -30.42
CA HIS G 48 -31.51 -8.15 -29.86
C HIS G 48 -32.71 -9.04 -29.56
N GLU G 49 -32.86 -10.14 -30.30
CA GLU G 49 -33.96 -11.08 -30.05
C GLU G 49 -33.77 -11.85 -28.75
N ASP G 50 -32.52 -12.17 -28.39
CA ASP G 50 -32.20 -12.90 -27.17
C ASP G 50 -31.15 -12.12 -26.40
N PRO G 51 -31.55 -11.21 -25.51
CA PRO G 51 -30.59 -10.36 -24.80
C PRO G 51 -30.12 -10.90 -23.46
N GLU G 52 -30.73 -11.95 -22.92
CA GLU G 52 -30.34 -12.45 -21.61
C GLU G 52 -28.97 -13.11 -21.68
N VAL G 53 -28.08 -12.73 -20.76
CA VAL G 53 -26.74 -13.26 -20.66
C VAL G 53 -26.51 -13.76 -19.24
N LYS G 54 -25.77 -14.87 -19.11
CA LYS G 54 -25.46 -15.45 -17.82
C LYS G 54 -23.95 -15.49 -17.63
N PHE G 55 -23.49 -14.97 -16.50
CA PHE G 55 -22.06 -14.88 -16.19
C PHE G 55 -21.74 -15.81 -15.02
N ASN G 56 -20.76 -16.69 -15.22
CA ASN G 56 -20.23 -17.55 -14.16
C ASN G 56 -18.76 -17.23 -14.00
N TRP G 57 -18.40 -16.74 -12.81
CA TRP G 57 -17.04 -16.30 -12.51
C TRP G 57 -16.31 -17.37 -11.70
N TYR G 58 -15.13 -17.75 -12.16
CA TYR G 58 -14.30 -18.74 -11.50
C TYR G 58 -12.94 -18.14 -11.21
N VAL G 59 -12.57 -18.08 -9.94
CA VAL G 59 -11.28 -17.56 -9.51
C VAL G 59 -10.39 -18.75 -9.18
N ASP G 60 -9.48 -19.08 -10.09
CA ASP G 60 -8.53 -20.18 -9.93
C ASP G 60 -9.26 -21.52 -9.75
N GLY G 61 -10.47 -21.64 -10.31
CA GLY G 61 -11.18 -22.90 -10.24
C GLY G 61 -12.45 -22.85 -9.45
N VAL G 62 -12.41 -22.19 -8.29
CA VAL G 62 -13.58 -22.06 -7.44
C VAL G 62 -14.48 -20.97 -7.99
N GLU G 63 -15.77 -21.26 -8.10
CA GLU G 63 -16.71 -20.27 -8.61
C GLU G 63 -16.93 -19.17 -7.58
N VAL G 64 -17.08 -17.95 -8.07
CA VAL G 64 -17.29 -16.78 -7.23
C VAL G 64 -18.66 -16.20 -7.54
N HIS G 65 -19.30 -15.63 -6.52
CA HIS G 65 -20.65 -15.10 -6.65
C HIS G 65 -20.74 -13.70 -6.06
N ASN G 66 -19.69 -12.88 -6.24
CA ASN G 66 -19.69 -11.51 -5.75
C ASN G 66 -19.46 -10.53 -6.89
N ALA G 67 -19.96 -10.84 -8.07
CA ALA G 67 -19.79 -9.98 -9.24
C ALA G 67 -21.05 -9.16 -9.47
N LYS G 68 -20.89 -8.08 -10.24
CA LYS G 68 -21.99 -7.20 -10.61
C LYS G 68 -22.04 -7.06 -12.12
N THR G 69 -23.24 -7.05 -12.67
CA THR G 69 -23.45 -6.93 -14.11
C THR G 69 -24.05 -5.57 -14.41
N LYS G 70 -23.32 -4.75 -15.17
CA LYS G 70 -23.79 -3.44 -15.56
C LYS G 70 -24.99 -3.57 -16.49
N PRO G 71 -25.84 -2.54 -16.55
CA PRO G 71 -27.04 -2.63 -17.40
C PRO G 71 -26.67 -2.69 -18.88
N ARG G 72 -27.61 -3.22 -19.66
CA ARG G 72 -27.40 -3.32 -21.10
C ARG G 72 -27.29 -1.93 -21.72
N GLU G 73 -26.46 -1.82 -22.76
CA GLU G 73 -26.28 -0.58 -23.48
C GLU G 73 -26.36 -0.87 -24.97
N GLU G 74 -27.34 -0.26 -25.64
CA GLU G 74 -27.52 -0.47 -27.07
C GLU G 74 -26.55 0.41 -27.86
N GLN G 75 -25.85 -0.21 -28.82
CA GLN G 75 -24.82 0.45 -29.59
C GLN G 75 -25.39 1.07 -30.86
N TYR G 76 -24.53 1.82 -31.58
CA TYR G 76 -24.99 2.49 -32.79
C TYR G 76 -25.39 1.50 -33.86
N ASN G 77 -24.76 0.34 -33.92
CA ASN G 77 -25.15 -0.69 -34.89
C ASN G 77 -26.32 -1.54 -34.41
N SER G 78 -27.14 -1.02 -33.50
CA SER G 78 -28.40 -1.65 -33.11
C SER G 78 -28.18 -3.01 -32.46
N THR G 79 -27.11 -3.12 -31.67
CA THR G 79 -26.84 -4.34 -30.92
C THR G 79 -26.62 -3.98 -29.46
N TYR G 80 -26.76 -4.97 -28.59
CA TYR G 80 -26.60 -4.77 -27.16
C TYR G 80 -25.16 -5.07 -26.74
N ARG G 81 -24.85 -4.71 -25.50
CA ARG G 81 -23.52 -4.91 -24.94
C ARG G 81 -23.69 -5.11 -23.44
N VAL G 82 -23.42 -6.32 -22.96
CA VAL G 82 -23.58 -6.66 -21.56
C VAL G 82 -22.20 -6.80 -20.93
N VAL G 83 -21.99 -6.10 -19.81
CA VAL G 83 -20.70 -6.05 -19.14
C VAL G 83 -20.87 -6.59 -17.73
N SER G 84 -19.96 -7.48 -17.32
CA SER G 84 -19.89 -7.98 -15.96
C SER G 84 -18.51 -7.70 -15.40
N VAL G 85 -18.46 -7.20 -14.16
CA VAL G 85 -17.22 -6.78 -13.52
C VAL G 85 -17.01 -7.61 -12.25
N LEU G 86 -15.77 -8.03 -12.04
CA LEU G 86 -15.40 -8.81 -10.86
C LEU G 86 -14.36 -8.03 -10.07
N THR G 87 -14.71 -7.65 -8.84
CA THR G 87 -13.75 -6.96 -7.99
C THR G 87 -12.72 -7.94 -7.48
N VAL G 88 -11.44 -7.57 -7.58
CA VAL G 88 -10.35 -8.46 -7.22
C VAL G 88 -9.53 -7.83 -6.09
N LEU G 89 -8.87 -8.70 -5.32
CA LEU G 89 -7.97 -8.26 -4.27
C LEU G 89 -6.59 -8.01 -4.85
N HIS G 90 -5.92 -6.98 -4.33
CA HIS G 90 -4.60 -6.62 -4.83
C HIS G 90 -3.64 -7.80 -4.69
N GLN G 91 -3.70 -8.51 -3.56
CA GLN G 91 -2.79 -9.62 -3.34
C GLN G 91 -3.05 -10.76 -4.32
N ASP G 92 -4.32 -11.04 -4.62
CA ASP G 92 -4.66 -12.17 -5.48
C ASP G 92 -4.17 -11.94 -6.91
N TRP G 93 -4.34 -10.72 -7.42
CA TRP G 93 -3.92 -10.45 -8.80
C TRP G 93 -2.40 -10.45 -8.93
N LEU G 94 -1.70 -9.85 -7.97
CA LEU G 94 -0.24 -9.76 -8.07
C LEU G 94 0.44 -11.11 -7.91
N ASN G 95 -0.22 -12.08 -7.28
CA ASN G 95 0.37 -13.41 -7.11
C ASN G 95 0.14 -14.32 -8.32
N GLY G 96 -0.63 -13.87 -9.31
CA GLY G 96 -0.83 -14.63 -10.53
C GLY G 96 -2.06 -15.51 -10.57
N LYS G 97 -3.02 -15.29 -9.68
CA LYS G 97 -4.25 -16.09 -9.71
C LYS G 97 -5.03 -15.83 -10.99
N GLU G 98 -5.57 -16.89 -11.57
CA GLU G 98 -6.31 -16.79 -12.83
C GLU G 98 -7.78 -16.49 -12.58
N TYR G 99 -8.37 -15.69 -13.47
CA TYR G 99 -9.77 -15.31 -13.41
C TYR G 99 -10.45 -15.71 -14.69
N GLU G 100 -11.53 -16.48 -14.58
CA GLU G 100 -12.24 -17.03 -15.73
C GLU G 100 -13.67 -16.47 -15.78
N CYS G 101 -14.06 -16.00 -16.95
CA CYS G 101 -15.41 -15.53 -17.22
C CYS G 101 -16.10 -16.55 -18.13
N LYS G 102 -17.28 -17.00 -17.73
CA LYS G 102 -18.06 -17.97 -18.49
C LYS G 102 -19.36 -17.30 -18.91
N VAL G 103 -19.50 -17.04 -20.21
CA VAL G 103 -20.67 -16.37 -20.75
C VAL G 103 -21.59 -17.41 -21.39
N SER G 104 -22.89 -17.29 -21.15
CA SER G 104 -23.89 -18.20 -21.68
C SER G 104 -25.02 -17.39 -22.29
N ASN G 105 -25.37 -17.70 -23.53
CA ASN G 105 -26.43 -17.01 -24.25
C ASN G 105 -27.18 -18.01 -25.10
N LYS G 106 -28.48 -17.74 -25.31
CA LYS G 106 -29.28 -18.62 -26.14
C LYS G 106 -28.81 -18.64 -27.59
N ALA G 107 -28.19 -17.55 -28.03
CA ALA G 107 -27.63 -17.46 -29.38
C ALA G 107 -26.23 -18.02 -29.48
N LEU G 108 -25.70 -18.62 -28.41
CA LEU G 108 -24.38 -19.22 -28.42
C LEU G 108 -24.50 -20.74 -28.34
N PRO G 109 -23.84 -21.48 -29.23
CA PRO G 109 -23.97 -22.95 -29.19
C PRO G 109 -23.46 -23.54 -27.89
N ALA G 110 -22.21 -23.26 -27.53
CA ALA G 110 -21.60 -23.66 -26.27
C ALA G 110 -21.16 -22.41 -25.52
N PRO G 111 -21.16 -22.46 -24.18
CA PRO G 111 -20.72 -21.28 -23.41
C PRO G 111 -19.30 -20.88 -23.79
N ILE G 112 -19.10 -19.58 -23.97
CA ILE G 112 -17.79 -19.04 -24.30
C ILE G 112 -17.05 -18.77 -23.00
N GLU G 113 -15.79 -19.21 -22.94
CA GLU G 113 -15.00 -19.12 -21.72
C GLU G 113 -13.67 -18.46 -22.02
N LYS G 114 -13.34 -17.45 -21.22
CA LYS G 114 -12.06 -16.77 -21.30
C LYS G 114 -11.42 -16.80 -19.92
N THR G 115 -10.09 -16.70 -19.90
CA THR G 115 -9.35 -16.74 -18.65
C THR G 115 -8.23 -15.71 -18.73
N ILE G 116 -8.10 -14.91 -17.68
CA ILE G 116 -7.07 -13.88 -17.62
C ILE G 116 -6.32 -13.99 -16.31
N SER G 117 -5.05 -13.59 -16.34
CA SER G 117 -4.18 -13.61 -15.17
C SER G 117 -3.06 -12.61 -15.40
N LYS G 118 -2.31 -12.34 -14.34
CA LYS G 118 -1.15 -11.48 -14.48
C LYS G 118 -0.13 -12.16 -15.40
N ALA G 119 0.66 -11.35 -16.09
CA ALA G 119 1.66 -11.89 -16.98
C ALA G 119 2.71 -12.67 -16.20
N LYS G 120 2.99 -13.88 -16.66
CA LYS G 120 3.89 -14.78 -15.94
C LYS G 120 5.34 -14.49 -16.33
N GLY G 121 6.25 -14.79 -15.40
CA GLY G 121 7.65 -14.50 -15.61
C GLY G 121 8.27 -13.78 -14.44
N GLN G 122 9.60 -13.76 -14.37
CA GLN G 122 10.29 -13.15 -13.24
C GLN G 122 10.17 -11.64 -13.29
N PRO G 123 9.57 -11.00 -12.29
CA PRO G 123 9.44 -9.53 -12.32
C PRO G 123 10.81 -8.86 -12.33
N ARG G 124 10.90 -7.75 -13.06
CA ARG G 124 12.14 -6.98 -13.19
C ARG G 124 11.91 -5.55 -12.75
N GLU G 125 12.85 -5.01 -11.99
CA GLU G 125 12.69 -3.68 -11.42
C GLU G 125 13.07 -2.61 -12.44
N PRO G 126 12.22 -1.62 -12.68
CA PRO G 126 12.57 -0.58 -13.66
C PRO G 126 13.65 0.34 -13.15
N GLN G 127 14.49 0.79 -14.09
CA GLN G 127 15.46 1.84 -13.83
C GLN G 127 14.90 3.14 -14.39
N VAL G 128 14.79 4.15 -13.54
CA VAL G 128 14.15 5.42 -13.89
C VAL G 128 15.23 6.49 -13.99
N TYR G 129 15.25 7.21 -15.12
CA TYR G 129 16.19 8.28 -15.35
C TYR G 129 15.45 9.47 -15.94
N THR G 130 15.70 10.65 -15.39
CA THR G 130 15.12 11.88 -15.93
C THR G 130 16.16 12.58 -16.81
N LEU G 131 15.67 13.20 -17.89
CA LEU G 131 16.53 13.84 -18.87
C LEU G 131 16.08 15.28 -19.07
N PRO G 132 16.96 16.26 -18.94
CA PRO G 132 16.58 17.66 -19.14
C PRO G 132 16.39 17.95 -20.62
N PRO G 133 15.72 19.05 -20.96
CA PRO G 133 15.53 19.37 -22.38
C PRO G 133 16.86 19.56 -23.10
N SER G 134 16.85 19.27 -24.39
CA SER G 134 18.04 19.45 -25.21
C SER G 134 18.37 20.93 -25.35
N ARG G 135 19.64 21.21 -25.60
CA ARG G 135 20.06 22.60 -25.79
C ARG G 135 19.34 23.25 -26.97
N ASP G 136 18.98 22.45 -27.98
CA ASP G 136 18.28 23.00 -29.14
C ASP G 136 16.81 23.28 -28.82
N GLU G 137 16.24 22.60 -27.82
CA GLU G 137 14.83 22.78 -27.51
C GLU G 137 14.59 24.00 -26.61
N LEU G 138 15.64 24.52 -25.97
CA LEU G 138 15.49 25.67 -25.10
C LEU G 138 15.13 26.95 -25.84
N THR G 139 15.23 26.93 -27.18
CA THR G 139 14.84 28.11 -27.95
C THR G 139 13.34 28.33 -27.91
N LYS G 140 12.56 27.24 -27.93
CA LYS G 140 11.11 27.37 -27.95
C LYS G 140 10.58 27.80 -26.58
N ASN G 141 9.32 28.24 -26.58
CA ASN G 141 8.65 28.67 -25.36
C ASN G 141 8.16 27.50 -24.52
N GLN G 142 8.07 26.30 -25.11
CA GLN G 142 7.68 25.09 -24.39
C GLN G 142 8.85 24.12 -24.44
N VAL G 143 9.21 23.55 -23.29
CA VAL G 143 10.29 22.59 -23.22
C VAL G 143 9.72 21.23 -22.84
N SER G 144 10.45 20.17 -23.21
CA SER G 144 10.03 18.81 -23.00
C SER G 144 10.85 18.19 -21.88
N LEU G 145 10.18 17.72 -20.84
CA LEU G 145 10.81 16.99 -19.74
C LEU G 145 10.61 15.51 -19.97
N THR G 146 11.71 14.78 -20.11
CA THR G 146 11.68 13.38 -20.52
C THR G 146 12.05 12.49 -19.34
N CYS G 147 11.31 11.40 -19.18
CA CYS G 147 11.54 10.41 -18.14
C CYS G 147 11.73 9.04 -18.78
N LEU G 148 12.90 8.45 -18.60
CA LEU G 148 13.21 7.15 -19.16
C LEU G 148 12.97 6.07 -18.12
N VAL G 149 12.17 5.06 -18.47
CA VAL G 149 11.87 3.93 -17.61
C VAL G 149 12.21 2.67 -18.39
N LYS G 150 13.31 2.02 -18.02
CA LYS G 150 13.81 0.87 -18.77
C LYS G 150 14.03 -0.31 -17.84
N GLY G 151 14.09 -1.50 -18.43
CA GLY G 151 14.44 -2.72 -17.73
C GLY G 151 13.39 -3.26 -16.77
N PHE G 152 12.11 -3.20 -17.15
CA PHE G 152 11.06 -3.69 -16.27
C PHE G 152 10.23 -4.78 -16.95
N TYR G 153 9.77 -5.72 -16.14
CA TYR G 153 8.87 -6.77 -16.56
C TYR G 153 7.96 -7.11 -15.39
N PRO G 154 6.65 -7.23 -15.62
CA PRO G 154 5.95 -7.16 -16.92
C PRO G 154 5.70 -5.73 -17.40
N SER G 155 4.94 -5.61 -18.50
CA SER G 155 4.69 -4.30 -19.10
C SER G 155 3.76 -3.43 -18.26
N ASP G 156 2.93 -4.05 -17.42
CA ASP G 156 2.01 -3.29 -16.58
C ASP G 156 2.77 -2.29 -15.71
N ILE G 157 2.49 -1.01 -15.92
CA ILE G 157 3.23 0.07 -15.29
C ILE G 157 2.38 1.32 -15.33
N ALA G 158 2.72 2.29 -14.49
CA ALA G 158 2.01 3.56 -14.46
C ALA G 158 3.01 4.68 -14.25
N VAL G 159 2.93 5.72 -15.06
CA VAL G 159 3.84 6.86 -14.99
C VAL G 159 3.01 8.13 -14.88
N GLU G 160 3.40 9.01 -13.96
CA GLU G 160 2.74 10.29 -13.77
C GLU G 160 3.81 11.35 -13.49
N TRP G 161 3.37 12.61 -13.50
CA TRP G 161 4.25 13.73 -13.18
C TRP G 161 3.60 14.58 -12.10
N GLU G 162 4.45 15.30 -11.37
CA GLU G 162 3.99 16.15 -10.29
C GLU G 162 5.07 17.16 -9.95
N SER G 163 4.65 18.33 -9.49
CA SER G 163 5.57 19.38 -9.08
C SER G 163 4.98 20.09 -7.87
N ASN G 164 5.80 20.23 -6.82
CA ASN G 164 5.38 20.85 -5.57
C ASN G 164 4.14 20.18 -5.00
N GLY G 165 4.11 18.86 -5.02
CA GLY G 165 3.00 18.11 -4.46
C GLY G 165 1.72 18.12 -5.26
N ARG G 166 1.66 18.85 -6.38
CA ARG G 166 0.48 18.91 -7.20
C ARG G 166 0.73 18.23 -8.55
N PRO G 167 -0.29 17.57 -9.11
CA PRO G 167 -0.10 16.84 -10.36
C PRO G 167 0.14 17.78 -11.54
N GLU G 168 0.84 17.24 -12.55
CA GLU G 168 1.06 17.93 -13.81
C GLU G 168 0.26 17.21 -14.89
N ASN G 169 -0.55 17.98 -15.61
CA ASN G 169 -1.48 17.38 -16.57
C ASN G 169 -0.89 17.21 -17.96
N ASN G 170 -0.09 18.17 -18.42
CA ASN G 170 0.37 18.18 -19.81
C ASN G 170 1.57 17.23 -19.98
N TYR G 171 1.27 15.93 -19.96
CA TYR G 171 2.28 14.93 -20.24
C TYR G 171 1.65 13.80 -21.04
N LYS G 172 2.49 13.10 -21.80
CA LYS G 172 2.05 11.94 -22.55
C LYS G 172 3.13 10.88 -22.45
N THR G 173 2.72 9.62 -22.34
CA THR G 173 3.64 8.51 -22.14
C THR G 173 3.48 7.51 -23.27
N THR G 174 4.60 7.08 -23.84
CA THR G 174 4.55 6.05 -24.86
C THR G 174 4.18 4.71 -24.22
N PRO G 175 3.54 3.83 -24.99
CA PRO G 175 3.24 2.48 -24.46
C PRO G 175 4.52 1.70 -24.23
N PRO G 176 4.46 0.64 -23.43
CA PRO G 176 5.65 -0.19 -23.21
C PRO G 176 6.15 -0.78 -24.52
N VAL G 177 7.46 -0.77 -24.69
CA VAL G 177 8.11 -1.27 -25.90
C VAL G 177 9.04 -2.41 -25.50
N LEU G 178 8.85 -3.56 -26.12
CA LEU G 178 9.71 -4.70 -25.85
C LEU G 178 11.13 -4.40 -26.29
N ASP G 179 12.06 -4.44 -25.35
CA ASP G 179 13.46 -4.12 -25.63
C ASP G 179 14.18 -5.40 -26.08
N SER G 180 15.50 -5.31 -26.26
CA SER G 180 16.24 -6.44 -26.83
C SER G 180 16.39 -7.59 -25.83
N ASP G 181 16.39 -7.30 -24.53
CA ASP G 181 16.65 -8.32 -23.51
C ASP G 181 15.36 -8.90 -22.94
N GLY G 182 14.25 -8.79 -23.67
CA GLY G 182 12.98 -9.31 -23.20
C GLY G 182 12.26 -8.46 -22.18
N SER G 183 12.88 -7.38 -21.70
CA SER G 183 12.22 -6.46 -20.78
C SER G 183 11.42 -5.43 -21.58
N PHE G 184 10.87 -4.44 -20.89
CA PHE G 184 10.13 -3.37 -21.54
C PHE G 184 10.73 -2.02 -21.17
N PHE G 185 10.44 -1.03 -22.01
CA PHE G 185 10.82 0.34 -21.70
C PHE G 185 9.79 1.27 -22.31
N LEU G 186 9.81 2.52 -21.85
CA LEU G 186 8.95 3.56 -22.38
C LEU G 186 9.55 4.91 -21.99
N TYR G 187 8.91 5.96 -22.49
CA TYR G 187 9.28 7.34 -22.16
C TYR G 187 8.02 8.12 -21.84
N SER G 188 8.17 9.13 -20.99
CA SER G 188 7.09 10.05 -20.67
C SER G 188 7.58 11.46 -20.88
N LYS G 189 6.88 12.21 -21.72
CA LYS G 189 7.25 13.57 -22.10
C LYS G 189 6.32 14.54 -21.39
N LEU G 190 6.90 15.41 -20.55
CA LEU G 190 6.16 16.45 -19.87
C LEU G 190 6.50 17.79 -20.51
N THR G 191 5.47 18.47 -21.01
CA THR G 191 5.63 19.77 -21.66
C THR G 191 5.24 20.87 -20.67
N VAL G 192 6.19 21.76 -20.37
CA VAL G 192 5.97 22.87 -19.45
C VAL G 192 6.47 24.15 -20.07
N ASP G 193 5.97 25.28 -19.57
CA ASP G 193 6.38 26.57 -20.07
C ASP G 193 7.83 26.83 -19.73
N LYS G 194 8.58 27.39 -20.70
CA LYS G 194 10.00 27.65 -20.49
C LYS G 194 10.24 28.56 -19.30
N SER G 195 9.26 29.41 -18.98
CA SER G 195 9.38 30.26 -17.79
C SER G 195 9.40 29.41 -16.52
N ARG G 196 8.57 28.38 -16.45
CA ARG G 196 8.54 27.53 -15.26
C ARG G 196 9.83 26.73 -15.12
N TRP G 197 10.40 26.27 -16.24
CA TRP G 197 11.66 25.52 -16.17
C TRP G 197 12.81 26.42 -15.78
N GLN G 198 12.81 27.67 -16.27
CA GLN G 198 13.88 28.60 -15.95
C GLN G 198 13.75 29.13 -14.52
N GLN G 199 12.54 29.21 -13.98
CA GLN G 199 12.34 29.69 -12.62
C GLN G 199 12.86 28.73 -11.57
N GLY G 200 13.34 27.54 -11.95
CA GLY G 200 13.90 26.61 -10.99
C GLY G 200 12.90 25.68 -10.32
N ASN G 201 11.72 25.50 -10.90
CA ASN G 201 10.74 24.59 -10.32
C ASN G 201 11.22 23.15 -10.40
N VAL G 202 10.79 22.35 -9.42
CA VAL G 202 11.19 20.95 -9.30
C VAL G 202 10.05 20.07 -9.78
N PHE G 203 10.32 19.27 -10.81
CA PHE G 203 9.36 18.32 -11.35
C PHE G 203 9.82 16.91 -11.02
N SER G 204 8.86 15.99 -10.89
CA SER G 204 9.14 14.63 -10.47
C SER G 204 8.39 13.65 -11.37
N CYS G 205 9.10 12.60 -11.79
CA CYS G 205 8.52 11.50 -12.53
C CYS G 205 8.28 10.35 -11.57
N SER G 206 7.02 10.00 -11.36
CA SER G 206 6.62 8.96 -10.43
C SER G 206 6.22 7.71 -11.20
N VAL G 207 6.86 6.59 -10.89
CA VAL G 207 6.67 5.33 -11.60
C VAL G 207 6.11 4.30 -10.63
N MET G 208 5.10 3.57 -11.07
CA MET G 208 4.40 2.58 -10.24
C MET G 208 4.53 1.21 -10.90
N HIS G 209 5.28 0.32 -10.27
CA HIS G 209 5.53 -1.00 -10.82
C HIS G 209 5.59 -2.02 -9.70
N GLU G 210 5.15 -3.25 -10.01
CA GLU G 210 5.07 -4.29 -8.99
C GLU G 210 6.44 -4.69 -8.48
N ALA G 211 7.50 -4.52 -9.28
CA ALA G 211 8.83 -4.93 -8.88
C ALA G 211 9.61 -3.84 -8.17
N LEU G 212 9.00 -2.70 -7.91
CA LEU G 212 9.64 -1.62 -7.18
C LEU G 212 9.41 -1.77 -5.68
N HIS G 213 10.30 -1.17 -4.90
CA HIS G 213 10.13 -1.14 -3.45
C HIS G 213 8.91 -0.27 -3.11
N ASN G 214 7.96 -0.85 -2.39
CA ASN G 214 6.69 -0.21 -2.06
C ASN G 214 5.89 0.16 -3.31
N HIS G 215 6.20 -0.46 -4.44
CA HIS G 215 5.47 -0.27 -5.69
C HIS G 215 5.42 1.19 -6.12
N TYR G 216 6.49 1.94 -5.85
CA TYR G 216 6.47 3.37 -6.15
C TYR G 216 7.91 3.89 -6.12
N THR G 217 8.22 4.82 -7.02
CA THR G 217 9.52 5.46 -7.03
C THR G 217 9.39 6.80 -7.74
N GLN G 218 10.30 7.71 -7.40
CA GLN G 218 10.30 9.04 -7.99
C GLN G 218 11.72 9.46 -8.31
N LYS G 219 11.85 10.29 -9.35
CA LYS G 219 13.13 10.89 -9.72
C LYS G 219 12.86 12.32 -10.18
N SER G 220 13.61 13.27 -9.63
CA SER G 220 13.36 14.69 -9.86
C SER G 220 14.26 15.24 -10.96
N LEU G 221 13.90 16.44 -11.43
CA LEU G 221 14.56 17.10 -12.54
C LEU G 221 14.37 18.59 -12.42
N SER G 222 15.46 19.34 -12.47
CA SER G 222 15.41 20.80 -12.33
C SER G 222 16.52 21.43 -13.16
N LEU G 223 16.42 22.74 -13.34
CA LEU G 223 17.38 23.49 -14.14
C LEU G 223 18.71 23.58 -13.40
N SER G 224 19.70 22.81 -13.85
CA SER G 224 21.01 22.81 -13.22
C SER G 224 22.11 23.04 -14.25
N CYS H 6 -32.52 6.20 -53.45
CA CYS H 6 -32.77 5.08 -52.55
C CYS H 6 -31.63 4.07 -52.63
N PRO H 7 -30.73 4.11 -51.66
CA PRO H 7 -29.57 3.22 -51.67
C PRO H 7 -29.97 1.79 -51.37
N PRO H 8 -29.17 0.81 -51.77
CA PRO H 8 -29.48 -0.58 -51.44
C PRO H 8 -29.24 -0.86 -49.97
N CYS H 9 -30.20 -1.57 -49.36
CA CYS H 9 -30.05 -1.97 -47.97
C CYS H 9 -28.92 -2.98 -47.84
N PRO H 10 -28.27 -3.03 -46.68
CA PRO H 10 -27.13 -3.94 -46.52
C PRO H 10 -27.56 -5.39 -46.35
N ALA H 11 -26.69 -6.29 -46.78
CA ALA H 11 -26.90 -7.69 -46.50
C ALA H 11 -26.72 -7.96 -45.01
N PRO H 12 -27.35 -9.01 -44.48
CA PRO H 12 -27.19 -9.31 -43.05
C PRO H 12 -25.74 -9.49 -42.66
N GLU H 13 -25.40 -9.01 -41.47
CA GLU H 13 -24.03 -9.08 -40.97
C GLU H 13 -23.70 -10.53 -40.62
N LEU H 14 -22.79 -11.12 -41.38
CA LEU H 14 -22.43 -12.53 -41.21
C LEU H 14 -21.21 -12.63 -40.30
N LEU H 15 -21.44 -12.89 -39.02
CA LEU H 15 -20.36 -13.08 -38.07
C LEU H 15 -19.62 -14.38 -38.36
N GLY H 16 -18.32 -14.38 -38.09
CA GLY H 16 -17.48 -15.51 -38.42
C GLY H 16 -17.15 -15.55 -39.89
N GLY H 17 -16.02 -16.16 -40.24
CA GLY H 17 -15.62 -16.25 -41.62
C GLY H 17 -14.33 -15.49 -41.88
N PRO H 18 -14.00 -15.32 -43.16
CA PRO H 18 -12.70 -14.72 -43.52
C PRO H 18 -12.66 -13.25 -43.15
N SER H 19 -11.61 -12.87 -42.39
CA SER H 19 -11.34 -11.49 -42.04
C SER H 19 -10.23 -10.95 -42.93
N VAL H 20 -10.40 -9.71 -43.38
CA VAL H 20 -9.45 -9.06 -44.28
C VAL H 20 -8.66 -8.02 -43.51
N PHE H 21 -7.34 -7.97 -43.75
CA PHE H 21 -6.45 -7.01 -43.12
C PHE H 21 -5.54 -6.41 -44.18
N LEU H 22 -5.70 -5.13 -44.46
CA LEU H 22 -4.85 -4.44 -45.41
C LEU H 22 -3.70 -3.76 -44.68
N PHE H 23 -2.55 -3.65 -45.36
CA PHE H 23 -1.37 -3.12 -44.69
C PHE H 23 -0.66 -2.09 -45.57
N PRO H 24 -0.17 -1.01 -44.97
CA PRO H 24 0.53 0.02 -45.73
C PRO H 24 1.97 -0.38 -45.99
N PRO H 25 2.66 0.30 -46.91
CA PRO H 25 4.08 0.02 -47.14
C PRO H 25 4.96 0.58 -46.03
N LYS H 26 6.18 0.08 -45.97
CA LYS H 26 7.14 0.54 -44.98
C LYS H 26 7.46 2.01 -45.23
N PRO H 27 7.48 2.85 -44.20
CA PRO H 27 7.73 4.29 -44.43
C PRO H 27 9.07 4.58 -45.09
N LYS H 28 10.09 3.78 -44.81
CA LYS H 28 11.39 4.00 -45.43
C LYS H 28 11.34 3.73 -46.93
N ASP H 29 10.56 2.72 -47.34
CA ASP H 29 10.47 2.40 -48.76
C ASP H 29 9.79 3.50 -49.57
N THR H 30 8.93 4.29 -48.94
CA THR H 30 8.24 5.38 -49.63
C THR H 30 9.03 6.69 -49.62
N LEU H 31 10.07 6.79 -48.79
CA LEU H 31 10.88 7.98 -48.69
C LEU H 31 12.30 7.78 -49.21
N MET H 32 12.62 6.59 -49.71
CA MET H 32 13.96 6.31 -50.21
C MET H 32 13.91 5.55 -51.54
N ARG H 35 13.86 -1.71 -51.30
CA ARG H 35 13.43 -0.33 -51.12
C ARG H 35 12.17 -0.03 -51.95
N THR H 36 11.60 -1.09 -52.54
CA THR H 36 10.41 -0.94 -53.37
C THR H 36 9.17 -1.08 -52.51
N PRO H 37 8.33 -0.04 -52.39
CA PRO H 37 7.16 -0.13 -51.53
C PRO H 37 6.05 -0.95 -52.15
N GLU H 38 5.28 -1.60 -51.29
CA GLU H 38 4.18 -2.47 -51.73
C GLU H 38 3.11 -2.52 -50.65
N VAL H 39 1.85 -2.52 -51.09
CA VAL H 39 0.70 -2.68 -50.20
C VAL H 39 0.31 -4.15 -50.18
N THR H 40 0.20 -4.71 -48.97
CA THR H 40 -0.08 -6.13 -48.77
C THR H 40 -1.49 -6.33 -48.24
N CYS H 41 -2.25 -7.23 -48.86
CA CYS H 41 -3.58 -7.62 -48.42
C CYS H 41 -3.55 -9.04 -47.86
N VAL H 42 -3.95 -9.18 -46.60
CA VAL H 42 -3.98 -10.48 -45.93
C VAL H 42 -5.41 -10.79 -45.52
N VAL H 43 -5.88 -11.99 -45.86
CA VAL H 43 -7.20 -12.48 -45.46
C VAL H 43 -6.99 -13.79 -44.72
N VAL H 44 -7.34 -13.80 -43.44
CA VAL H 44 -7.22 -14.99 -42.61
C VAL H 44 -8.61 -15.54 -42.32
N ASP H 45 -8.64 -16.71 -41.67
CA ASP H 45 -9.88 -17.39 -41.30
C ASP H 45 -10.74 -17.75 -42.51
N VAL H 46 -10.11 -17.99 -43.66
CA VAL H 46 -10.84 -18.53 -44.80
C VAL H 46 -11.00 -20.03 -44.60
N SER H 47 -12.23 -20.53 -44.76
CA SER H 47 -12.56 -21.88 -44.36
C SER H 47 -11.80 -22.92 -45.17
N HIS H 48 -11.47 -24.03 -44.52
CA HIS H 48 -10.88 -25.16 -45.21
C HIS H 48 -11.84 -25.79 -46.21
N GLU H 49 -13.15 -25.63 -45.99
CA GLU H 49 -14.13 -26.14 -46.93
C GLU H 49 -13.97 -25.48 -48.30
N ASP H 50 -14.18 -24.17 -48.38
CA ASP H 50 -14.05 -23.41 -49.61
C ASP H 50 -12.84 -22.48 -49.51
N PRO H 51 -11.66 -22.91 -49.98
CA PRO H 51 -10.47 -22.06 -49.93
C PRO H 51 -10.26 -21.17 -51.13
N GLU H 52 -11.12 -21.24 -52.14
CA GLU H 52 -10.93 -20.42 -53.34
C GLU H 52 -11.29 -18.96 -53.04
N VAL H 53 -10.33 -18.06 -53.26
CA VAL H 53 -10.53 -16.64 -53.04
C VAL H 53 -10.04 -15.85 -54.25
N LYS H 54 -10.61 -14.65 -54.42
CA LYS H 54 -10.29 -13.76 -55.52
C LYS H 54 -10.00 -12.38 -54.98
N PHE H 55 -8.87 -11.80 -55.38
CA PHE H 55 -8.43 -10.49 -54.93
C PHE H 55 -8.56 -9.50 -56.08
N ASN H 56 -9.24 -8.38 -55.81
CA ASN H 56 -9.44 -7.31 -56.79
C ASN H 56 -8.84 -6.02 -56.23
N TRP H 57 -7.80 -5.52 -56.89
CA TRP H 57 -7.09 -4.32 -56.45
C TRP H 57 -7.61 -3.12 -57.22
N TYR H 58 -8.05 -2.09 -56.50
CA TYR H 58 -8.45 -0.83 -57.09
C TYR H 58 -7.55 0.27 -56.55
N VAL H 59 -7.19 1.22 -57.41
CA VAL H 59 -6.36 2.37 -57.04
C VAL H 59 -7.10 3.62 -57.47
N ASP H 60 -7.61 4.38 -56.51
CA ASP H 60 -8.36 5.62 -56.75
C ASP H 60 -9.58 5.38 -57.64
N GLY H 61 -10.12 4.16 -57.58
CA GLY H 61 -11.29 3.80 -58.38
C GLY H 61 -10.96 2.89 -59.54
N VAL H 62 -9.82 3.11 -60.19
CA VAL H 62 -9.42 2.30 -61.34
C VAL H 62 -8.78 1.00 -60.84
N GLU H 63 -9.16 -0.11 -61.47
CA GLU H 63 -8.63 -1.41 -61.10
C GLU H 63 -7.28 -1.66 -61.77
N VAL H 64 -6.31 -2.10 -60.99
CA VAL H 64 -4.97 -2.41 -61.48
C VAL H 64 -4.83 -3.93 -61.54
N HIS H 65 -4.01 -4.41 -62.48
CA HIS H 65 -3.88 -5.84 -62.73
C HIS H 65 -2.42 -6.26 -62.76
N ASN H 66 -1.61 -5.69 -61.88
CA ASN H 66 -0.19 -6.04 -61.76
C ASN H 66 0.15 -6.54 -60.36
N ALA H 67 -0.72 -7.35 -59.78
CA ALA H 67 -0.53 -7.88 -58.42
C ALA H 67 -0.22 -9.36 -58.46
N LYS H 68 0.50 -9.82 -57.43
CA LYS H 68 0.89 -11.22 -57.30
C LYS H 68 0.33 -11.79 -56.01
N THR H 69 -0.26 -12.99 -56.12
CA THR H 69 -0.85 -13.69 -54.98
C THR H 69 0.12 -14.75 -54.47
N LYS H 70 0.40 -14.73 -53.17
CA LYS H 70 1.29 -15.70 -52.57
C LYS H 70 0.60 -17.07 -52.48
N PRO H 71 1.39 -18.15 -52.43
CA PRO H 71 0.78 -19.49 -52.31
C PRO H 71 0.02 -19.62 -51.01
N ARG H 72 -1.07 -20.40 -51.07
CA ARG H 72 -1.91 -20.59 -49.90
C ARG H 72 -1.16 -21.37 -48.83
N GLU H 73 -1.42 -21.02 -47.57
CA GLU H 73 -0.71 -21.60 -46.43
C GLU H 73 -1.72 -21.94 -45.34
N GLU H 74 -1.87 -23.23 -45.04
CA GLU H 74 -2.78 -23.66 -44.00
C GLU H 74 -2.15 -23.42 -42.63
N GLN H 75 -2.88 -22.72 -41.76
CA GLN H 75 -2.36 -22.40 -40.44
C GLN H 75 -2.52 -23.60 -39.50
N TYR H 76 -2.05 -23.42 -38.28
CA TYR H 76 -2.15 -24.46 -37.26
C TYR H 76 -3.52 -24.48 -36.61
N ASN H 77 -4.31 -23.42 -36.75
CA ASN H 77 -5.71 -23.41 -36.35
C ASN H 77 -6.64 -23.84 -37.48
N SER H 78 -6.15 -24.71 -38.37
CA SER H 78 -6.93 -25.40 -39.40
C SER H 78 -7.46 -24.44 -40.47
N THR H 79 -7.11 -23.16 -40.39
CA THR H 79 -7.58 -22.22 -41.40
C THR H 79 -6.49 -21.94 -42.43
N TYR H 80 -6.91 -21.48 -43.60
CA TYR H 80 -6.00 -21.09 -44.66
C TYR H 80 -5.66 -19.61 -44.57
N ARG H 81 -4.51 -19.25 -45.14
CA ARG H 81 -4.07 -17.86 -45.20
C ARG H 81 -3.57 -17.57 -46.60
N VAL H 82 -4.18 -16.60 -47.28
CA VAL H 82 -3.75 -16.15 -48.59
C VAL H 82 -3.25 -14.72 -48.47
N VAL H 83 -2.17 -14.41 -49.15
CA VAL H 83 -1.55 -13.08 -49.10
C VAL H 83 -1.42 -12.55 -50.51
N SER H 84 -1.87 -11.31 -50.72
CA SER H 84 -1.72 -10.62 -52.00
C SER H 84 -0.93 -9.34 -51.80
N VAL H 85 -0.05 -9.05 -52.76
CA VAL H 85 0.86 -7.91 -52.68
C VAL H 85 0.70 -7.06 -53.93
N LEU H 86 0.60 -5.74 -53.75
CA LEU H 86 0.49 -4.79 -54.85
C LEU H 86 1.60 -3.77 -54.76
N THR H 87 2.47 -3.73 -55.77
CA THR H 87 3.54 -2.75 -55.82
C THR H 87 2.99 -1.36 -56.13
N VAL H 88 3.43 -0.37 -55.37
CA VAL H 88 2.96 1.00 -55.52
C VAL H 88 4.11 1.89 -55.95
N LEU H 89 3.76 2.99 -56.63
CA LEU H 89 4.75 3.99 -57.00
C LEU H 89 4.98 4.96 -55.85
N HIS H 90 6.21 5.47 -55.75
CA HIS H 90 6.57 6.35 -54.64
C HIS H 90 5.69 7.58 -54.61
N GLN H 91 5.44 8.19 -55.78
CA GLN H 91 4.61 9.39 -55.82
C GLN H 91 3.15 9.09 -55.51
N ASP H 92 2.68 7.87 -55.86
CA ASP H 92 1.27 7.54 -55.67
C ASP H 92 0.91 7.50 -54.19
N TRP H 93 1.69 6.79 -53.38
CA TRP H 93 1.36 6.67 -51.97
C TRP H 93 1.49 8.00 -51.24
N LEU H 94 2.58 8.73 -51.48
CA LEU H 94 2.81 9.99 -50.79
C LEU H 94 1.78 11.05 -51.15
N ASN H 95 1.13 10.93 -52.31
CA ASN H 95 0.08 11.86 -52.72
C ASN H 95 -1.30 11.45 -52.23
N GLY H 96 -1.41 10.40 -51.42
CA GLY H 96 -2.67 10.04 -50.83
C GLY H 96 -3.65 9.31 -51.75
N LYS H 97 -3.13 8.57 -52.74
CA LYS H 97 -4.00 7.79 -53.59
C LYS H 97 -4.58 6.61 -52.81
N GLU H 98 -5.87 6.35 -53.01
CA GLU H 98 -6.57 5.35 -52.22
C GLU H 98 -6.41 3.96 -52.83
N TYR H 99 -6.25 2.97 -51.96
CA TYR H 99 -6.07 1.57 -52.37
C TYR H 99 -7.14 0.72 -51.71
N GLU H 100 -7.84 -0.07 -52.51
CA GLU H 100 -8.91 -0.93 -52.03
C GLU H 100 -8.57 -2.38 -52.32
N CYS H 101 -8.74 -3.24 -51.31
CA CYS H 101 -8.64 -4.68 -51.48
C CYS H 101 -10.04 -5.29 -51.36
N LYS H 102 -10.47 -5.97 -52.40
CA LYS H 102 -11.79 -6.62 -52.43
C LYS H 102 -11.56 -8.13 -52.50
N VAL H 103 -11.78 -8.81 -51.37
CA VAL H 103 -11.66 -10.26 -51.29
C VAL H 103 -13.06 -10.86 -51.44
N SER H 104 -13.16 -11.92 -52.22
CA SER H 104 -14.43 -12.59 -52.46
C SER H 104 -14.25 -14.10 -52.32
N ASN H 105 -15.12 -14.71 -51.51
CA ASN H 105 -15.09 -16.16 -51.31
C ASN H 105 -16.52 -16.67 -51.24
N LYS H 106 -16.69 -17.96 -51.54
CA LYS H 106 -18.01 -18.58 -51.50
C LYS H 106 -18.57 -18.62 -50.09
N ALA H 107 -17.74 -18.41 -49.07
CA ALA H 107 -18.23 -18.39 -47.69
C ALA H 107 -18.88 -17.06 -47.36
N LEU H 108 -18.19 -15.96 -47.63
CA LEU H 108 -18.76 -14.65 -47.37
C LEU H 108 -19.83 -14.32 -48.41
N PRO H 109 -20.99 -13.80 -47.99
CA PRO H 109 -22.06 -13.52 -48.95
C PRO H 109 -21.71 -12.38 -49.91
N ALA H 110 -21.38 -11.21 -49.36
CA ALA H 110 -20.93 -10.06 -50.12
C ALA H 110 -19.43 -9.85 -49.92
N PRO H 111 -18.69 -9.51 -50.97
CA PRO H 111 -17.24 -9.36 -50.84
C PRO H 111 -16.87 -8.25 -49.87
N ILE H 112 -15.84 -8.51 -49.07
CA ILE H 112 -15.35 -7.54 -48.10
C ILE H 112 -14.51 -6.49 -48.84
N GLU H 113 -14.66 -5.23 -48.44
CA GLU H 113 -13.95 -4.12 -49.07
C GLU H 113 -13.26 -3.30 -48.00
N LYS H 114 -11.93 -3.22 -48.08
CA LYS H 114 -11.13 -2.41 -47.18
C LYS H 114 -10.28 -1.43 -47.98
N THR H 115 -10.19 -0.19 -47.50
CA THR H 115 -9.47 0.86 -48.21
C THR H 115 -8.45 1.52 -47.31
N ILE H 116 -7.25 1.75 -47.84
CA ILE H 116 -6.17 2.39 -47.11
C ILE H 116 -5.52 3.45 -47.99
N SER H 117 -4.97 4.48 -47.34
CA SER H 117 -4.28 5.56 -48.03
C SER H 117 -3.45 6.30 -47.00
N LYS H 118 -2.66 7.26 -47.48
CA LYS H 118 -1.88 8.09 -46.58
C LYS H 118 -2.78 8.96 -45.73
N ALA H 119 -2.32 9.28 -44.51
CA ALA H 119 -3.12 10.06 -43.58
C ALA H 119 -3.31 11.49 -44.10
N LYS H 120 -4.56 11.95 -44.08
CA LYS H 120 -4.87 13.28 -44.57
C LYS H 120 -4.59 14.32 -43.48
N GLY H 121 -4.10 15.47 -43.91
CA GLY H 121 -3.78 16.56 -43.00
C GLY H 121 -2.51 17.28 -43.42
N GLN H 122 -2.36 18.50 -42.95
CA GLN H 122 -1.20 19.33 -43.28
C GLN H 122 0.05 18.71 -42.69
N PRO H 123 1.09 18.42 -43.49
CA PRO H 123 2.30 17.83 -42.93
C PRO H 123 2.99 18.81 -42.00
N ARG H 124 3.58 18.27 -40.94
CA ARG H 124 4.32 19.06 -39.95
C ARG H 124 5.74 18.52 -39.85
N GLU H 125 6.69 19.44 -39.75
CA GLU H 125 8.09 19.05 -39.75
C GLU H 125 8.49 18.50 -38.38
N PRO H 126 9.11 17.33 -38.32
CA PRO H 126 9.51 16.79 -37.01
C PRO H 126 10.67 17.57 -36.43
N GLN H 127 10.58 17.85 -35.14
CA GLN H 127 11.69 18.44 -34.40
C GLN H 127 12.46 17.31 -33.72
N VAL H 128 13.75 17.22 -34.01
CA VAL H 128 14.59 16.12 -33.55
C VAL H 128 15.55 16.65 -32.52
N TYR H 129 15.52 16.07 -31.33
CA TYR H 129 16.43 16.44 -30.26
C TYR H 129 17.12 15.20 -29.72
N THR H 130 18.42 15.32 -29.46
CA THR H 130 19.19 14.25 -28.85
C THR H 130 19.35 14.55 -27.36
N LEU H 131 19.35 13.49 -26.56
CA LEU H 131 19.43 13.61 -25.12
C LEU H 131 20.60 12.77 -24.61
N PRO H 132 21.53 13.35 -23.85
CA PRO H 132 22.63 12.55 -23.30
C PRO H 132 22.14 11.67 -22.18
N PRO H 133 22.91 10.64 -21.80
CA PRO H 133 22.48 9.78 -20.69
C PRO H 133 22.40 10.55 -19.39
N SER H 134 21.54 10.08 -18.50
CA SER H 134 21.42 10.69 -17.18
C SER H 134 22.70 10.41 -16.39
N ARG H 135 23.00 11.31 -15.46
CA ARG H 135 24.18 11.12 -14.61
C ARG H 135 24.07 9.85 -13.80
N ASP H 136 22.87 9.51 -13.34
CA ASP H 136 22.68 8.32 -12.53
C ASP H 136 22.88 7.03 -13.31
N GLU H 137 22.80 7.07 -14.65
CA GLU H 137 22.98 5.87 -15.44
C GLU H 137 24.44 5.53 -15.70
N LEU H 138 25.37 6.46 -15.44
CA LEU H 138 26.79 6.16 -15.64
C LEU H 138 27.28 5.07 -14.70
N THR H 139 26.56 4.80 -13.61
CA THR H 139 26.92 3.73 -12.70
C THR H 139 26.72 2.35 -13.30
N LYS H 140 25.92 2.24 -14.36
CA LYS H 140 25.68 0.97 -15.01
C LYS H 140 26.74 0.71 -16.09
N ASN H 141 26.74 -0.52 -16.61
CA ASN H 141 27.76 -0.90 -17.59
C ASN H 141 27.44 -0.41 -19.00
N GLN H 142 26.19 -0.05 -19.27
CA GLN H 142 25.78 0.48 -20.56
C GLN H 142 24.92 1.72 -20.35
N VAL H 143 25.02 2.66 -21.29
CA VAL H 143 24.31 3.93 -21.20
C VAL H 143 23.25 3.98 -22.29
N SER H 144 22.27 4.86 -22.09
CA SER H 144 21.12 4.99 -22.99
C SER H 144 21.14 6.35 -23.66
N LEU H 145 21.33 6.36 -24.98
CA LEU H 145 21.28 7.58 -25.77
C LEU H 145 19.87 7.74 -26.32
N THR H 146 19.25 8.89 -26.04
CA THR H 146 17.85 9.13 -26.33
C THR H 146 17.70 10.16 -27.45
N CYS H 147 16.74 9.92 -28.34
CA CYS H 147 16.43 10.82 -29.44
C CYS H 147 14.94 11.14 -29.41
N LEU H 148 14.62 12.41 -29.17
CA LEU H 148 13.23 12.87 -29.13
C LEU H 148 12.85 13.46 -30.49
N VAL H 149 11.79 12.92 -31.09
CA VAL H 149 11.29 13.37 -32.39
C VAL H 149 9.83 13.76 -32.19
N LYS H 150 9.57 15.06 -32.08
CA LYS H 150 8.25 15.54 -31.69
C LYS H 150 7.64 16.43 -32.78
N GLY H 151 6.32 16.46 -32.83
CA GLY H 151 5.58 17.40 -33.65
C GLY H 151 5.61 17.14 -35.14
N PHE H 152 5.38 15.89 -35.56
CA PHE H 152 5.36 15.55 -36.97
C PHE H 152 4.01 14.95 -37.35
N TYR H 153 3.70 15.06 -38.64
CA TYR H 153 2.46 14.54 -39.20
C TYR H 153 2.68 14.28 -40.69
N PRO H 154 2.24 13.10 -41.19
CA PRO H 154 1.58 12.03 -40.45
C PRO H 154 2.53 11.17 -39.62
N SER H 155 2.01 10.06 -39.10
CA SER H 155 2.81 9.19 -38.24
C SER H 155 3.88 8.42 -39.01
N ASP H 156 3.75 8.33 -40.34
CA ASP H 156 4.71 7.59 -41.14
C ASP H 156 6.11 8.15 -40.99
N ILE H 157 7.02 7.38 -40.41
CA ILE H 157 8.35 7.86 -40.08
C ILE H 157 9.29 6.68 -39.92
N ALA H 158 10.60 6.93 -39.91
CA ALA H 158 11.59 5.89 -39.70
C ALA H 158 12.77 6.49 -38.96
N VAL H 159 13.22 5.83 -37.90
CA VAL H 159 14.35 6.28 -37.09
C VAL H 159 15.39 5.18 -37.03
N GLU H 160 16.65 5.56 -37.21
CA GLU H 160 17.77 4.64 -37.15
C GLU H 160 18.94 5.33 -36.47
N TRP H 161 19.87 4.53 -35.97
CA TRP H 161 21.04 5.01 -35.26
C TRP H 161 22.30 4.64 -36.02
N GLU H 162 23.26 5.56 -36.03
CA GLU H 162 24.49 5.38 -36.77
C GLU H 162 25.63 6.04 -36.00
N SER H 163 26.81 5.44 -36.10
CA SER H 163 28.00 5.96 -35.42
C SER H 163 29.23 5.75 -36.29
N ASN H 164 30.00 6.81 -36.50
CA ASN H 164 31.24 6.75 -37.27
C ASN H 164 31.03 6.14 -38.65
N GLY H 165 29.85 6.38 -39.23
CA GLY H 165 29.54 5.89 -40.55
C GLY H 165 28.94 4.49 -40.61
N ARG H 166 28.90 3.78 -39.48
CA ARG H 166 28.32 2.45 -39.48
C ARG H 166 27.01 2.43 -38.68
N PRO H 167 26.03 1.63 -39.11
CA PRO H 167 24.77 1.55 -38.37
C PRO H 167 24.97 0.91 -37.01
N GLU H 168 23.98 1.10 -36.15
CA GLU H 168 23.96 0.49 -34.83
C GLU H 168 22.86 -0.57 -34.78
N ASN H 169 23.12 -1.64 -34.03
CA ASN H 169 22.19 -2.77 -33.96
C ASN H 169 21.25 -2.68 -32.78
N ASN H 170 21.77 -2.39 -31.58
CA ASN H 170 20.99 -2.49 -30.35
C ASN H 170 20.33 -1.13 -30.09
N TYR H 171 19.20 -0.92 -30.76
CA TYR H 171 18.37 0.25 -30.52
C TYR H 171 16.91 -0.11 -30.74
N LYS H 172 16.02 0.62 -30.07
CA LYS H 172 14.59 0.45 -30.20
C LYS H 172 13.93 1.81 -30.27
N THR H 173 12.73 1.84 -30.85
CA THR H 173 12.00 3.08 -31.04
C THR H 173 10.53 2.86 -30.70
N THR H 174 9.97 3.73 -29.86
CA THR H 174 8.57 3.62 -29.51
C THR H 174 7.69 3.92 -30.72
N PRO H 175 6.47 3.39 -30.75
CA PRO H 175 5.52 3.79 -31.79
C PRO H 175 5.18 5.26 -31.68
N PRO H 176 4.68 5.87 -32.76
CA PRO H 176 4.26 7.27 -32.68
C PRO H 176 3.11 7.45 -31.71
N VAL H 177 3.18 8.53 -30.93
CA VAL H 177 2.17 8.85 -29.92
C VAL H 177 1.53 10.18 -30.29
N LEU H 178 0.20 10.20 -30.33
CA LEU H 178 -0.53 11.43 -30.64
C LEU H 178 -0.35 12.43 -29.50
N ASP H 179 0.23 13.59 -29.83
CA ASP H 179 0.49 14.62 -28.83
C ASP H 179 -0.76 15.48 -28.62
N SER H 180 -0.63 16.50 -27.77
CA SER H 180 -1.78 17.34 -27.43
C SER H 180 -2.21 18.21 -28.60
N ASP H 181 -1.26 18.68 -29.41
CA ASP H 181 -1.55 19.58 -30.51
C ASP H 181 -1.88 18.86 -31.80
N GLY H 182 -2.31 17.59 -31.72
CA GLY H 182 -2.67 16.85 -32.91
C GLY H 182 -1.50 16.29 -33.70
N SER H 183 -0.27 16.57 -33.29
CA SER H 183 0.90 16.03 -33.97
C SER H 183 1.31 14.72 -33.31
N PHE H 184 2.48 14.20 -33.70
CA PHE H 184 2.99 12.95 -33.17
C PHE H 184 4.39 13.15 -32.61
N PHE H 185 4.75 12.28 -31.68
CA PHE H 185 6.11 12.24 -31.16
C PHE H 185 6.49 10.79 -30.90
N LEU H 186 7.79 10.56 -30.71
CA LEU H 186 8.31 9.25 -30.37
C LEU H 186 9.67 9.42 -29.74
N TYR H 187 10.22 8.31 -29.26
CA TYR H 187 11.57 8.27 -28.71
C TYR H 187 12.31 7.08 -29.29
N SER H 188 13.61 7.25 -29.48
CA SER H 188 14.48 6.19 -29.94
C SER H 188 15.61 6.02 -28.93
N LYS H 189 15.80 4.81 -28.44
CA LYS H 189 16.76 4.52 -27.38
C LYS H 189 17.86 3.64 -27.94
N LEU H 190 19.09 4.16 -27.94
CA LEU H 190 20.28 3.42 -28.36
C LEU H 190 21.09 3.06 -27.13
N THR H 191 21.39 1.78 -26.97
CA THR H 191 22.18 1.28 -25.85
C THR H 191 23.56 0.88 -26.36
N VAL H 192 24.58 1.60 -25.91
CA VAL H 192 25.96 1.31 -26.26
C VAL H 192 26.76 1.12 -24.97
N ASP H 193 27.92 0.48 -25.11
CA ASP H 193 28.81 0.31 -23.96
C ASP H 193 29.28 1.66 -23.46
N LYS H 194 29.43 1.77 -22.14
CA LYS H 194 29.84 3.03 -21.55
C LYS H 194 31.22 3.47 -22.05
N SER H 195 32.10 2.50 -22.35
CA SER H 195 33.42 2.85 -22.85
C SER H 195 33.34 3.60 -24.17
N ARG H 196 32.43 3.19 -25.06
CA ARG H 196 32.29 3.86 -26.35
C ARG H 196 31.84 5.31 -26.17
N TRP H 197 30.90 5.55 -25.25
CA TRP H 197 30.40 6.90 -25.03
C TRP H 197 31.45 7.78 -24.36
N GLN H 198 32.16 7.23 -23.37
CA GLN H 198 33.13 8.03 -22.63
C GLN H 198 34.37 8.36 -23.47
N GLN H 199 34.68 7.55 -24.48
CA GLN H 199 35.84 7.78 -25.34
C GLN H 199 35.60 8.84 -26.42
N GLY H 200 34.53 9.63 -26.29
CA GLY H 200 34.27 10.73 -27.20
C GLY H 200 33.77 10.36 -28.58
N ASN H 201 33.32 9.12 -28.76
CA ASN H 201 32.75 8.74 -30.05
C ASN H 201 31.47 9.53 -30.32
N VAL H 202 31.21 9.79 -31.59
CA VAL H 202 30.06 10.58 -32.01
C VAL H 202 28.99 9.65 -32.55
N PHE H 203 27.80 9.73 -31.97
CA PHE H 203 26.64 8.96 -32.40
C PHE H 203 25.59 9.89 -32.99
N SER H 204 24.86 9.40 -33.99
CA SER H 204 23.89 10.22 -34.71
C SER H 204 22.53 9.55 -34.75
N CYS H 205 21.48 10.36 -34.62
CA CYS H 205 20.10 9.92 -34.73
C CYS H 205 19.59 10.27 -36.13
N SER H 206 19.19 9.26 -36.88
CA SER H 206 18.73 9.44 -38.25
C SER H 206 17.21 9.33 -38.31
N VAL H 207 16.57 10.40 -38.80
CA VAL H 207 15.11 10.48 -38.89
C VAL H 207 14.73 10.68 -40.35
N MET H 208 13.70 9.97 -40.80
CA MET H 208 13.22 10.03 -42.17
C MET H 208 11.71 10.26 -42.15
N HIS H 209 11.29 11.45 -42.60
CA HIS H 209 9.89 11.82 -42.63
C HIS H 209 9.60 12.55 -43.93
N GLU H 210 8.35 12.46 -44.39
CA GLU H 210 8.01 13.08 -45.67
C GLU H 210 8.16 14.60 -45.62
N ALA H 211 7.87 15.21 -44.47
CA ALA H 211 7.92 16.66 -44.36
C ALA H 211 9.33 17.21 -44.14
N LEU H 212 10.34 16.35 -44.14
CA LEU H 212 11.72 16.78 -43.96
C LEU H 212 12.36 17.11 -45.30
N HIS H 213 13.33 18.01 -45.27
CA HIS H 213 14.10 18.31 -46.47
C HIS H 213 14.86 17.07 -46.93
N ASN H 214 14.67 16.71 -48.19
CA ASN H 214 15.23 15.49 -48.76
C ASN H 214 14.76 14.25 -48.00
N HIS H 215 13.62 14.35 -47.31
CA HIS H 215 13.03 13.26 -46.54
C HIS H 215 13.99 12.72 -45.48
N TYR H 216 14.90 13.56 -45.00
CA TYR H 216 15.95 13.04 -44.12
C TYR H 216 16.52 14.18 -43.29
N THR H 217 16.84 13.87 -42.04
CA THR H 217 17.55 14.81 -41.18
C THR H 217 18.31 14.00 -40.15
N GLN H 218 19.28 14.65 -39.51
CA GLN H 218 20.11 13.99 -38.52
C GLN H 218 20.42 14.94 -37.37
N LYS H 219 20.56 14.36 -36.19
CA LYS H 219 21.04 15.07 -35.02
C LYS H 219 22.06 14.18 -34.33
N SER H 220 23.21 14.76 -34.00
CA SER H 220 24.30 14.01 -33.41
C SER H 220 24.32 14.19 -31.90
N LEU H 221 25.02 13.27 -31.24
CA LEU H 221 25.05 13.23 -29.78
C LEU H 221 26.38 12.63 -29.36
N SER H 222 27.13 13.35 -28.54
CA SER H 222 28.44 12.89 -28.10
C SER H 222 28.80 13.57 -26.80
N LEU H 223 29.78 13.00 -26.11
CA LEU H 223 30.23 13.52 -24.83
C LEU H 223 31.08 14.78 -25.00
#